data_3S9N
#
_entry.id   3S9N
#
_cell.length_a   234.417
_cell.length_b   234.417
_cell.length_c   169.650
_cell.angle_alpha   90.00
_cell.angle_beta   90.00
_cell.angle_gamma   90.00
#
_symmetry.space_group_name_H-M   'P 43 2 2'
#
loop_
_entity.id
_entity.type
_entity.pdbx_description
1 polymer 'Transferrin receptor protein 1'
2 polymer Serotransferrin
3 non-polymer 2-acetamido-2-deoxy-beta-D-glucopyranose
4 non-polymer 'CALCIUM ION'
5 non-polymer 'FE (III) ION'
6 non-polymer 'CARBONATE ION'
#
loop_
_entity_poly.entity_id
_entity_poly.type
_entity_poly.pdbx_seq_one_letter_code
_entity_poly.pdbx_strand_id
1 'polypeptide(L)'
;VPDKHHHHHHIEGRRLYWDDLKRKLSEKLDSTDFTSTIKLLNENSYVPREAGSQKDENLALYVENQFREFKLSKVWRDQH
FVKIQVKDSAQNSVIIVDKNGRLVYLVENPGGYVAYSKAATVTGKLVHANFGTKKDFEDLYTPVNGSIVIVRAGKITFAE
KVANAESLNAIGVLIYMDQTKFPIVNAELSFFGHAHLGTGDPYTPGFPSFNHTQFPPSRSSGLPNIPVQTISRAAAEKLF
GNMEGDCPSDWKTDSTCRMVTSESKNVKLTVSNVLKEIKILNIFGVIKGFVEPDHYVVVGAQRDAWGPGAAKSGVGTALL
LKLAQMFSDMVLKDGFQPSRSIIFASWSAGDFGSVGATEWLEGYLSSLHLKAFTYINLDKAVLGTSNFKVSASPLLYTLI
EKTMQNVKHPVTGQFLYQDSNWASKVEKLTLDNAAFPFLAYSGIPAVSFCFCEDTDYPYLGTTMDTYKELIERIPELNKV
ARAAAEVAGQFVIKLTHDVELNLDYERYNSQLLSFVRDLNQYRADIKEMGLSLQWLYSARGDFFRATSRLTTDFGNAEKT
DRFVMKKLNDRVMRVEYHFLSPYVSPKESPFRHVFWGSGSHTLPALLENLKLRKQNNGAFNETLFRNQLALATWTIQGAA
NALSGDVWDIDNEF
;
A,B
2 'polypeptide(L)'
;VPDKHHHHHHIEGRVPDKTVRWCAVSEHEATKCQSFRDHMKSVIPSDGPSVACVKKASYLDCIRAIAANEADAVTLDAGL
VYDAYLAPNNLKPVVAEFYGSKEDPQTFYYAVAVVKKDSGFQMNQLRGKKSCHTGLGRSAGWNIPIGLLYCDLPEPRKPL
EKAVANFFSGSCAPCADGTDFPQLCQLCPGCGCSTLNQYFGYSGAFKCLKDGAGDVAFVKHSTIFENLANKADRDQYELL
CLDNTRKPVDEYKDCHLAQVPSHTVVARSMGGKEDLIWELLNQAQEHFGKDKSKEFQLFSSPHGKDLLFKDSAHGFLKVP
PRMDAKMYLGYEYVTAIRNLREGTCPEAPTDECKPVKWCALSHHERLKCDEWSVNSVGKIECVSAETTEDCIAKIMNGEA
DAMSLDGGFVYIAGKCGLVPVLAENYDKSDNCEDTPEAGFFAVAVVKKSASDLTWDNLKGKKSCHTAVGRTAGWNIPMGL
LYNKINHCRFDEFFSEGCAPGSKKDSSLCKLCMGSGLNLCEPNNKEGYYGFTGAFRCLVEKGDVAFVKHQTVPQNTGGKN
PDPWAKNLNEKDYELLCLDGTRKPVEEYANCHLARAPNHAVVTRKDKEACVHKILRQQQHLFGSDVTDCSGNFCLFRSET
KDLLFRDDTVCLAKLHDRNTYEKYLGEEYVKAVGNLRKCSTSSLLEACTFRRP
;
C,D
#
# COMPACT_ATOMS: atom_id res chain seq x y z
N ARG A 15 -19.49 -6.91 40.01
CA ARG A 15 -19.21 -8.37 39.98
C ARG A 15 -17.95 -8.70 39.18
N LEU A 16 -17.87 -8.16 37.96
CA LEU A 16 -16.71 -8.37 37.08
C LEU A 16 -15.90 -7.11 36.90
N TYR A 17 -14.58 -7.25 36.99
CA TYR A 17 -13.69 -6.12 36.90
C TYR A 17 -13.00 -6.01 35.55
N TRP A 18 -11.98 -5.15 35.48
CA TRP A 18 -11.24 -4.92 34.24
C TRP A 18 -10.47 -6.15 33.82
N ASP A 19 -9.77 -6.77 34.77
CA ASP A 19 -8.99 -7.95 34.48
C ASP A 19 -9.84 -9.15 34.06
N ASP A 20 -11.05 -9.24 34.61
CA ASP A 20 -11.97 -10.32 34.26
C ASP A 20 -12.49 -10.12 32.85
N LEU A 21 -12.67 -8.86 32.46
CA LEU A 21 -13.14 -8.48 31.14
C LEU A 21 -12.04 -8.63 30.07
N LYS A 22 -10.81 -8.28 30.42
CA LYS A 22 -9.68 -8.42 29.52
C LYS A 22 -9.54 -9.90 29.09
N ARG A 23 -9.58 -10.80 30.06
CA ARG A 23 -9.45 -12.24 29.76
C ARG A 23 -10.66 -12.83 29.04
N LYS A 24 -11.86 -12.34 29.34
CA LYS A 24 -13.07 -12.86 28.70
C LYS A 24 -13.14 -12.42 27.24
N LEU A 25 -12.54 -11.27 26.93
CA LEU A 25 -12.54 -10.77 25.55
C LEU A 25 -11.52 -11.55 24.72
N SER A 26 -10.34 -11.76 25.33
CA SER A 26 -9.24 -12.47 24.69
C SER A 26 -9.60 -13.93 24.37
N GLU A 27 -10.34 -14.59 25.27
CA GLU A 27 -10.76 -15.97 25.05
C GLU A 27 -11.74 -16.06 23.88
N LYS A 28 -12.62 -15.08 23.75
CA LYS A 28 -13.55 -15.05 22.61
C LYS A 28 -12.81 -14.76 21.31
N LEU A 29 -11.75 -13.95 21.37
CA LEU A 29 -10.97 -13.62 20.17
C LEU A 29 -10.20 -14.83 19.63
N ASP A 30 -9.73 -15.70 20.54
CA ASP A 30 -9.00 -16.89 20.13
C ASP A 30 -9.87 -17.90 19.39
N SER A 31 -11.14 -17.97 19.74
CA SER A 31 -12.06 -18.90 19.10
C SER A 31 -12.76 -18.30 17.86
N THR A 32 -12.48 -17.03 17.58
CA THR A 32 -13.10 -16.36 16.44
C THR A 32 -12.24 -16.46 15.17
N ASP A 33 -12.86 -16.91 14.08
CA ASP A 33 -12.19 -17.00 12.79
C ASP A 33 -12.55 -15.78 11.94
N PHE A 34 -11.55 -14.93 11.69
CA PHE A 34 -11.77 -13.72 10.92
C PHE A 34 -11.66 -13.94 9.41
N THR A 35 -10.58 -14.58 8.97
CA THR A 35 -10.37 -14.84 7.54
C THR A 35 -11.57 -15.48 6.87
N SER A 36 -12.27 -16.38 7.57
CA SER A 36 -13.45 -17.00 6.99
C SER A 36 -14.56 -16.00 6.77
N THR A 37 -14.59 -14.95 7.57
CA THR A 37 -15.64 -13.93 7.45
C THR A 37 -15.35 -12.95 6.31
N ILE A 38 -14.08 -12.57 6.17
CA ILE A 38 -13.68 -11.65 5.11
C ILE A 38 -13.84 -12.31 3.75
N LYS A 39 -13.60 -13.62 3.70
CA LYS A 39 -13.76 -14.38 2.46
C LYS A 39 -15.24 -14.54 2.09
N LEU A 40 -16.10 -14.59 3.09
CA LEU A 40 -17.53 -14.71 2.87
C LEU A 40 -18.12 -13.41 2.33
N LEU A 41 -17.49 -12.28 2.68
CA LEU A 41 -17.93 -10.97 2.21
C LEU A 41 -17.45 -10.69 0.81
N ASN A 42 -16.44 -11.44 0.38
CA ASN A 42 -15.87 -11.30 -0.95
C ASN A 42 -16.44 -12.35 -1.92
N GLU A 43 -17.65 -12.80 -1.63
CA GLU A 43 -18.34 -13.77 -2.47
C GLU A 43 -18.90 -13.10 -3.73
N ASN A 44 -19.30 -13.91 -4.70
CA ASN A 44 -19.84 -13.37 -5.95
C ASN A 44 -21.10 -12.56 -5.71
N SER A 45 -21.79 -12.83 -4.60
CA SER A 45 -23.02 -12.13 -4.25
C SER A 45 -22.83 -10.68 -3.80
N TYR A 46 -21.69 -10.41 -3.20
CA TYR A 46 -21.36 -9.08 -2.69
C TYR A 46 -20.07 -8.56 -3.35
N VAL A 47 -19.75 -9.15 -4.50
CA VAL A 47 -18.47 -8.98 -5.16
C VAL A 47 -18.26 -7.55 -5.61
N PRO A 48 -19.33 -6.98 -6.16
CA PRO A 48 -19.35 -5.56 -6.50
C PRO A 48 -20.34 -4.92 -5.56
N ARG A 49 -19.88 -3.90 -4.84
CA ARG A 49 -20.76 -3.25 -3.88
C ARG A 49 -20.70 -1.76 -4.11
N GLU A 50 -21.26 -1.34 -5.23
CA GLU A 50 -21.40 0.10 -5.51
C GLU A 50 -22.50 0.62 -4.60
N ALA A 51 -22.43 1.89 -4.23
CA ALA A 51 -23.46 2.48 -3.36
C ALA A 51 -24.84 2.45 -4.02
N GLY A 52 -25.88 2.05 -3.28
CA GLY A 52 -27.23 2.01 -3.80
C GLY A 52 -27.47 0.98 -4.89
N SER A 53 -26.68 -0.07 -4.87
CA SER A 53 -26.78 -1.16 -5.83
C SER A 53 -27.44 -2.35 -5.17
N GLN A 54 -27.76 -3.36 -5.99
CA GLN A 54 -28.39 -4.57 -5.49
C GLN A 54 -27.45 -5.32 -4.55
N LYS A 55 -26.17 -5.38 -4.91
CA LYS A 55 -25.19 -6.11 -4.10
C LYS A 55 -24.92 -5.42 -2.77
N ASP A 56 -25.09 -4.10 -2.73
CA ASP A 56 -24.92 -3.31 -1.50
C ASP A 56 -26.08 -3.58 -0.54
N GLU A 57 -27.28 -3.68 -1.10
CA GLU A 57 -28.46 -3.94 -0.31
C GLU A 57 -28.46 -5.39 0.15
N ASN A 58 -27.92 -6.29 -0.68
CA ASN A 58 -27.83 -7.70 -0.31
C ASN A 58 -26.99 -7.90 0.97
N LEU A 59 -25.81 -7.28 1.02
CA LEU A 59 -24.96 -7.35 2.20
C LEU A 59 -25.57 -6.62 3.39
N ALA A 60 -26.37 -5.60 3.08
CA ALA A 60 -27.06 -4.84 4.11
C ALA A 60 -28.08 -5.73 4.80
N LEU A 61 -28.89 -6.41 3.98
CA LEU A 61 -29.86 -7.34 4.55
C LEU A 61 -29.15 -8.43 5.33
N TYR A 62 -27.97 -8.84 4.89
CA TYR A 62 -27.17 -9.86 5.60
C TYR A 62 -26.73 -9.36 6.97
N VAL A 63 -26.23 -8.14 7.01
CA VAL A 63 -25.79 -7.52 8.27
C VAL A 63 -26.95 -7.26 9.20
N GLU A 64 -28.12 -6.94 8.65
CA GLU A 64 -29.28 -6.71 9.47
C GLU A 64 -29.69 -8.02 10.16
N ASN A 65 -29.81 -9.08 9.38
CA ASN A 65 -30.19 -10.39 9.92
C ASN A 65 -29.16 -10.90 10.92
N GLN A 66 -27.88 -10.71 10.61
CA GLN A 66 -26.81 -11.17 11.50
C GLN A 66 -26.88 -10.45 12.85
N PHE A 67 -27.14 -9.15 12.82
CA PHE A 67 -27.28 -8.37 14.05
C PHE A 67 -28.46 -8.87 14.86
N ARG A 68 -29.55 -9.19 14.15
CA ARG A 68 -30.75 -9.71 14.76
C ARG A 68 -30.50 -11.12 15.34
N GLU A 69 -29.55 -11.86 14.78
CA GLU A 69 -29.25 -13.20 15.27
C GLU A 69 -28.41 -13.16 16.55
N PHE A 70 -27.63 -12.10 16.71
CA PHE A 70 -26.81 -11.98 17.90
C PHE A 70 -27.66 -11.55 19.10
N LYS A 71 -28.98 -11.45 18.89
CA LYS A 71 -29.87 -11.04 19.96
C LYS A 71 -29.44 -9.73 20.67
N LEU A 72 -29.34 -8.64 19.91
CA LEU A 72 -29.01 -7.32 20.46
C LEU A 72 -30.26 -6.65 21.01
N SER A 73 -30.11 -5.51 21.69
CA SER A 73 -31.26 -4.84 22.27
C SER A 73 -32.25 -4.34 21.22
N LYS A 74 -31.76 -3.65 20.21
CA LYS A 74 -32.65 -3.20 19.14
C LYS A 74 -31.85 -3.09 17.87
N VAL A 75 -32.51 -3.40 16.75
CA VAL A 75 -31.88 -3.33 15.45
C VAL A 75 -32.79 -2.57 14.52
N TRP A 76 -32.31 -1.41 14.07
CA TRP A 76 -33.09 -0.56 13.20
C TRP A 76 -32.28 -0.06 12.00
N ARG A 77 -32.99 0.30 10.93
CA ARG A 77 -32.39 0.80 9.70
C ARG A 77 -32.88 2.21 9.38
N ASP A 78 -32.04 3.00 8.72
CA ASP A 78 -32.37 4.37 8.26
C ASP A 78 -32.07 4.46 6.77
N GLN A 79 -33.04 4.87 5.96
CA GLN A 79 -32.83 4.97 4.51
C GLN A 79 -32.69 6.39 4.04
N HIS A 80 -31.66 6.65 3.25
CA HIS A 80 -31.44 7.97 2.71
C HIS A 80 -31.52 7.93 1.21
N PHE A 81 -31.85 9.08 0.61
CA PHE A 81 -31.90 9.18 -0.85
C PHE A 81 -30.93 10.26 -1.27
N VAL A 82 -29.70 9.84 -1.55
CA VAL A 82 -28.65 10.75 -1.93
C VAL A 82 -28.30 10.68 -3.40
N LYS A 83 -27.65 11.73 -3.88
CA LYS A 83 -27.24 11.85 -5.27
C LYS A 83 -25.74 11.62 -5.42
N ILE A 84 -25.40 10.75 -6.37
CA ILE A 84 -24.01 10.44 -6.67
C ILE A 84 -23.80 10.61 -8.15
N GLN A 85 -22.56 10.43 -8.58
CA GLN A 85 -22.25 10.55 -10.01
C GLN A 85 -21.68 9.25 -10.53
N VAL A 86 -22.08 8.87 -11.73
CA VAL A 86 -21.60 7.64 -12.34
C VAL A 86 -21.21 7.82 -13.79
N LYS A 87 -20.34 6.95 -14.27
CA LYS A 87 -19.94 6.95 -15.68
C LYS A 87 -21.02 6.23 -16.48
N ASP A 88 -21.76 6.98 -17.29
CA ASP A 88 -22.89 6.43 -18.03
C ASP A 88 -22.56 5.97 -19.45
N SER A 89 -23.51 6.20 -20.37
CA SER A 89 -23.39 5.81 -21.77
C SER A 89 -22.18 6.43 -22.46
N ALA A 90 -22.00 7.73 -22.30
CA ALA A 90 -20.87 8.42 -22.92
C ALA A 90 -19.59 8.22 -22.10
N GLN A 91 -18.63 7.51 -22.66
CA GLN A 91 -17.37 7.27 -21.96
C GLN A 91 -16.48 8.49 -22.04
N ASN A 92 -15.71 8.72 -20.98
CA ASN A 92 -14.77 9.83 -20.93
C ASN A 92 -13.50 9.44 -21.66
N SER A 93 -12.87 10.41 -22.32
CA SER A 93 -11.67 10.11 -23.07
C SER A 93 -10.62 11.21 -22.95
N VAL A 94 -9.36 10.81 -23.05
CA VAL A 94 -8.25 11.75 -23.02
C VAL A 94 -7.42 11.55 -24.30
N ILE A 95 -7.31 12.65 -25.06
CA ILE A 95 -6.61 12.69 -26.33
C ILE A 95 -5.67 13.89 -26.43
N ILE A 96 -4.65 13.78 -27.28
CA ILE A 96 -3.72 14.89 -27.53
C ILE A 96 -4.12 15.53 -28.86
N VAL A 97 -4.19 16.85 -28.89
CA VAL A 97 -4.58 17.55 -30.10
C VAL A 97 -3.56 18.61 -30.53
N ASP A 98 -3.65 19.02 -31.80
CA ASP A 98 -2.74 20.02 -32.34
C ASP A 98 -3.24 21.42 -31.99
N LYS A 99 -2.47 22.44 -32.37
CA LYS A 99 -2.82 23.82 -32.07
C LYS A 99 -4.03 24.33 -32.85
N ASN A 100 -4.32 23.69 -33.99
CA ASN A 100 -5.46 24.11 -34.81
C ASN A 100 -6.73 23.29 -34.56
N GLY A 101 -6.58 22.01 -34.25
CA GLY A 101 -7.72 21.16 -34.02
C GLY A 101 -7.32 19.76 -33.61
N ARG A 102 -8.20 18.79 -33.87
CA ARG A 102 -7.97 17.41 -33.47
C ARG A 102 -6.88 16.72 -34.29
N LEU A 103 -5.89 16.15 -33.60
CA LEU A 103 -4.82 15.46 -34.30
C LEU A 103 -4.19 14.31 -33.50
N VAL A 104 -2.86 14.25 -33.47
CA VAL A 104 -2.16 13.38 -32.54
C VAL A 104 -2.69 11.96 -32.55
N TYR A 105 -2.94 11.45 -31.35
CA TYR A 105 -3.52 10.12 -31.16
C TYR A 105 -4.33 10.01 -29.87
N LEU A 106 -5.27 9.07 -29.88
CA LEU A 106 -6.08 8.71 -28.72
C LEU A 106 -5.24 8.01 -27.67
N VAL A 107 -5.18 8.58 -26.47
CA VAL A 107 -4.37 8.02 -25.38
C VAL A 107 -5.04 6.84 -24.70
N GLU A 108 -6.13 7.12 -23.98
CA GLU A 108 -6.88 6.09 -23.28
C GLU A 108 -8.35 6.47 -22.98
N ASN A 109 -9.18 5.44 -22.97
CA ASN A 109 -10.51 5.54 -22.44
C ASN A 109 -10.43 4.78 -21.14
N PRO A 110 -10.46 5.52 -20.03
CA PRO A 110 -10.44 4.94 -18.70
C PRO A 110 -11.75 4.26 -18.29
N GLY A 111 -11.62 3.13 -17.59
CA GLY A 111 -12.71 2.49 -16.89
C GLY A 111 -13.14 3.25 -15.65
N GLY A 112 -12.15 3.75 -14.92
CA GLY A 112 -12.39 4.50 -13.70
C GLY A 112 -12.72 5.96 -13.93
N TYR A 113 -13.32 6.58 -12.92
CA TYR A 113 -13.71 7.98 -13.00
C TYR A 113 -13.62 8.65 -11.65
N VAL A 114 -13.84 9.96 -11.63
CA VAL A 114 -13.85 10.72 -10.40
C VAL A 114 -15.25 11.26 -10.15
N ALA A 115 -15.82 10.90 -9.01
CA ALA A 115 -17.17 11.31 -8.65
C ALA A 115 -17.31 12.79 -8.30
N TYR A 116 -18.48 13.35 -8.66
CA TYR A 116 -18.78 14.75 -8.41
C TYR A 116 -17.85 15.68 -9.21
N SER A 117 -17.59 15.29 -10.45
CA SER A 117 -16.76 16.10 -11.37
C SER A 117 -17.65 17.09 -12.13
N LYS A 118 -17.03 18.16 -12.67
CA LYS A 118 -17.79 19.16 -13.40
C LYS A 118 -18.41 18.61 -14.69
N ALA A 119 -17.73 17.67 -15.34
CA ALA A 119 -18.22 17.06 -16.59
C ALA A 119 -18.34 18.09 -17.71
N ALA A 120 -17.21 18.43 -18.30
CA ALA A 120 -17.19 19.39 -19.39
C ALA A 120 -15.99 19.07 -20.27
N THR A 121 -16.07 19.43 -21.55
CA THR A 121 -14.96 19.18 -22.47
C THR A 121 -13.98 20.36 -22.38
N VAL A 122 -12.73 20.07 -22.06
CA VAL A 122 -11.72 21.13 -21.95
C VAL A 122 -10.44 20.81 -22.71
N THR A 123 -9.73 21.85 -23.16
CA THR A 123 -8.49 21.65 -23.90
C THR A 123 -7.42 22.70 -23.54
N GLY A 124 -6.16 22.27 -23.49
CA GLY A 124 -5.07 23.18 -23.16
C GLY A 124 -3.71 22.55 -22.81
N LYS A 125 -2.76 23.39 -22.40
CA LYS A 125 -1.43 22.93 -22.01
C LYS A 125 -1.45 22.11 -20.72
N LEU A 126 -0.52 21.17 -20.60
CA LEU A 126 -0.46 20.26 -19.44
C LEU A 126 0.79 20.46 -18.60
N VAL A 127 0.60 20.55 -17.28
CA VAL A 127 1.68 20.74 -16.32
C VAL A 127 1.59 19.71 -15.20
N HIS A 128 2.75 19.23 -14.77
CA HIS A 128 2.80 18.23 -13.73
C HIS A 128 2.93 18.95 -12.42
N ALA A 129 1.90 18.86 -11.59
CA ALA A 129 1.88 19.51 -10.29
C ALA A 129 2.31 18.51 -9.20
N ASN A 130 2.77 17.35 -9.63
CA ASN A 130 3.21 16.29 -8.71
C ASN A 130 2.03 15.81 -7.87
N PHE A 131 2.13 15.99 -6.56
CA PHE A 131 1.08 15.55 -5.64
C PHE A 131 -0.14 16.47 -5.67
N GLY A 132 0.12 17.75 -5.88
CA GLY A 132 -0.98 18.69 -5.93
C GLY A 132 -1.17 19.43 -4.64
N THR A 133 -0.14 19.42 -3.82
CA THR A 133 -0.17 20.10 -2.53
C THR A 133 -0.02 21.60 -2.73
N LYS A 134 -0.66 22.39 -1.89
CA LYS A 134 -0.56 23.83 -2.02
C LYS A 134 0.90 24.26 -2.04
N LYS A 135 1.76 23.44 -1.42
CA LYS A 135 3.20 23.70 -1.36
C LYS A 135 3.87 23.32 -2.67
N ASP A 136 3.35 22.28 -3.32
CA ASP A 136 3.85 21.78 -4.60
C ASP A 136 3.63 22.82 -5.69
N PHE A 137 2.45 23.42 -5.70
CA PHE A 137 2.13 24.46 -6.68
C PHE A 137 3.01 25.71 -6.52
N GLU A 138 3.31 26.08 -5.27
CA GLU A 138 4.12 27.25 -5.01
C GLU A 138 5.55 27.10 -5.48
N ASP A 139 6.05 25.86 -5.53
CA ASP A 139 7.42 25.61 -5.98
C ASP A 139 7.54 25.40 -7.48
N LEU A 140 6.42 25.21 -8.15
CA LEU A 140 6.41 25.00 -9.59
C LEU A 140 6.97 26.20 -10.32
N TYR A 141 7.90 25.94 -11.23
CA TYR A 141 8.53 26.98 -12.02
C TYR A 141 7.60 27.35 -13.17
N THR A 142 6.68 26.45 -13.49
CA THR A 142 5.73 26.68 -14.57
C THR A 142 4.38 27.11 -14.01
N PRO A 143 3.87 28.28 -14.42
CA PRO A 143 2.57 28.76 -13.92
C PRO A 143 1.42 27.81 -14.31
N VAL A 144 0.55 27.51 -13.37
CA VAL A 144 -0.56 26.59 -13.62
C VAL A 144 -1.82 27.28 -14.14
N ASN A 145 -1.78 28.60 -14.17
CA ASN A 145 -2.92 29.38 -14.62
C ASN A 145 -3.32 29.02 -16.04
N GLY A 146 -4.61 28.76 -16.25
CA GLY A 146 -5.13 28.44 -17.57
C GLY A 146 -4.56 27.20 -18.24
N SER A 147 -4.37 26.11 -17.49
CA SER A 147 -3.82 24.89 -18.06
C SER A 147 -4.22 23.66 -17.24
N ILE A 148 -4.27 22.51 -17.92
CA ILE A 148 -4.61 21.24 -17.28
C ILE A 148 -3.40 20.70 -16.52
N VAL A 149 -3.63 20.27 -15.28
CA VAL A 149 -2.56 19.73 -14.46
C VAL A 149 -2.70 18.23 -14.19
N ILE A 150 -1.58 17.53 -14.13
CA ILE A 150 -1.61 16.11 -13.85
C ILE A 150 -0.92 15.89 -12.51
N VAL A 151 -1.54 15.08 -11.64
CA VAL A 151 -0.97 14.82 -10.32
C VAL A 151 -1.03 13.35 -9.90
N ARG A 152 -0.02 12.92 -9.15
CA ARG A 152 0.03 11.56 -8.59
C ARG A 152 -0.95 11.38 -7.43
N ALA A 153 -1.39 10.13 -7.21
CA ALA A 153 -2.30 9.84 -6.14
C ALA A 153 -1.44 9.81 -4.85
N GLY A 154 -2.00 10.26 -3.73
CA GLY A 154 -1.24 10.24 -2.49
C GLY A 154 -1.07 11.55 -1.75
N LYS A 155 -0.49 11.44 -0.55
CA LYS A 155 -0.22 12.55 0.35
C LYS A 155 -1.48 13.30 0.77
N ILE A 156 -2.36 13.52 -0.20
CA ILE A 156 -3.62 14.23 0.05
C ILE A 156 -4.77 13.68 -0.77
N THR A 157 -5.94 14.23 -0.49
CA THR A 157 -7.20 13.86 -1.13
C THR A 157 -7.29 14.34 -2.57
N PHE A 158 -8.08 13.64 -3.39
CA PHE A 158 -8.30 14.06 -4.76
C PHE A 158 -8.91 15.45 -4.68
N ALA A 159 -9.94 15.59 -3.84
CA ALA A 159 -10.70 16.83 -3.78
C ALA A 159 -9.78 17.96 -3.38
N GLU A 160 -8.86 17.68 -2.47
CA GLU A 160 -7.83 18.64 -2.10
C GLU A 160 -6.97 18.94 -3.32
N LYS A 161 -6.68 17.91 -4.11
CA LYS A 161 -5.80 18.06 -5.27
C LYS A 161 -6.44 19.05 -6.25
N VAL A 162 -7.74 18.85 -6.47
CA VAL A 162 -8.51 19.67 -7.38
C VAL A 162 -8.72 21.08 -6.85
N ALA A 163 -8.97 21.18 -5.55
CA ALA A 163 -9.18 22.47 -4.90
C ALA A 163 -7.95 23.35 -5.04
N ASN A 164 -6.76 22.77 -4.87
CA ASN A 164 -5.54 23.55 -5.00
C ASN A 164 -5.31 24.01 -6.43
N ALA A 165 -5.73 23.19 -7.38
CA ALA A 165 -5.56 23.53 -8.79
C ALA A 165 -6.56 24.58 -9.24
N GLU A 166 -7.82 24.40 -8.86
CA GLU A 166 -8.85 25.35 -9.26
C GLU A 166 -8.53 26.75 -8.74
N SER A 167 -7.87 26.83 -7.58
CA SER A 167 -7.49 28.12 -7.00
C SER A 167 -6.48 28.89 -7.82
N LEU A 168 -5.68 28.16 -8.58
CA LEU A 168 -4.69 28.75 -9.45
C LEU A 168 -5.18 28.75 -10.90
N ASN A 169 -6.49 28.71 -11.05
CA ASN A 169 -7.15 28.74 -12.35
C ASN A 169 -6.72 27.68 -13.32
N ALA A 170 -6.79 26.42 -12.91
CA ALA A 170 -6.50 25.35 -13.82
C ALA A 170 -7.81 24.90 -14.47
N ILE A 171 -7.69 24.42 -15.71
CA ILE A 171 -8.85 24.01 -16.48
C ILE A 171 -9.34 22.62 -16.10
N GLY A 172 -8.41 21.75 -15.73
CA GLY A 172 -8.76 20.37 -15.35
C GLY A 172 -7.67 19.66 -14.58
N VAL A 173 -7.98 18.46 -14.10
CA VAL A 173 -7.02 17.69 -13.33
C VAL A 173 -7.01 16.21 -13.75
N LEU A 174 -5.79 15.69 -13.92
CA LEU A 174 -5.54 14.29 -14.25
C LEU A 174 -4.79 13.62 -13.11
N ILE A 175 -5.32 12.48 -12.67
CA ILE A 175 -4.72 11.75 -11.56
C ILE A 175 -4.25 10.37 -12.03
N TYR A 176 -2.99 10.06 -11.71
CA TYR A 176 -2.37 8.79 -12.06
C TYR A 176 -1.54 8.21 -10.91
N MET A 177 -1.22 6.93 -11.01
CA MET A 177 -0.41 6.25 -10.01
C MET A 177 0.97 5.81 -10.54
N ASP A 178 2.04 6.49 -10.10
CA ASP A 178 3.38 6.12 -10.55
C ASP A 178 3.82 4.76 -10.00
N GLN A 179 4.86 4.17 -10.58
CA GLN A 179 5.34 2.86 -10.16
C GLN A 179 6.09 2.95 -8.83
N THR A 180 6.75 4.07 -8.60
CA THR A 180 7.52 4.27 -7.38
C THR A 180 6.67 4.23 -6.12
N LYS A 181 5.57 4.98 -6.10
CA LYS A 181 4.67 4.97 -4.95
C LYS A 181 3.73 3.78 -5.00
N PHE A 182 3.33 3.40 -6.20
CA PHE A 182 2.43 2.28 -6.35
C PHE A 182 2.99 1.13 -7.22
N PRO A 183 3.82 0.26 -6.61
CA PRO A 183 4.40 -0.86 -7.34
C PRO A 183 3.34 -1.86 -7.81
N ILE A 184 2.64 -1.55 -8.89
CA ILE A 184 1.61 -2.46 -9.42
C ILE A 184 2.11 -3.03 -10.74
N VAL A 185 1.90 -4.33 -10.97
CA VAL A 185 2.39 -4.95 -12.19
C VAL A 185 1.62 -4.41 -13.38
N ASN A 186 0.29 -4.61 -13.35
CA ASN A 186 -0.57 -4.14 -14.42
C ASN A 186 -0.58 -2.63 -14.60
N ALA A 187 -0.12 -2.13 -15.75
CA ALA A 187 -0.13 -0.69 -15.96
C ALA A 187 -1.39 -0.14 -16.61
N GLU A 188 -2.32 -1.04 -16.96
CA GLU A 188 -3.57 -0.64 -17.59
C GLU A 188 -4.67 -0.49 -16.55
N LEU A 189 -4.30 -0.65 -15.28
CA LEU A 189 -5.26 -0.62 -14.17
C LEU A 189 -5.80 0.76 -13.84
N SER A 190 -7.12 0.84 -13.71
CA SER A 190 -7.78 2.10 -13.40
C SER A 190 -8.29 2.16 -11.96
N PHE A 191 -8.38 3.38 -11.44
CA PHE A 191 -8.81 3.58 -10.07
C PHE A 191 -9.94 4.61 -9.91
N PHE A 192 -10.63 4.55 -8.77
CA PHE A 192 -11.80 5.38 -8.46
C PHE A 192 -11.52 6.35 -7.31
N GLY A 193 -12.29 7.44 -7.27
CA GLY A 193 -12.19 8.46 -6.24
C GLY A 193 -13.30 9.50 -6.34
N HIS A 194 -13.27 10.55 -5.52
CA HIS A 194 -14.25 11.65 -5.58
C HIS A 194 -13.56 12.99 -5.30
N ALA A 195 -14.04 14.04 -5.96
CA ALA A 195 -13.43 15.38 -5.87
C ALA A 195 -14.19 16.39 -5.01
N HIS A 196 -15.16 15.91 -4.26
CA HIS A 196 -15.94 16.78 -3.39
C HIS A 196 -15.19 17.17 -2.11
N LEU A 197 -14.88 18.46 -1.98
CA LEU A 197 -14.17 18.95 -0.81
C LEU A 197 -15.10 19.10 0.40
N GLY A 198 -15.43 17.97 1.02
CA GLY A 198 -16.31 17.95 2.18
C GLY A 198 -16.73 16.54 2.46
N THR A 199 -17.79 16.36 3.26
CA THR A 199 -18.29 15.02 3.55
C THR A 199 -19.79 15.09 3.39
N GLY A 200 -20.40 13.92 3.20
CA GLY A 200 -21.85 13.85 3.03
C GLY A 200 -22.32 14.13 1.62
N ASP A 201 -23.63 14.08 1.43
CA ASP A 201 -24.23 14.36 0.15
C ASP A 201 -24.02 15.82 -0.16
N PRO A 202 -23.38 16.12 -1.30
CA PRO A 202 -23.13 17.53 -1.66
C PRO A 202 -24.33 18.33 -2.09
N TYR A 203 -25.46 17.65 -2.24
CA TYR A 203 -26.72 18.29 -2.65
C TYR A 203 -27.68 18.49 -1.48
N THR A 204 -27.22 18.13 -0.27
CA THR A 204 -27.97 18.35 0.97
C THR A 204 -26.98 18.68 2.08
N PRO A 205 -26.41 19.89 2.04
CA PRO A 205 -25.44 20.38 3.03
C PRO A 205 -26.09 20.88 4.30
N GLY A 206 -25.64 20.38 5.46
CA GLY A 206 -26.22 20.80 6.73
C GLY A 206 -27.46 20.01 7.15
N PHE A 207 -28.32 19.66 6.21
CA PHE A 207 -29.52 18.89 6.53
C PHE A 207 -29.44 17.47 5.96
N PRO A 208 -30.23 16.53 6.51
CA PRO A 208 -30.25 15.14 6.05
C PRO A 208 -30.96 14.92 4.74
N SER A 209 -30.65 13.81 4.07
CA SER A 209 -31.28 13.46 2.80
C SER A 209 -32.49 12.57 3.05
N PHE A 210 -33.53 13.16 3.65
CA PHE A 210 -34.75 12.42 3.91
C PHE A 210 -35.85 12.99 3.03
N ASN A 211 -36.95 12.29 2.86
CA ASN A 211 -38.09 12.73 2.07
C ASN A 211 -38.75 13.90 2.78
N HIS A 212 -38.50 14.07 4.07
CA HIS A 212 -39.03 15.18 4.88
C HIS A 212 -38.60 16.55 4.37
N THR A 213 -37.36 16.63 3.88
CA THR A 213 -36.82 17.89 3.39
C THR A 213 -37.27 18.22 1.98
N GLN A 214 -37.97 17.29 1.33
CA GLN A 214 -38.49 17.51 -0.02
C GLN A 214 -37.37 17.70 -1.05
N PHE A 215 -36.12 17.61 -0.61
CA PHE A 215 -34.97 17.78 -1.50
C PHE A 215 -35.02 19.09 -2.25
N PRO A 216 -34.64 20.18 -1.59
CA PRO A 216 -34.66 21.51 -2.22
C PRO A 216 -33.43 21.77 -3.05
N PRO A 217 -33.51 22.73 -4.00
CA PRO A 217 -32.35 23.04 -4.84
C PRO A 217 -31.27 23.76 -4.02
N SER A 218 -30.26 23.01 -3.58
CA SER A 218 -29.11 23.50 -2.81
C SER A 218 -27.86 22.71 -3.18
N ARG A 219 -26.72 23.40 -3.29
CA ARG A 219 -25.47 22.73 -3.62
C ARG A 219 -24.30 23.13 -2.73
N SER A 220 -23.47 22.16 -2.37
CA SER A 220 -22.28 22.43 -1.55
C SER A 220 -21.18 23.25 -2.23
N SER A 221 -20.51 24.12 -1.48
CA SER A 221 -19.43 24.92 -2.01
C SER A 221 -18.19 24.03 -2.27
N GLY A 222 -18.18 22.83 -1.69
CA GLY A 222 -17.07 21.91 -1.85
C GLY A 222 -17.00 21.22 -3.21
N LEU A 223 -18.04 21.40 -4.02
CA LEU A 223 -18.09 20.83 -5.36
C LEU A 223 -17.16 21.59 -6.29
N PRO A 224 -16.32 20.84 -7.04
CA PRO A 224 -15.37 21.44 -7.99
C PRO A 224 -16.03 22.01 -9.22
N ASN A 225 -15.45 23.07 -9.77
CA ASN A 225 -15.97 23.71 -10.97
C ASN A 225 -15.21 23.31 -12.25
N ILE A 226 -14.28 22.36 -12.11
CA ILE A 226 -13.50 21.87 -13.23
C ILE A 226 -13.56 20.35 -13.30
N PRO A 227 -13.51 19.79 -14.51
CA PRO A 227 -13.55 18.34 -14.73
C PRO A 227 -12.32 17.60 -14.23
N VAL A 228 -12.54 16.42 -13.64
CA VAL A 228 -11.46 15.59 -13.10
C VAL A 228 -11.59 14.15 -13.64
N GLN A 229 -10.45 13.55 -13.99
CA GLN A 229 -10.40 12.20 -14.52
C GLN A 229 -9.17 11.42 -14.06
N THR A 230 -9.36 10.14 -13.73
CA THR A 230 -8.24 9.28 -13.34
C THR A 230 -7.80 8.47 -14.56
N ILE A 231 -6.50 8.34 -14.73
CA ILE A 231 -5.92 7.59 -15.84
C ILE A 231 -4.89 6.58 -15.33
N SER A 232 -4.60 5.56 -16.14
CA SER A 232 -3.65 4.51 -15.77
C SER A 232 -2.19 4.90 -15.93
N ARG A 233 -1.29 4.12 -15.34
CA ARG A 233 0.15 4.37 -15.44
C ARG A 233 0.58 4.41 -16.89
N ALA A 234 0.09 3.45 -17.68
CA ALA A 234 0.42 3.36 -19.12
C ALA A 234 -0.02 4.59 -19.90
N ALA A 235 -1.22 5.07 -19.60
CA ALA A 235 -1.77 6.27 -20.24
C ALA A 235 -1.00 7.51 -19.89
N ALA A 236 -0.42 7.54 -18.69
CA ALA A 236 0.36 8.69 -18.26
C ALA A 236 1.69 8.71 -18.98
N GLU A 237 2.30 7.53 -19.09
CA GLU A 237 3.59 7.39 -19.78
C GLU A 237 3.43 7.78 -21.25
N LYS A 238 2.27 7.50 -21.84
CA LYS A 238 1.99 7.91 -23.23
C LYS A 238 1.98 9.44 -23.34
N LEU A 239 1.45 10.10 -22.31
CA LEU A 239 1.41 11.57 -22.24
C LEU A 239 2.77 12.17 -21.97
N PHE A 240 3.60 11.47 -21.21
CA PHE A 240 4.93 11.95 -20.90
C PHE A 240 5.78 11.93 -22.16
N GLY A 241 5.50 10.97 -23.05
CA GLY A 241 6.20 10.86 -24.31
C GLY A 241 6.12 12.12 -25.15
N ASN A 242 4.99 12.82 -25.03
CA ASN A 242 4.74 14.08 -25.75
C ASN A 242 5.13 15.33 -24.98
N MET A 243 5.68 15.13 -23.78
CA MET A 243 6.07 16.25 -22.93
C MET A 243 7.57 16.34 -22.87
N GLU A 244 8.08 17.52 -22.50
CA GLU A 244 9.51 17.73 -22.38
C GLU A 244 9.84 18.33 -21.01
N GLY A 245 11.10 18.18 -20.58
CA GLY A 245 11.50 18.66 -19.28
C GLY A 245 11.52 17.55 -18.23
N ASP A 246 12.69 17.32 -17.63
CA ASP A 246 12.86 16.27 -16.65
C ASP A 246 12.36 16.68 -15.28
N CYS A 247 11.68 15.77 -14.58
CA CYS A 247 11.18 16.06 -13.25
C CYS A 247 12.28 16.01 -12.20
N PRO A 248 12.25 16.95 -11.26
CA PRO A 248 13.29 17.11 -10.24
C PRO A 248 13.44 15.94 -9.28
N SER A 249 14.67 15.70 -8.82
CA SER A 249 15.01 14.54 -8.02
C SER A 249 14.32 14.64 -6.66
N ASP A 250 13.76 15.80 -6.37
CA ASP A 250 13.10 16.01 -5.08
C ASP A 250 11.94 15.03 -4.92
N TRP A 251 11.21 14.81 -6.01
CA TRP A 251 10.06 13.92 -6.00
C TRP A 251 10.50 12.48 -6.23
N LYS A 252 10.05 11.57 -5.38
CA LYS A 252 10.39 10.17 -5.56
C LYS A 252 9.49 9.57 -6.62
N THR A 253 9.86 9.76 -7.88
CA THR A 253 9.03 9.26 -8.97
C THR A 253 9.84 8.54 -10.05
N ASP A 254 9.12 7.97 -11.02
CA ASP A 254 9.72 7.23 -12.13
C ASP A 254 10.57 8.13 -13.02
N SER A 255 11.43 7.52 -13.83
CA SER A 255 12.30 8.26 -14.74
C SER A 255 11.56 8.71 -16.00
N THR A 256 10.32 8.23 -16.17
CA THR A 256 9.47 8.57 -17.32
C THR A 256 8.86 9.95 -17.14
N CYS A 257 8.83 10.40 -15.88
CA CYS A 257 8.23 11.69 -15.52
C CYS A 257 8.74 12.87 -16.34
N ARG A 258 7.79 13.60 -16.94
CA ARG A 258 8.08 14.80 -17.74
C ARG A 258 7.29 16.01 -17.25
N MET A 259 7.84 17.20 -17.47
CA MET A 259 7.24 18.44 -16.95
C MET A 259 6.10 19.07 -17.73
N VAL A 260 6.38 19.60 -18.92
CA VAL A 260 5.31 20.28 -19.67
C VAL A 260 5.22 19.76 -21.10
N THR A 261 4.07 19.94 -21.72
CA THR A 261 3.92 19.53 -23.11
C THR A 261 4.62 20.55 -24.02
N SER A 262 4.99 20.12 -25.22
CA SER A 262 5.64 21.00 -26.18
C SER A 262 4.67 22.04 -26.72
N GLU A 263 5.22 23.09 -27.35
CA GLU A 263 4.41 24.19 -27.88
C GLU A 263 3.54 23.81 -29.07
N SER A 264 3.83 22.66 -29.68
CA SER A 264 3.09 22.22 -30.84
C SER A 264 1.80 21.49 -30.51
N LYS A 265 1.87 20.58 -29.54
CA LYS A 265 0.72 19.76 -29.16
C LYS A 265 0.32 19.92 -27.70
N ASN A 266 -0.98 19.83 -27.46
CA ASN A 266 -1.53 19.95 -26.12
C ASN A 266 -2.69 18.95 -25.92
N VAL A 267 -3.03 18.66 -24.66
CA VAL A 267 -4.06 17.69 -24.31
C VAL A 267 -5.49 18.19 -24.32
N LYS A 268 -6.43 17.27 -24.54
CA LYS A 268 -7.86 17.58 -24.56
C LYS A 268 -8.62 16.53 -23.77
N LEU A 269 -9.15 16.95 -22.62
CA LEU A 269 -9.88 16.09 -21.72
C LEU A 269 -11.37 16.32 -21.85
N THR A 270 -12.13 15.23 -21.84
CA THR A 270 -13.57 15.36 -21.90
C THR A 270 -14.21 14.35 -20.96
N VAL A 271 -14.94 14.87 -19.98
CA VAL A 271 -15.65 14.09 -18.97
C VAL A 271 -17.14 14.35 -19.13
N SER A 272 -17.94 13.29 -19.09
CA SER A 272 -19.37 13.45 -19.25
C SER A 272 -20.15 12.50 -18.34
N ASN A 273 -19.94 12.65 -17.03
CA ASN A 273 -20.63 11.83 -16.04
C ASN A 273 -21.92 12.49 -15.63
N VAL A 274 -22.92 11.67 -15.35
CA VAL A 274 -24.21 12.20 -14.97
C VAL A 274 -24.57 11.85 -13.54
N LEU A 275 -25.53 12.58 -12.98
CA LEU A 275 -25.96 12.35 -11.61
C LEU A 275 -27.02 11.24 -11.57
N LYS A 276 -27.07 10.55 -10.45
CA LYS A 276 -28.04 9.47 -10.28
C LYS A 276 -28.55 9.45 -8.83
N GLU A 277 -29.86 9.41 -8.66
CA GLU A 277 -30.47 9.33 -7.33
C GLU A 277 -30.54 7.87 -6.88
N ILE A 278 -30.08 7.57 -5.68
CA ILE A 278 -30.05 6.19 -5.21
C ILE A 278 -30.47 6.05 -3.75
N LYS A 279 -30.83 4.85 -3.35
CA LYS A 279 -31.25 4.59 -1.99
C LYS A 279 -30.11 3.97 -1.21
N ILE A 280 -29.76 4.60 -0.09
CA ILE A 280 -28.70 4.10 0.79
C ILE A 280 -29.36 3.56 2.06
N LEU A 281 -28.86 2.45 2.56
CA LEU A 281 -29.40 1.91 3.79
C LEU A 281 -28.34 1.90 4.85
N ASN A 282 -28.62 2.58 5.96
CA ASN A 282 -27.72 2.58 7.11
C ASN A 282 -28.35 1.69 8.18
N ILE A 283 -27.68 0.62 8.55
CA ILE A 283 -28.24 -0.32 9.52
C ILE A 283 -27.45 -0.32 10.83
N PHE A 284 -28.19 -0.17 11.94
CA PHE A 284 -27.58 -0.08 13.26
C PHE A 284 -27.98 -1.20 14.21
N GLY A 285 -27.16 -1.37 15.22
CA GLY A 285 -27.42 -2.35 16.26
C GLY A 285 -26.99 -1.77 17.61
N VAL A 286 -27.86 -1.83 18.62
CA VAL A 286 -27.49 -1.27 19.88
C VAL A 286 -27.60 -2.27 21.01
N ILE A 287 -26.76 -2.04 22.02
CA ILE A 287 -26.75 -2.80 23.26
C ILE A 287 -27.00 -1.77 24.39
N LYS A 288 -28.20 -1.77 24.97
CA LYS A 288 -28.56 -0.81 26.03
C LYS A 288 -27.70 -0.98 27.28
N GLY A 289 -27.29 0.14 27.88
CA GLY A 289 -26.50 0.11 29.12
C GLY A 289 -27.41 -0.04 30.31
N PHE A 290 -26.84 -0.38 31.47
CA PHE A 290 -27.65 -0.57 32.68
C PHE A 290 -27.74 0.66 33.56
N VAL A 291 -26.68 1.44 33.57
CA VAL A 291 -26.65 2.63 34.41
C VAL A 291 -27.15 3.84 33.61
N GLU A 292 -26.39 4.25 32.60
CA GLU A 292 -26.81 5.36 31.78
C GLU A 292 -27.03 5.00 30.32
N PRO A 293 -28.18 4.38 30.00
CA PRO A 293 -28.45 4.01 28.61
C PRO A 293 -28.41 5.14 27.59
N ASP A 294 -28.75 6.38 28.00
CA ASP A 294 -28.77 7.53 27.09
C ASP A 294 -27.40 7.96 26.55
N HIS A 295 -26.34 7.59 27.26
CA HIS A 295 -24.97 7.86 26.79
C HIS A 295 -24.50 6.64 26.01
N TYR A 296 -23.88 6.86 24.86
CA TYR A 296 -23.46 5.72 24.05
C TYR A 296 -22.21 5.96 23.27
N VAL A 297 -21.49 4.89 23.00
CA VAL A 297 -20.29 4.94 22.17
C VAL A 297 -20.63 4.31 20.81
N VAL A 298 -20.20 4.95 19.74
CA VAL A 298 -20.54 4.44 18.44
C VAL A 298 -19.34 3.81 17.75
N VAL A 299 -19.58 2.64 17.15
CA VAL A 299 -18.56 1.89 16.40
C VAL A 299 -19.09 1.76 14.98
N GLY A 300 -18.41 2.39 14.03
CA GLY A 300 -18.87 2.38 12.65
C GLY A 300 -17.93 1.70 11.68
N ALA A 301 -18.44 1.28 10.53
CA ALA A 301 -17.64 0.60 9.52
C ALA A 301 -18.29 0.77 8.15
N GLN A 302 -17.45 1.01 7.14
CA GLN A 302 -17.93 1.18 5.78
C GLN A 302 -18.30 -0.16 5.14
N ARG A 303 -19.38 -0.14 4.36
CA ARG A 303 -19.89 -1.36 3.71
C ARG A 303 -19.67 -1.43 2.20
N ASP A 304 -19.90 -0.31 1.53
CA ASP A 304 -19.80 -0.21 0.08
C ASP A 304 -18.37 -0.04 -0.39
N ALA A 305 -18.12 -0.48 -1.62
CA ALA A 305 -16.81 -0.36 -2.26
C ALA A 305 -17.02 -0.31 -3.76
N TRP A 306 -16.22 0.50 -4.47
CA TRP A 306 -16.36 0.63 -5.93
C TRP A 306 -15.93 -0.69 -6.60
N GLY A 307 -14.81 -1.23 -6.15
CA GLY A 307 -14.35 -2.50 -6.67
C GLY A 307 -14.84 -3.66 -5.85
N PRO A 308 -13.95 -4.64 -5.59
CA PRO A 308 -14.40 -5.78 -4.79
C PRO A 308 -14.36 -5.33 -3.32
N GLY A 309 -13.35 -4.53 -2.98
CA GLY A 309 -13.21 -3.99 -1.64
C GLY A 309 -12.91 -5.03 -0.59
N ALA A 310 -11.65 -5.39 -0.44
CA ALA A 310 -11.28 -6.34 0.60
C ALA A 310 -10.59 -5.58 1.70
N ALA A 311 -9.70 -4.67 1.32
CA ALA A 311 -8.96 -3.88 2.29
C ALA A 311 -9.73 -2.62 2.66
N LYS A 312 -10.55 -2.14 1.74
CA LYS A 312 -11.31 -0.94 1.98
C LYS A 312 -12.50 -1.15 2.89
N SER A 313 -13.35 -2.11 2.55
CA SER A 313 -14.54 -2.35 3.37
C SER A 313 -14.69 -3.80 3.82
N GLY A 314 -13.92 -4.69 3.20
CA GLY A 314 -13.99 -6.11 3.52
C GLY A 314 -13.63 -6.39 4.95
N VAL A 315 -12.48 -5.87 5.35
CA VAL A 315 -12.00 -6.04 6.70
C VAL A 315 -12.90 -5.33 7.71
N GLY A 316 -13.15 -4.03 7.49
CA GLY A 316 -13.97 -3.24 8.38
C GLY A 316 -15.32 -3.85 8.71
N THR A 317 -16.04 -4.32 7.71
CA THR A 317 -17.35 -4.91 7.94
C THR A 317 -17.28 -6.26 8.64
N ALA A 318 -16.17 -6.96 8.45
CA ALA A 318 -15.97 -8.25 9.09
C ALA A 318 -15.74 -8.03 10.59
N LEU A 319 -14.92 -7.04 10.93
CA LEU A 319 -14.67 -6.69 12.32
C LEU A 319 -15.95 -6.18 13.00
N LEU A 320 -16.76 -5.40 12.29
CA LEU A 320 -17.98 -4.86 12.85
C LEU A 320 -18.90 -5.97 13.33
N LEU A 321 -19.13 -6.95 12.45
CA LEU A 321 -20.00 -8.10 12.74
C LEU A 321 -19.50 -8.95 13.88
N LYS A 322 -18.18 -9.13 13.94
CA LYS A 322 -17.58 -9.98 14.97
C LYS A 322 -17.49 -9.31 16.33
N LEU A 323 -17.29 -7.99 16.34
CA LEU A 323 -17.28 -7.26 17.61
C LEU A 323 -18.68 -7.19 18.19
N ALA A 324 -19.67 -7.12 17.31
CA ALA A 324 -21.07 -7.11 17.74
C ALA A 324 -21.47 -8.49 18.26
N GLN A 325 -20.80 -9.52 17.76
CA GLN A 325 -21.07 -10.87 18.22
C GLN A 325 -20.46 -11.11 19.62
N MET A 326 -19.15 -10.84 19.72
CA MET A 326 -18.39 -11.00 20.94
C MET A 326 -18.91 -10.21 22.14
N PHE A 327 -19.33 -8.98 21.89
CA PHE A 327 -19.84 -8.13 22.97
C PHE A 327 -21.23 -8.55 23.39
N SER A 328 -22.01 -9.10 22.46
CA SER A 328 -23.35 -9.55 22.79
C SER A 328 -23.28 -10.84 23.61
N ASP A 329 -22.29 -11.68 23.31
CA ASP A 329 -22.09 -12.92 24.05
C ASP A 329 -21.60 -12.65 25.47
N MET A 330 -20.87 -11.56 25.65
CA MET A 330 -20.38 -11.18 26.97
C MET A 330 -21.50 -10.64 27.84
N VAL A 331 -22.53 -10.10 27.22
CA VAL A 331 -23.60 -9.57 28.01
C VAL A 331 -24.55 -10.68 28.44
N LEU A 332 -24.97 -11.46 27.46
CA LEU A 332 -25.92 -12.53 27.69
C LEU A 332 -25.38 -13.73 28.42
N LYS A 333 -24.20 -14.18 28.01
CA LYS A 333 -23.61 -15.38 28.56
C LYS A 333 -22.64 -15.18 29.71
N ASP A 334 -21.59 -14.39 29.50
CA ASP A 334 -20.59 -14.14 30.53
C ASP A 334 -21.16 -13.40 31.75
N GLY A 335 -22.04 -12.43 31.49
CA GLY A 335 -22.51 -11.54 32.52
C GLY A 335 -21.80 -10.21 32.61
N PHE A 336 -21.65 -9.53 31.48
CA PHE A 336 -21.00 -8.22 31.43
C PHE A 336 -22.09 -7.12 31.43
N GLN A 337 -21.96 -6.16 32.32
CA GLN A 337 -22.94 -5.07 32.41
C GLN A 337 -22.31 -3.72 32.09
N PRO A 338 -22.56 -3.24 30.87
CA PRO A 338 -22.04 -1.95 30.44
C PRO A 338 -22.84 -0.80 31.07
N SER A 339 -22.12 0.19 31.59
CA SER A 339 -22.74 1.36 32.20
C SER A 339 -23.38 2.27 31.13
N ARG A 340 -22.84 2.22 29.92
CA ARG A 340 -23.31 3.04 28.80
C ARG A 340 -23.53 2.17 27.57
N SER A 341 -24.44 2.61 26.70
CA SER A 341 -24.79 1.84 25.51
C SER A 341 -23.73 1.79 24.43
N ILE A 342 -23.83 0.78 23.57
CA ILE A 342 -22.89 0.60 22.46
C ILE A 342 -23.67 0.46 21.17
N ILE A 343 -23.34 1.29 20.20
CA ILE A 343 -24.00 1.23 18.90
C ILE A 343 -23.05 0.81 17.81
N PHE A 344 -23.44 -0.21 17.05
CA PHE A 344 -22.64 -0.69 15.91
C PHE A 344 -23.28 -0.16 14.61
N ALA A 345 -22.49 0.48 13.75
CA ALA A 345 -23.06 1.09 12.54
C ALA A 345 -22.38 0.65 11.25
N SER A 346 -23.22 0.25 10.30
CA SER A 346 -22.80 -0.17 8.95
C SER A 346 -23.20 0.94 7.98
N TRP A 347 -22.21 1.74 7.62
CA TRP A 347 -22.38 2.91 6.75
C TRP A 347 -22.31 2.55 5.26
N SER A 348 -23.03 3.30 4.43
CA SER A 348 -23.01 3.08 2.98
C SER A 348 -22.60 4.35 2.27
N ALA A 349 -22.27 4.24 0.98
CA ALA A 349 -21.86 5.41 0.23
C ALA A 349 -20.64 6.08 0.85
N GLY A 350 -19.71 5.26 1.33
CA GLY A 350 -18.54 5.81 1.97
C GLY A 350 -17.49 6.25 0.98
N ASP A 351 -17.49 5.64 -0.20
CA ASP A 351 -16.52 5.99 -1.23
C ASP A 351 -16.72 7.40 -1.79
N PHE A 352 -17.93 7.91 -1.59
CA PHE A 352 -18.30 9.23 -2.06
C PHE A 352 -18.09 10.32 -1.03
N GLY A 353 -17.32 10.02 0.00
CA GLY A 353 -17.03 11.01 1.03
C GLY A 353 -17.75 10.80 2.35
N SER A 354 -17.83 9.55 2.80
CA SER A 354 -18.49 9.22 4.07
C SER A 354 -19.90 9.76 4.18
N VAL A 355 -20.66 9.61 3.11
CA VAL A 355 -22.03 10.09 3.01
C VAL A 355 -22.96 9.55 4.09
N GLY A 356 -23.17 8.23 4.10
CA GLY A 356 -24.01 7.60 5.10
C GLY A 356 -23.75 8.09 6.52
N ALA A 357 -22.49 8.17 6.92
CA ALA A 357 -22.23 8.64 8.27
C ALA A 357 -22.54 10.10 8.47
N THR A 358 -22.21 10.95 7.51
CA THR A 358 -22.45 12.38 7.67
C THR A 358 -23.94 12.71 7.61
N GLU A 359 -24.72 11.98 6.82
CA GLU A 359 -26.14 12.25 6.74
C GLU A 359 -26.83 11.88 8.05
N TRP A 360 -26.33 10.84 8.72
CA TRP A 360 -26.88 10.43 10.01
C TRP A 360 -26.59 11.50 11.10
N LEU A 361 -25.38 12.06 11.07
CA LEU A 361 -24.98 13.09 12.01
C LEU A 361 -25.75 14.39 11.76
N GLU A 362 -26.08 14.66 10.50
CA GLU A 362 -26.81 15.86 10.15
C GLU A 362 -28.31 15.75 10.44
N GLY A 363 -28.81 14.52 10.52
CA GLY A 363 -30.22 14.30 10.77
C GLY A 363 -30.61 14.10 12.23
N TYR A 364 -29.70 13.53 13.02
CA TYR A 364 -30.01 13.27 14.44
C TYR A 364 -29.03 14.01 15.31
N LEU A 365 -28.66 15.19 14.85
CA LEU A 365 -27.71 16.03 15.56
C LEU A 365 -28.18 16.36 16.98
N SER A 366 -29.45 16.71 17.10
CA SER A 366 -30.07 17.06 18.36
C SER A 366 -30.17 15.87 19.33
N SER A 367 -30.34 14.68 18.77
CA SER A 367 -30.48 13.48 19.58
C SER A 367 -29.15 13.00 20.14
N LEU A 368 -28.05 13.33 19.50
CA LEU A 368 -26.82 12.84 20.04
C LEU A 368 -25.95 13.94 20.59
N HIS A 369 -26.59 15.09 20.85
CA HIS A 369 -25.89 16.23 21.44
C HIS A 369 -25.56 15.89 22.87
N LEU A 370 -24.28 15.88 23.18
CA LEU A 370 -23.86 15.56 24.54
C LEU A 370 -24.36 14.20 25.04
N LYS A 371 -24.64 13.29 24.12
CA LYS A 371 -25.06 11.93 24.45
C LYS A 371 -24.04 10.93 23.91
N ALA A 372 -23.54 11.17 22.71
CA ALA A 372 -22.49 10.33 22.10
C ALA A 372 -21.15 10.89 22.56
N PHE A 373 -20.32 10.07 23.20
CA PHE A 373 -19.04 10.59 23.70
C PHE A 373 -17.78 10.08 22.98
N THR A 374 -17.93 9.06 22.13
CA THR A 374 -16.80 8.54 21.35
C THR A 374 -17.25 7.77 20.12
N TYR A 375 -16.46 7.90 19.05
CA TYR A 375 -16.70 7.17 17.82
C TYR A 375 -15.45 6.37 17.45
N ILE A 376 -15.65 5.09 17.19
CA ILE A 376 -14.55 4.22 16.81
C ILE A 376 -14.77 3.78 15.36
N ASN A 377 -13.78 4.06 14.53
CA ASN A 377 -13.83 3.73 13.11
C ASN A 377 -13.01 2.49 12.79
N LEU A 378 -13.63 1.53 12.12
CA LEU A 378 -12.98 0.28 11.76
C LEU A 378 -12.46 0.17 10.31
N ASP A 379 -12.68 1.20 9.50
CA ASP A 379 -12.26 1.19 8.12
C ASP A 379 -10.76 1.19 7.95
N LYS A 380 -10.30 0.44 6.95
CA LYS A 380 -8.88 0.34 6.64
C LYS A 380 -8.02 0.11 7.90
N ALA A 381 -8.40 -0.87 8.70
CA ALA A 381 -7.65 -1.16 9.91
C ALA A 381 -6.49 -2.10 9.63
N VAL A 382 -6.67 -2.74 8.49
CA VAL A 382 -5.62 -3.66 8.10
C VAL A 382 -5.14 -3.42 6.67
N LEU A 383 -3.94 -2.87 6.53
CA LEU A 383 -3.38 -2.59 5.21
C LEU A 383 -2.01 -3.23 5.09
N GLY A 384 -1.31 -3.29 6.22
CA GLY A 384 0.01 -3.90 6.23
C GLY A 384 0.29 -4.72 7.46
N THR A 385 1.49 -4.59 8.00
CA THR A 385 1.88 -5.32 9.19
C THR A 385 3.07 -4.70 9.90
N SER A 386 3.78 -3.81 9.21
CA SER A 386 4.97 -3.17 9.77
C SER A 386 4.70 -2.38 11.04
N ASN A 387 4.01 -1.26 10.90
CA ASN A 387 3.71 -0.40 12.05
C ASN A 387 2.22 -0.18 12.36
N PHE A 388 1.96 0.34 13.56
CA PHE A 388 0.62 0.61 14.06
C PHE A 388 0.41 2.12 14.06
N LYS A 389 -0.55 2.62 13.29
CA LYS A 389 -0.75 4.07 13.25
C LYS A 389 -2.16 4.46 13.73
N VAL A 390 -2.25 5.45 14.62
CA VAL A 390 -3.56 5.87 15.07
C VAL A 390 -3.71 7.40 15.02
N SER A 391 -4.83 7.84 14.45
CA SER A 391 -5.16 9.25 14.37
C SER A 391 -6.42 9.46 15.18
N ALA A 392 -6.32 10.24 16.26
CA ALA A 392 -7.49 10.48 17.10
C ALA A 392 -7.41 11.81 17.84
N SER A 393 -8.41 12.05 18.66
CA SER A 393 -8.50 13.26 19.48
C SER A 393 -7.47 13.19 20.60
N PRO A 394 -7.11 14.35 21.14
CA PRO A 394 -6.12 14.41 22.21
C PRO A 394 -6.61 13.66 23.44
N LEU A 395 -7.90 13.78 23.73
CA LEU A 395 -8.49 13.14 24.90
C LEU A 395 -8.35 11.61 24.89
N LEU A 396 -8.55 10.99 23.74
CA LEU A 396 -8.44 9.53 23.66
C LEU A 396 -6.98 9.13 23.72
N TYR A 397 -6.08 10.11 23.69
CA TYR A 397 -4.67 9.81 23.72
C TYR A 397 -4.32 8.85 24.83
N THR A 398 -4.71 9.16 26.07
CA THR A 398 -4.41 8.29 27.22
C THR A 398 -5.10 6.93 27.16
N LEU A 399 -6.26 6.88 26.51
CA LEU A 399 -6.98 5.62 26.37
C LEU A 399 -6.26 4.69 25.42
N ILE A 400 -5.59 5.29 24.45
CA ILE A 400 -4.83 4.54 23.46
C ILE A 400 -3.51 4.07 24.08
N GLU A 401 -2.78 4.99 24.71
CA GLU A 401 -1.50 4.69 25.35
C GLU A 401 -1.62 3.48 26.27
N LYS A 402 -2.72 3.42 27.02
CA LYS A 402 -2.98 2.32 27.94
C LYS A 402 -3.29 1.01 27.22
N THR A 403 -3.93 1.10 26.06
CA THR A 403 -4.28 -0.04 25.25
C THR A 403 -3.05 -0.56 24.50
N MET A 404 -2.16 0.36 24.14
CA MET A 404 -0.95 -0.03 23.41
C MET A 404 0.02 -0.82 24.27
N GLN A 405 0.03 -0.55 25.57
CA GLN A 405 0.93 -1.29 26.45
C GLN A 405 0.25 -2.49 27.07
N ASN A 406 -0.88 -2.87 26.48
CA ASN A 406 -1.65 -4.00 26.92
C ASN A 406 -1.87 -5.00 25.79
N VAL A 407 -1.89 -4.52 24.55
CA VAL A 407 -2.09 -5.40 23.39
C VAL A 407 -0.76 -5.73 22.71
N LYS A 408 -0.54 -7.02 22.47
CA LYS A 408 0.69 -7.46 21.82
C LYS A 408 0.58 -7.44 20.29
N HIS A 409 1.70 -7.22 19.62
CA HIS A 409 1.76 -7.22 18.16
C HIS A 409 1.51 -8.64 17.63
N PRO A 410 0.71 -8.79 16.56
CA PRO A 410 0.37 -10.08 15.95
C PRO A 410 1.50 -10.89 15.36
N VAL A 411 2.58 -10.22 14.99
CA VAL A 411 3.70 -10.92 14.40
C VAL A 411 4.78 -11.14 15.42
N THR A 412 5.26 -10.07 16.04
CA THR A 412 6.30 -10.19 17.07
C THR A 412 5.70 -10.51 18.43
N GLY A 413 6.54 -10.45 19.46
CA GLY A 413 6.06 -10.75 20.79
C GLY A 413 5.90 -9.50 21.64
N GLN A 414 6.52 -8.42 21.18
CA GLN A 414 6.50 -7.16 21.92
C GLN A 414 5.15 -6.44 21.88
N PHE A 415 4.93 -5.59 22.89
CA PHE A 415 3.72 -4.80 22.97
C PHE A 415 3.73 -3.68 21.95
N LEU A 416 2.55 -3.11 21.70
CA LEU A 416 2.42 -2.01 20.74
C LEU A 416 3.04 -0.74 21.26
N TYR A 417 3.13 -0.58 22.59
CA TYR A 417 3.74 0.60 23.18
C TYR A 417 5.27 0.49 23.15
N GLN A 418 5.91 1.12 22.17
CA GLN A 418 7.37 1.10 22.08
C GLN A 418 7.99 2.49 22.05
N ASP A 419 7.28 3.43 21.42
CA ASP A 419 7.71 4.83 21.33
C ASP A 419 7.02 5.64 22.41
N SER A 420 7.82 6.27 23.28
CA SER A 420 7.26 7.08 24.36
C SER A 420 6.68 8.38 23.81
N ASN A 421 7.32 8.94 22.80
CA ASN A 421 6.84 10.18 22.19
C ASN A 421 6.01 9.89 20.95
N TRP A 422 5.04 8.99 21.09
CA TRP A 422 4.19 8.63 19.97
C TRP A 422 3.10 9.66 19.76
N ALA A 423 2.72 10.36 20.83
CA ALA A 423 1.65 11.33 20.73
C ALA A 423 2.01 12.48 19.82
N SER A 424 3.29 12.86 19.80
CA SER A 424 3.75 13.95 18.96
C SER A 424 3.88 13.59 17.48
N LYS A 425 3.83 12.30 17.18
CA LYS A 425 3.95 11.84 15.82
C LYS A 425 2.60 11.41 15.27
N VAL A 426 1.53 11.79 15.97
CA VAL A 426 0.18 11.44 15.51
C VAL A 426 -0.25 12.40 14.39
N GLU A 427 -0.78 11.83 13.31
CA GLU A 427 -1.24 12.62 12.17
C GLU A 427 -2.72 12.97 12.30
N LYS A 428 -3.08 14.17 11.84
CA LYS A 428 -4.47 14.65 11.89
C LYS A 428 -5.38 13.82 10.98
N LEU A 429 -6.65 13.75 11.33
CA LEU A 429 -7.64 13.03 10.56
C LEU A 429 -7.91 13.77 9.27
N THR A 430 -8.06 13.02 8.18
CA THR A 430 -8.25 13.62 6.85
C THR A 430 -9.69 13.52 6.36
N LEU A 431 -10.02 14.17 5.24
CA LEU A 431 -11.39 14.17 4.73
C LEU A 431 -11.93 12.84 4.28
N ASP A 432 -11.04 11.97 3.80
CA ASP A 432 -11.48 10.67 3.35
C ASP A 432 -11.86 9.73 4.49
N ASN A 433 -11.34 10.00 5.69
CA ASN A 433 -11.66 9.19 6.88
C ASN A 433 -13.09 9.37 7.38
N ALA A 434 -13.75 8.28 7.75
CA ALA A 434 -15.13 8.37 8.22
C ALA A 434 -15.23 9.00 9.62
N ALA A 435 -14.12 9.07 10.33
CA ALA A 435 -14.12 9.66 11.65
C ALA A 435 -14.06 11.19 11.65
N PHE A 436 -13.69 11.78 10.53
CA PHE A 436 -13.58 13.24 10.41
C PHE A 436 -14.85 14.00 10.70
N PRO A 437 -15.98 13.61 10.07
CA PRO A 437 -17.25 14.26 10.30
C PRO A 437 -17.68 14.20 11.77
N PHE A 438 -17.35 13.11 12.47
CA PHE A 438 -17.73 12.98 13.87
C PHE A 438 -17.02 13.95 14.80
N LEU A 439 -15.73 14.20 14.53
CA LEU A 439 -14.93 15.08 15.37
C LEU A 439 -15.05 16.56 15.03
N ALA A 440 -15.08 16.85 13.73
CA ALA A 440 -15.07 18.25 13.28
C ALA A 440 -16.43 18.92 13.12
N TYR A 441 -17.46 18.12 12.82
CA TYR A 441 -18.79 18.65 12.63
C TYR A 441 -19.62 18.50 13.91
N SER A 442 -19.77 17.26 14.39
CA SER A 442 -20.55 16.92 15.58
C SER A 442 -19.84 17.27 16.91
N GLY A 443 -18.52 17.12 16.97
CA GLY A 443 -17.79 17.40 18.20
C GLY A 443 -17.75 16.18 19.12
N ILE A 444 -17.66 15.00 18.52
CA ILE A 444 -17.57 13.74 19.24
C ILE A 444 -16.14 13.21 19.05
N PRO A 445 -15.42 12.95 20.14
CA PRO A 445 -14.05 12.44 20.00
C PRO A 445 -14.07 11.12 19.23
N ALA A 446 -13.29 11.06 18.17
CA ALA A 446 -13.26 9.86 17.33
C ALA A 446 -11.85 9.31 17.26
N VAL A 447 -11.76 8.03 16.95
CA VAL A 447 -10.48 7.34 16.85
C VAL A 447 -10.45 6.43 15.62
N SER A 448 -9.31 6.44 14.94
CA SER A 448 -9.11 5.61 13.77
C SER A 448 -7.73 5.00 13.89
N PHE A 449 -7.69 3.68 14.04
CA PHE A 449 -6.41 3.00 14.20
C PHE A 449 -6.15 2.14 12.98
N CYS A 450 -4.86 1.86 12.76
CA CYS A 450 -4.41 1.04 11.67
C CYS A 450 -3.13 0.25 11.91
N PHE A 451 -3.12 -1.01 11.45
CA PHE A 451 -1.89 -1.85 11.40
C PHE A 451 -1.43 -1.63 9.94
N CYS A 452 -0.87 -0.43 9.77
CA CYS A 452 -0.45 0.11 8.48
C CYS A 452 0.97 -0.26 8.10
N GLU A 453 1.34 0.10 6.89
CA GLU A 453 2.69 -0.14 6.37
C GLU A 453 3.36 1.21 6.10
N ASP A 454 4.64 1.21 5.77
CA ASP A 454 5.33 2.46 5.49
C ASP A 454 4.68 3.14 4.28
N THR A 455 4.32 2.32 3.29
CA THR A 455 3.68 2.79 2.06
C THR A 455 2.21 2.37 2.05
N ASP A 456 1.33 3.24 1.55
CA ASP A 456 -0.08 2.90 1.52
C ASP A 456 -0.39 1.70 0.62
N TYR A 457 -1.55 1.09 0.86
CA TYR A 457 -2.01 -0.07 0.12
C TYR A 457 -2.25 0.31 -1.33
N PRO A 458 -1.52 -0.32 -2.25
CA PRO A 458 -1.60 -0.06 -3.68
C PRO A 458 -2.94 -0.34 -4.32
N TYR A 459 -3.52 -1.48 -3.99
CA TYR A 459 -4.80 -1.89 -4.59
C TYR A 459 -6.01 -1.40 -3.82
N LEU A 460 -5.92 -0.20 -3.28
CA LEU A 460 -7.00 0.33 -2.47
C LEU A 460 -8.27 0.71 -3.23
N GLY A 461 -8.16 1.65 -4.15
CA GLY A 461 -9.33 2.08 -4.90
C GLY A 461 -9.45 1.47 -6.29
N THR A 462 -8.84 0.30 -6.47
CA THR A 462 -8.85 -0.37 -7.76
C THR A 462 -9.72 -1.60 -7.84
N THR A 463 -9.76 -2.21 -9.02
CA THR A 463 -10.55 -3.43 -9.24
C THR A 463 -9.79 -4.69 -8.75
N MET A 464 -8.58 -4.48 -8.25
CA MET A 464 -7.73 -5.55 -7.73
C MET A 464 -7.68 -5.56 -6.21
N ASP A 465 -8.77 -5.12 -5.59
CA ASP A 465 -8.89 -5.13 -4.13
C ASP A 465 -9.62 -6.42 -3.79
N THR A 466 -8.99 -7.54 -4.16
CA THR A 466 -9.60 -8.86 -3.94
C THR A 466 -9.10 -9.53 -2.68
N TYR A 467 -9.80 -10.58 -2.26
CA TYR A 467 -9.41 -11.33 -1.06
C TYR A 467 -8.07 -12.03 -1.25
N LYS A 468 -7.84 -12.49 -2.48
CA LYS A 468 -6.62 -13.20 -2.87
C LYS A 468 -5.39 -12.34 -2.74
N GLU A 469 -5.52 -11.09 -3.15
CA GLU A 469 -4.41 -10.14 -3.07
C GLU A 469 -4.12 -9.76 -1.62
N LEU A 470 -5.14 -9.82 -0.77
CA LEU A 470 -4.98 -9.48 0.65
C LEU A 470 -4.26 -10.60 1.38
N ILE A 471 -4.56 -11.84 1.00
CA ILE A 471 -3.91 -12.99 1.60
C ILE A 471 -2.44 -13.09 1.19
N GLU A 472 -2.16 -12.76 -0.06
CA GLU A 472 -0.81 -12.84 -0.56
C GLU A 472 0.08 -11.78 0.11
N ARG A 473 -0.44 -10.56 0.29
CA ARG A 473 0.34 -9.48 0.91
C ARG A 473 0.48 -9.60 2.42
N ILE A 474 -0.58 -10.08 3.06
CA ILE A 474 -0.62 -10.30 4.50
C ILE A 474 -0.92 -11.77 4.73
N PRO A 475 0.11 -12.60 4.91
CA PRO A 475 0.00 -14.05 5.14
C PRO A 475 -0.80 -14.40 6.38
N GLU A 476 -0.45 -13.78 7.50
CA GLU A 476 -1.14 -14.01 8.76
C GLU A 476 -2.24 -12.97 8.99
N LEU A 477 -3.24 -12.97 8.12
CA LEU A 477 -4.33 -12.01 8.18
C LEU A 477 -5.22 -12.23 9.39
N ASN A 478 -5.44 -13.49 9.74
CA ASN A 478 -6.27 -13.81 10.88
C ASN A 478 -5.72 -13.30 12.20
N LYS A 479 -4.40 -13.29 12.34
CA LYS A 479 -3.77 -12.82 13.57
C LYS A 479 -3.79 -11.30 13.67
N VAL A 480 -3.71 -10.62 12.52
CA VAL A 480 -3.72 -9.16 12.52
C VAL A 480 -5.14 -8.61 12.71
N ALA A 481 -6.12 -9.33 12.20
CA ALA A 481 -7.51 -8.91 12.35
C ALA A 481 -7.96 -9.14 13.79
N ARG A 482 -7.40 -10.16 14.42
CA ARG A 482 -7.70 -10.43 15.83
C ARG A 482 -7.08 -9.34 16.71
N ALA A 483 -5.90 -8.85 16.33
CA ALA A 483 -5.21 -7.81 17.07
C ALA A 483 -5.93 -6.48 16.92
N ALA A 484 -6.48 -6.27 15.73
CA ALA A 484 -7.25 -5.08 15.42
C ALA A 484 -8.53 -5.04 16.24
N ALA A 485 -9.22 -6.17 16.31
CA ALA A 485 -10.44 -6.28 17.09
C ALA A 485 -10.16 -6.20 18.58
N GLU A 486 -8.96 -6.59 18.99
CA GLU A 486 -8.58 -6.53 20.39
C GLU A 486 -8.38 -5.08 20.84
N VAL A 487 -7.76 -4.27 20.00
CA VAL A 487 -7.54 -2.85 20.31
C VAL A 487 -8.88 -2.13 20.35
N ALA A 488 -9.70 -2.34 19.32
CA ALA A 488 -11.04 -1.75 19.26
C ALA A 488 -11.95 -2.26 20.38
N GLY A 489 -11.79 -3.53 20.72
CA GLY A 489 -12.57 -4.16 21.78
C GLY A 489 -12.24 -3.62 23.17
N GLN A 490 -10.98 -3.23 23.40
CA GLN A 490 -10.62 -2.68 24.68
C GLN A 490 -11.03 -1.22 24.78
N PHE A 491 -11.26 -0.57 23.64
CA PHE A 491 -11.72 0.81 23.69
C PHE A 491 -13.16 0.78 24.22
N VAL A 492 -13.99 -0.09 23.65
CA VAL A 492 -15.39 -0.22 24.06
C VAL A 492 -15.50 -0.55 25.53
N ILE A 493 -14.77 -1.59 25.96
CA ILE A 493 -14.77 -2.01 27.35
C ILE A 493 -14.44 -0.83 28.28
N LYS A 494 -13.23 -0.30 28.17
CA LYS A 494 -12.79 0.80 29.00
C LYS A 494 -13.79 1.97 29.10
N LEU A 495 -14.47 2.28 28.00
CA LEU A 495 -15.39 3.41 28.00
C LEU A 495 -16.78 3.12 28.53
N THR A 496 -17.08 1.86 28.74
CA THR A 496 -18.41 1.53 29.17
C THR A 496 -18.47 0.75 30.46
N HIS A 497 -17.31 0.25 30.87
CA HIS A 497 -17.17 -0.55 32.09
C HIS A 497 -17.13 0.28 33.36
N ASP A 498 -16.21 1.24 33.43
CA ASP A 498 -16.06 2.04 34.64
C ASP A 498 -16.97 3.27 34.64
N VAL A 499 -17.37 3.70 35.83
CA VAL A 499 -18.23 4.86 35.99
C VAL A 499 -17.50 6.16 35.71
N GLU A 500 -16.19 6.10 35.67
CA GLU A 500 -15.38 7.27 35.34
C GLU A 500 -15.08 7.21 33.86
N LEU A 501 -15.25 8.34 33.16
CA LEU A 501 -14.96 8.40 31.74
C LEU A 501 -13.47 8.44 31.47
N ASN A 502 -13.01 7.71 30.47
CA ASN A 502 -11.58 7.71 30.16
C ASN A 502 -11.14 8.84 29.25
N LEU A 503 -12.02 9.81 29.02
CA LEU A 503 -11.69 10.98 28.19
C LEU A 503 -10.76 11.91 28.94
N ASP A 504 -9.50 11.99 28.50
CA ASP A 504 -8.52 12.82 29.20
C ASP A 504 -8.50 14.27 28.75
N TYR A 505 -9.15 15.12 29.52
CA TYR A 505 -9.21 16.53 29.22
C TYR A 505 -7.87 17.24 29.41
N GLU A 506 -7.01 16.62 30.23
CA GLU A 506 -5.68 17.14 30.59
C GLU A 506 -4.74 17.22 29.39
N ARG A 507 -4.91 16.31 28.44
CA ARG A 507 -3.99 16.12 27.33
C ARG A 507 -3.88 17.38 26.47
N TYR A 508 -5.01 18.07 26.35
CA TYR A 508 -5.22 19.19 25.45
C TYR A 508 -4.32 20.37 25.77
N ASN A 509 -3.89 20.47 27.02
CA ASN A 509 -3.09 21.59 27.44
C ASN A 509 -1.83 21.62 26.60
N SER A 510 -1.28 20.45 26.29
CA SER A 510 -0.14 20.41 25.36
C SER A 510 -0.49 20.97 23.99
N GLN A 511 -1.73 20.75 23.57
CA GLN A 511 -2.24 21.24 22.28
C GLN A 511 -2.34 22.76 22.25
N LEU A 512 -2.78 23.35 23.35
CA LEU A 512 -2.90 24.80 23.42
C LEU A 512 -1.56 25.46 23.59
N LEU A 513 -0.67 24.77 24.27
CA LEU A 513 0.68 25.28 24.48
C LEU A 513 1.42 25.34 23.16
N SER A 514 1.16 24.35 22.31
CA SER A 514 1.76 24.25 20.99
C SER A 514 1.31 25.39 20.09
N PHE A 515 0.04 25.75 20.20
CA PHE A 515 -0.52 26.83 19.41
C PHE A 515 0.02 28.18 19.82
N VAL A 516 0.16 28.40 21.12
CA VAL A 516 0.67 29.67 21.57
C VAL A 516 2.15 29.81 21.35
N ARG A 517 2.89 28.72 21.40
CA ARG A 517 4.31 28.80 21.10
C ARG A 517 4.51 29.16 19.62
N ASP A 518 3.69 28.59 18.74
CA ASP A 518 3.80 28.92 17.32
C ASP A 518 3.41 30.37 17.04
N LEU A 519 2.53 30.91 17.87
CA LEU A 519 2.08 32.28 17.71
C LEU A 519 3.04 33.23 18.42
N ASN A 520 3.85 32.66 19.29
CA ASN A 520 4.82 33.46 20.02
C ASN A 520 6.01 33.77 19.13
N GLN A 521 6.23 32.95 18.11
CA GLN A 521 7.33 33.19 17.18
C GLN A 521 7.09 34.48 16.39
N TYR A 522 5.83 34.83 16.17
CA TYR A 522 5.48 36.04 15.44
C TYR A 522 5.08 37.18 16.39
N ARG A 523 5.66 37.19 17.59
CA ARG A 523 5.33 38.20 18.60
C ARG A 523 5.72 39.61 18.17
N ALA A 524 6.74 39.73 17.32
CA ALA A 524 7.18 41.05 16.87
C ALA A 524 6.18 41.70 15.94
N ASP A 525 5.54 40.91 15.08
CA ASP A 525 4.55 41.40 14.13
C ASP A 525 3.27 41.82 14.79
N ILE A 526 2.96 41.17 15.91
CA ILE A 526 1.75 41.48 16.67
C ILE A 526 1.96 42.73 17.50
N LYS A 527 3.18 42.91 17.99
CA LYS A 527 3.53 44.08 18.78
C LYS A 527 3.53 45.31 17.89
N GLU A 528 3.91 45.14 16.62
CA GLU A 528 3.92 46.26 15.67
C GLU A 528 2.52 46.83 15.49
N MET A 529 1.53 45.97 15.38
CA MET A 529 0.13 46.39 15.28
C MET A 529 -0.37 46.73 16.69
N GLY A 530 -1.56 47.33 16.78
CA GLY A 530 -2.13 47.67 18.07
C GLY A 530 -2.75 46.44 18.71
N LEU A 531 -1.93 45.42 18.92
CA LEU A 531 -2.39 44.15 19.49
C LEU A 531 -1.43 43.61 20.54
N SER A 532 -1.98 42.95 21.55
CA SER A 532 -1.18 42.32 22.60
C SER A 532 -1.45 40.83 22.66
N LEU A 533 -0.48 40.10 23.21
CA LEU A 533 -0.62 38.66 23.28
C LEU A 533 -0.93 38.18 24.70
N GLN A 534 -0.89 39.09 25.68
CA GLN A 534 -1.14 38.73 27.08
C GLN A 534 -2.48 38.04 27.36
N TRP A 535 -3.51 38.35 26.57
CA TRP A 535 -4.85 37.77 26.74
C TRP A 535 -4.92 36.32 26.30
N LEU A 536 -4.06 35.93 25.36
CA LEU A 536 -3.99 34.54 24.90
C LEU A 536 -3.17 33.70 25.84
N TYR A 537 -2.29 34.35 26.59
CA TYR A 537 -1.50 33.64 27.60
C TYR A 537 -2.42 33.24 28.75
N SER A 538 -3.31 34.16 29.16
CA SER A 538 -4.27 33.90 30.23
C SER A 538 -5.32 32.90 29.80
N ALA A 539 -5.77 32.99 28.56
CA ALA A 539 -6.78 32.05 28.06
C ALA A 539 -6.27 30.63 28.14
N ARG A 540 -5.00 30.45 27.80
CA ARG A 540 -4.34 29.16 27.87
C ARG A 540 -4.15 28.73 29.34
N GLY A 541 -3.66 29.66 30.16
CA GLY A 541 -3.44 29.44 31.59
C GLY A 541 -4.73 29.08 32.29
N ASP A 542 -5.79 29.84 32.02
CA ASP A 542 -7.08 29.55 32.63
C ASP A 542 -7.60 28.17 32.24
N PHE A 543 -7.20 27.66 31.08
CA PHE A 543 -7.63 26.33 30.67
C PHE A 543 -6.97 25.21 31.47
N PHE A 544 -5.75 25.47 31.89
CA PHE A 544 -4.98 24.54 32.71
C PHE A 544 -5.58 24.50 34.10
N ARG A 545 -5.81 25.68 34.65
CA ARG A 545 -6.38 25.80 35.97
C ARG A 545 -7.74 25.16 36.01
N ALA A 546 -8.44 25.17 34.89
CA ALA A 546 -9.74 24.54 34.82
C ALA A 546 -9.65 23.02 34.84
N THR A 547 -8.66 22.45 34.17
CA THR A 547 -8.51 21.00 34.17
C THR A 547 -7.92 20.55 35.48
N SER A 548 -7.04 21.37 36.06
CA SER A 548 -6.40 21.06 37.34
C SER A 548 -7.43 21.03 38.47
N ARG A 549 -8.38 21.96 38.41
CA ARG A 549 -9.45 22.02 39.39
C ARG A 549 -10.37 20.81 39.21
N LEU A 550 -10.60 20.41 37.98
CA LEU A 550 -11.46 19.26 37.70
C LEU A 550 -10.80 17.95 38.06
N THR A 551 -9.49 17.93 38.00
CA THR A 551 -8.76 16.72 38.34
C THR A 551 -8.80 16.53 39.85
N THR A 552 -8.64 17.62 40.59
CA THR A 552 -8.75 17.57 42.04
C THR A 552 -10.18 17.23 42.47
N ASP A 553 -11.17 17.76 41.74
CA ASP A 553 -12.59 17.50 42.00
C ASP A 553 -12.97 16.04 41.79
N PHE A 554 -12.21 15.33 40.95
CA PHE A 554 -12.45 13.92 40.77
C PHE A 554 -11.83 13.21 41.99
N GLY A 555 -10.66 13.70 42.41
CA GLY A 555 -9.96 13.16 43.57
C GLY A 555 -10.70 13.29 44.90
N ASN A 556 -11.47 14.35 45.05
CA ASN A 556 -12.22 14.57 46.29
C ASN A 556 -13.65 14.11 46.26
N ALA A 557 -13.96 13.22 45.34
CA ALA A 557 -15.31 12.73 45.24
C ALA A 557 -15.39 11.22 45.33
N GLU A 558 -16.48 10.71 45.89
CA GLU A 558 -16.66 9.28 46.03
C GLU A 558 -17.08 8.67 44.71
N LYS A 559 -16.34 7.65 44.28
CA LYS A 559 -16.61 6.98 43.00
C LYS A 559 -17.90 6.18 42.96
N THR A 560 -18.31 5.67 44.10
CA THR A 560 -19.51 4.84 44.16
C THR A 560 -20.81 5.66 44.07
N ASP A 561 -20.74 6.94 44.41
CA ASP A 561 -21.91 7.82 44.34
C ASP A 561 -22.26 8.18 42.90
N ARG A 562 -23.51 7.90 42.50
CA ARG A 562 -23.94 8.14 41.13
C ARG A 562 -24.14 9.61 40.81
N PHE A 563 -24.74 10.35 41.73
CA PHE A 563 -25.05 11.73 41.47
C PHE A 563 -23.85 12.66 41.30
N VAL A 564 -22.87 12.56 42.21
CA VAL A 564 -21.69 13.40 42.14
C VAL A 564 -20.90 13.15 40.86
N MET A 565 -20.76 11.86 40.51
CA MET A 565 -20.03 11.46 39.32
C MET A 565 -20.64 11.96 38.02
N LYS A 566 -21.97 11.92 37.94
CA LYS A 566 -22.68 12.33 36.74
C LYS A 566 -22.50 13.83 36.54
N LYS A 567 -22.40 14.58 37.63
CA LYS A 567 -22.23 16.01 37.49
C LYS A 567 -20.83 16.31 36.98
N LEU A 568 -19.88 15.42 37.27
CA LEU A 568 -18.50 15.62 36.83
C LEU A 568 -18.23 15.10 35.43
N ASN A 569 -18.91 14.02 35.09
CA ASN A 569 -18.72 13.42 33.78
C ASN A 569 -19.39 14.23 32.71
N ASP A 570 -20.42 14.99 33.08
CA ASP A 570 -21.08 15.83 32.09
C ASP A 570 -20.20 17.02 31.73
N ARG A 571 -19.34 17.43 32.65
CA ARG A 571 -18.43 18.53 32.36
C ARG A 571 -17.32 18.06 31.45
N VAL A 572 -16.99 16.78 31.52
CA VAL A 572 -15.96 16.23 30.65
C VAL A 572 -16.50 16.09 29.23
N MET A 573 -17.77 15.73 29.11
CA MET A 573 -18.41 15.56 27.80
C MET A 573 -18.64 16.86 27.05
N ARG A 574 -18.32 17.98 27.68
CA ARG A 574 -18.55 19.25 27.02
C ARG A 574 -17.31 19.89 26.43
N VAL A 575 -16.13 19.36 26.73
CA VAL A 575 -14.91 19.95 26.20
C VAL A 575 -14.75 19.94 24.70
N GLU A 576 -15.14 18.84 24.06
CA GLU A 576 -15.03 18.71 22.62
C GLU A 576 -16.02 19.63 21.93
N TYR A 577 -17.23 19.74 22.51
CA TYR A 577 -18.26 20.62 21.99
C TYR A 577 -17.85 22.10 22.05
N HIS A 578 -17.20 22.48 23.13
CA HIS A 578 -16.79 23.86 23.33
C HIS A 578 -15.65 24.33 22.45
N PHE A 579 -15.11 23.40 21.67
CA PHE A 579 -14.03 23.72 20.75
C PHE A 579 -14.57 23.94 19.35
N LEU A 580 -15.87 23.68 19.16
CA LEU A 580 -16.58 23.94 17.90
C LEU A 580 -16.90 25.41 17.89
N SER A 581 -16.50 26.11 16.83
CA SER A 581 -16.73 27.55 16.79
C SER A 581 -18.20 27.88 16.86
N PRO A 582 -18.55 28.82 17.73
CA PRO A 582 -19.95 29.20 17.85
C PRO A 582 -20.25 30.49 17.09
N TYR A 583 -19.38 30.84 16.15
CA TYR A 583 -19.50 32.06 15.37
C TYR A 583 -19.79 31.82 13.88
N VAL A 584 -19.52 30.61 13.42
CA VAL A 584 -19.75 30.25 12.03
C VAL A 584 -20.96 29.38 11.82
N SER A 585 -21.61 29.55 10.68
CA SER A 585 -22.77 28.78 10.33
C SER A 585 -22.44 27.33 10.00
N PRO A 586 -23.09 26.40 10.70
CA PRO A 586 -22.90 24.96 10.52
C PRO A 586 -23.27 24.45 9.13
N LYS A 587 -24.02 25.25 8.36
CA LYS A 587 -24.42 24.86 7.01
C LYS A 587 -23.31 25.23 6.02
N GLU A 588 -22.80 26.45 6.10
CA GLU A 588 -21.74 26.90 5.20
C GLU A 588 -20.37 26.34 5.59
N SER A 589 -20.08 26.34 6.88
CA SER A 589 -18.83 25.79 7.42
C SER A 589 -19.09 24.66 8.42
N PRO A 590 -19.55 23.49 7.93
CA PRO A 590 -19.83 22.38 8.84
C PRO A 590 -18.70 21.98 9.75
N PHE A 591 -17.46 22.10 9.30
CA PHE A 591 -16.34 21.69 10.17
C PHE A 591 -15.94 22.79 11.16
N ARG A 592 -16.83 23.02 12.12
CA ARG A 592 -16.68 24.07 13.10
C ARG A 592 -15.51 23.95 14.06
N HIS A 593 -15.05 22.72 14.29
CA HIS A 593 -13.97 22.50 15.24
C HIS A 593 -12.71 23.34 14.93
N VAL A 594 -12.28 24.14 15.90
CA VAL A 594 -11.13 25.05 15.73
C VAL A 594 -9.75 24.43 15.66
N PHE A 595 -9.63 23.16 15.99
CA PHE A 595 -8.33 22.49 15.92
C PHE A 595 -8.22 21.68 14.66
N TRP A 596 -9.22 20.81 14.43
CA TRP A 596 -9.19 19.98 13.24
C TRP A 596 -10.35 20.17 12.28
N GLY A 597 -10.52 21.38 11.77
CA GLY A 597 -11.59 21.65 10.83
C GLY A 597 -11.02 22.38 9.63
N SER A 598 -11.89 22.99 8.84
CA SER A 598 -11.42 23.77 7.70
C SER A 598 -12.20 25.07 7.76
N GLY A 599 -11.49 26.20 7.67
CA GLY A 599 -12.15 27.49 7.74
C GLY A 599 -11.26 28.56 8.33
N SER A 600 -11.70 29.80 8.21
CA SER A 600 -10.91 30.89 8.74
C SER A 600 -11.04 30.90 10.26
N HIS A 601 -12.05 30.18 10.75
CA HIS A 601 -12.33 30.06 12.18
C HIS A 601 -11.34 29.20 12.94
N THR A 602 -10.69 28.28 12.24
CA THR A 602 -9.74 27.38 12.88
C THR A 602 -8.46 28.08 13.28
N LEU A 603 -7.83 27.50 14.30
CA LEU A 603 -6.57 27.98 14.88
C LEU A 603 -5.39 27.89 13.95
N PRO A 604 -5.34 26.84 13.11
CA PRO A 604 -4.21 26.73 12.18
C PRO A 604 -4.30 27.86 11.14
N ALA A 605 -5.51 28.13 10.67
CA ALA A 605 -5.73 29.18 9.71
C ALA A 605 -5.32 30.56 10.23
N LEU A 606 -5.31 30.74 11.54
CA LEU A 606 -4.90 32.01 12.12
C LEU A 606 -3.40 32.17 11.93
N LEU A 607 -2.67 31.08 12.08
CA LEU A 607 -1.22 31.06 11.90
C LEU A 607 -0.88 31.17 10.42
N GLU A 608 -1.63 30.45 9.58
CA GLU A 608 -1.38 30.48 8.13
C GLU A 608 -1.56 31.86 7.55
N ASN A 609 -2.50 32.62 8.11
CA ASN A 609 -2.74 33.97 7.63
C ASN A 609 -1.65 34.94 8.06
N LEU A 610 -1.07 34.68 9.22
CA LEU A 610 -0.02 35.54 9.75
C LEU A 610 1.32 35.24 9.09
N LYS A 611 1.42 34.14 8.37
CA LYS A 611 2.66 33.78 7.67
C LYS A 611 2.91 34.67 6.44
N LEU A 612 1.83 35.28 5.95
CA LEU A 612 1.88 36.17 4.79
C LEU A 612 2.31 37.57 5.19
N ARG A 613 2.24 37.85 6.50
CA ARG A 613 2.62 39.13 7.02
C ARG A 613 4.14 39.31 7.00
N LYS A 614 4.87 38.25 7.31
CA LYS A 614 6.32 38.29 7.35
C LYS A 614 6.96 38.46 5.97
N GLN A 615 6.25 38.09 4.90
CA GLN A 615 6.77 38.23 3.53
C GLN A 615 6.50 39.60 2.90
N ASN A 616 5.75 40.44 3.62
CA ASN A 616 5.39 41.79 3.18
C ASN A 616 4.71 41.88 1.82
N ASN A 617 3.80 40.96 1.54
CA ASN A 617 3.07 40.96 0.27
C ASN A 617 1.59 41.33 0.46
N GLY A 618 0.89 41.54 -0.66
CA GLY A 618 -0.52 41.89 -0.61
C GLY A 618 -1.46 40.70 -0.51
N ALA A 619 -1.22 39.84 0.49
CA ALA A 619 -2.05 38.66 0.72
C ALA A 619 -2.57 38.58 2.15
N PHE A 620 -1.85 39.24 3.05
CA PHE A 620 -2.23 39.30 4.46
C PHE A 620 -3.36 40.31 4.64
N ASN A 621 -4.43 39.83 5.28
CA ASN A 621 -5.60 40.62 5.55
C ASN A 621 -5.62 41.03 7.03
N GLU A 622 -5.31 42.30 7.33
CA GLU A 622 -5.25 42.76 8.72
C GLU A 622 -6.62 42.81 9.39
N THR A 623 -7.65 43.21 8.65
CA THR A 623 -8.98 43.27 9.23
C THR A 623 -9.52 41.89 9.52
N LEU A 624 -9.08 40.89 8.75
CA LEU A 624 -9.54 39.51 8.96
C LEU A 624 -8.80 38.86 10.12
N PHE A 625 -7.52 39.22 10.24
CA PHE A 625 -6.70 38.68 11.30
C PHE A 625 -7.13 39.22 12.65
N ARG A 626 -7.51 40.49 12.72
CA ARG A 626 -7.95 41.05 14.00
C ARG A 626 -9.23 40.37 14.47
N ASN A 627 -10.08 39.96 13.53
CA ASN A 627 -11.32 39.25 13.88
C ASN A 627 -11.00 37.78 14.21
N GLN A 628 -10.09 37.18 13.46
CA GLN A 628 -9.68 35.80 13.70
C GLN A 628 -9.13 35.60 15.09
N LEU A 629 -8.33 36.57 15.53
CA LEU A 629 -7.71 36.52 16.83
C LEU A 629 -8.72 36.79 17.93
N ALA A 630 -9.70 37.63 17.63
CA ALA A 630 -10.68 37.99 18.63
C ALA A 630 -11.55 36.82 19.04
N LEU A 631 -12.10 36.13 18.03
CA LEU A 631 -12.97 34.98 18.27
C LEU A 631 -12.22 33.80 18.85
N ALA A 632 -11.03 33.51 18.32
CA ALA A 632 -10.29 32.38 18.84
C ALA A 632 -9.88 32.62 20.29
N THR A 633 -9.48 33.85 20.65
CA THR A 633 -9.11 34.08 22.04
C THR A 633 -10.28 33.76 22.95
N TRP A 634 -11.47 34.18 22.54
CA TRP A 634 -12.65 33.93 23.35
C TRP A 634 -13.19 32.51 23.25
N THR A 635 -12.78 31.79 22.22
CA THR A 635 -13.20 30.40 22.11
C THR A 635 -12.44 29.56 23.12
N ILE A 636 -11.15 29.81 23.26
CA ILE A 636 -10.34 29.12 24.25
C ILE A 636 -10.72 29.58 25.66
N GLN A 637 -11.00 30.88 25.83
CA GLN A 637 -11.39 31.41 27.13
C GLN A 637 -12.74 30.87 27.57
N GLY A 638 -13.71 30.92 26.66
CA GLY A 638 -15.05 30.41 26.92
C GLY A 638 -15.04 28.93 27.26
N ALA A 639 -14.18 28.17 26.60
CA ALA A 639 -14.06 26.76 26.92
C ALA A 639 -13.46 26.56 28.31
N ALA A 640 -12.59 27.47 28.73
CA ALA A 640 -11.96 27.42 30.04
C ALA A 640 -12.93 27.80 31.13
N ASN A 641 -13.69 28.86 30.87
CA ASN A 641 -14.64 29.34 31.86
C ASN A 641 -15.76 28.35 32.11
N ALA A 642 -16.15 27.64 31.06
CA ALA A 642 -17.24 26.70 31.16
C ALA A 642 -16.83 25.37 31.73
N LEU A 643 -15.53 25.15 31.87
CA LEU A 643 -15.07 23.86 32.35
C LEU A 643 -15.15 23.73 33.84
N SER A 644 -14.74 24.78 34.55
CA SER A 644 -14.75 24.76 36.01
C SER A 644 -15.22 26.07 36.63
N GLY A 645 -15.69 26.00 37.88
CA GLY A 645 -16.12 27.19 38.61
C GLY A 645 -17.51 27.71 38.34
N ASP A 646 -18.32 26.97 37.59
CA ASP A 646 -19.68 27.39 37.28
C ASP A 646 -19.74 28.76 36.59
N VAL A 647 -20.72 29.58 36.96
CA VAL A 647 -20.91 30.91 36.35
C VAL A 647 -20.61 32.12 37.25
N TRP A 648 -20.12 31.88 38.46
CA TRP A 648 -19.83 32.95 39.40
C TRP A 648 -18.45 32.79 40.02
N ASP A 649 -17.89 31.60 39.91
CA ASP A 649 -16.57 31.33 40.46
C ASP A 649 -15.45 31.75 39.51
N ILE A 650 -15.84 32.14 38.30
CA ILE A 650 -14.91 32.62 37.29
C ILE A 650 -14.33 33.96 37.71
N ASP A 651 -13.10 34.23 37.29
CA ASP A 651 -12.44 35.43 37.76
C ASP A 651 -12.74 36.54 36.77
N ASN A 652 -11.75 36.93 35.99
CA ASN A 652 -11.95 38.04 35.06
C ASN A 652 -13.41 38.24 34.71
N ARG B 15 11.20 -36.44 -25.30
CA ARG B 15 11.79 -36.96 -24.03
C ARG B 15 12.02 -35.86 -22.98
N LEU B 16 12.70 -34.79 -23.37
CA LEU B 16 12.95 -33.68 -22.44
C LEU B 16 12.24 -32.40 -22.87
N TYR B 17 11.28 -31.98 -22.04
CA TYR B 17 10.50 -30.78 -22.31
C TYR B 17 11.11 -29.55 -21.65
N TRP B 18 10.41 -28.43 -21.76
CA TRP B 18 10.87 -27.16 -21.21
C TRP B 18 10.91 -27.19 -19.69
N ASP B 19 9.92 -27.83 -19.08
CA ASP B 19 9.86 -27.92 -17.63
C ASP B 19 11.01 -28.77 -17.10
N ASP B 20 11.37 -29.80 -17.85
CA ASP B 20 12.47 -30.68 -17.46
C ASP B 20 13.82 -30.02 -17.66
N LEU B 21 13.92 -29.17 -18.67
CA LEU B 21 15.16 -28.46 -18.99
C LEU B 21 15.38 -27.21 -18.16
N LYS B 22 14.31 -26.72 -17.54
CA LYS B 22 14.39 -25.55 -16.67
C LYS B 22 15.07 -25.98 -15.36
N ARG B 23 14.71 -27.17 -14.88
CA ARG B 23 15.28 -27.71 -13.65
C ARG B 23 16.73 -28.11 -13.83
N LYS B 24 17.05 -28.77 -14.95
CA LYS B 24 18.42 -29.19 -15.25
C LYS B 24 19.37 -28.00 -15.44
N LEU B 25 18.82 -26.85 -15.83
CA LEU B 25 19.66 -25.66 -16.00
C LEU B 25 19.87 -24.99 -14.66
N SER B 26 18.84 -25.07 -13.82
CA SER B 26 18.89 -24.45 -12.51
C SER B 26 19.81 -25.23 -11.59
N GLU B 27 19.83 -26.55 -11.74
CA GLU B 27 20.70 -27.40 -10.91
C GLU B 27 22.18 -27.15 -11.19
N LYS B 28 22.51 -26.90 -12.45
CA LYS B 28 23.87 -26.61 -12.86
C LYS B 28 24.29 -25.21 -12.41
N LEU B 29 23.32 -24.30 -12.34
CA LEU B 29 23.61 -22.92 -11.92
C LEU B 29 23.95 -22.81 -10.43
N ASP B 30 23.31 -23.63 -9.62
CA ASP B 30 23.54 -23.65 -8.18
C ASP B 30 24.84 -24.39 -7.87
N SER B 31 25.21 -25.29 -8.78
CA SER B 31 26.41 -26.09 -8.61
C SER B 31 27.68 -25.35 -9.00
N THR B 32 27.57 -24.44 -9.96
CA THR B 32 28.77 -23.71 -10.42
C THR B 32 28.97 -22.40 -9.71
N ASP B 33 30.25 -22.05 -9.53
CA ASP B 33 30.64 -20.81 -8.87
C ASP B 33 31.06 -19.76 -9.90
N PHE B 34 30.48 -18.57 -9.80
CA PHE B 34 30.78 -17.52 -10.76
C PHE B 34 31.80 -16.48 -10.31
N THR B 35 31.75 -16.11 -9.03
CA THR B 35 32.65 -15.09 -8.51
C THR B 35 34.11 -15.51 -8.52
N SER B 36 34.36 -16.82 -8.48
CA SER B 36 35.73 -17.34 -8.51
C SER B 36 36.34 -17.24 -9.91
N THR B 37 35.49 -17.48 -10.91
CA THR B 37 35.91 -17.46 -12.31
C THR B 37 36.34 -16.08 -12.78
N ILE B 38 35.62 -15.06 -12.32
CA ILE B 38 35.93 -13.68 -12.66
C ILE B 38 37.24 -13.28 -11.98
N LYS B 39 37.45 -13.83 -10.79
CA LYS B 39 38.65 -13.56 -10.01
C LYS B 39 39.88 -14.13 -10.70
N LEU B 40 39.71 -15.28 -11.34
CA LEU B 40 40.80 -15.94 -12.06
C LEU B 40 41.18 -15.16 -13.31
N LEU B 41 40.20 -14.44 -13.88
CA LEU B 41 40.45 -13.65 -15.09
C LEU B 41 41.17 -12.35 -14.81
N ASN B 42 41.14 -11.93 -13.55
CA ASN B 42 41.80 -10.70 -13.17
C ASN B 42 43.13 -10.95 -12.48
N GLU B 43 43.84 -11.98 -12.93
CA GLU B 43 45.15 -12.30 -12.39
C GLU B 43 46.25 -11.43 -13.00
N ASN B 44 47.46 -11.56 -12.47
CA ASN B 44 48.61 -10.77 -12.94
C ASN B 44 48.98 -11.03 -14.40
N SER B 45 48.53 -12.17 -14.93
CA SER B 45 48.82 -12.56 -16.32
C SER B 45 47.83 -12.05 -17.37
N TYR B 46 46.86 -11.27 -16.92
CA TYR B 46 45.84 -10.72 -17.81
C TYR B 46 45.54 -9.23 -17.50
N VAL B 47 46.50 -8.55 -16.89
CA VAL B 47 46.35 -7.13 -16.52
C VAL B 47 46.45 -6.29 -17.78
N PRO B 48 47.54 -6.43 -18.55
CA PRO B 48 47.57 -5.61 -19.77
C PRO B 48 46.69 -6.34 -20.82
N ARG B 49 45.37 -6.25 -20.67
CA ARG B 49 44.44 -6.93 -21.58
C ARG B 49 44.09 -6.13 -22.83
N GLU B 50 44.99 -5.22 -23.23
CA GLU B 50 44.77 -4.40 -24.43
C GLU B 50 44.59 -5.30 -25.65
N ALA B 51 43.87 -4.80 -26.66
CA ALA B 51 43.56 -5.58 -27.85
C ALA B 51 44.79 -5.87 -28.71
N GLY B 52 45.08 -7.15 -28.91
CA GLY B 52 46.22 -7.55 -29.75
C GLY B 52 47.53 -7.75 -29.01
N SER B 53 47.49 -7.59 -27.70
CA SER B 53 48.66 -7.74 -26.85
C SER B 53 48.97 -9.21 -26.55
N GLN B 54 50.09 -9.41 -25.86
CA GLN B 54 50.56 -10.74 -25.48
C GLN B 54 49.64 -11.37 -24.44
N LYS B 55 49.16 -10.55 -23.52
CA LYS B 55 48.27 -11.02 -22.46
C LYS B 55 46.89 -11.29 -23.06
N ASP B 56 46.54 -10.54 -24.11
CA ASP B 56 45.27 -10.74 -24.83
C ASP B 56 45.24 -12.10 -25.54
N GLU B 57 46.39 -12.45 -26.12
CA GLU B 57 46.55 -13.72 -26.80
C GLU B 57 46.59 -14.89 -25.83
N ASN B 58 47.18 -14.64 -24.67
CA ASN B 58 47.29 -15.64 -23.60
C ASN B 58 45.90 -16.01 -23.07
N LEU B 59 45.01 -15.03 -22.95
CA LEU B 59 43.63 -15.28 -22.52
C LEU B 59 42.86 -15.96 -23.65
N ALA B 60 43.22 -15.60 -24.89
CA ALA B 60 42.58 -16.19 -26.08
C ALA B 60 42.82 -17.70 -26.14
N LEU B 61 44.09 -18.11 -26.03
CA LEU B 61 44.45 -19.54 -26.03
C LEU B 61 43.85 -20.32 -24.84
N TYR B 62 43.63 -19.61 -23.73
CA TYR B 62 43.00 -20.17 -22.55
C TYR B 62 41.56 -20.55 -22.82
N VAL B 63 40.85 -19.66 -23.50
CA VAL B 63 39.45 -19.85 -23.87
C VAL B 63 39.32 -20.95 -24.92
N GLU B 64 40.24 -20.96 -25.88
CA GLU B 64 40.27 -21.96 -26.94
C GLU B 64 40.48 -23.37 -26.41
N ASN B 65 41.37 -23.48 -25.43
CA ASN B 65 41.59 -24.72 -24.69
C ASN B 65 40.36 -25.13 -23.88
N GLN B 66 39.72 -24.15 -23.26
CA GLN B 66 38.56 -24.39 -22.40
C GLN B 66 37.40 -24.97 -23.19
N PHE B 67 37.19 -24.46 -24.40
CA PHE B 67 36.14 -24.96 -25.27
C PHE B 67 36.43 -26.42 -25.61
N ARG B 68 37.70 -26.71 -25.85
CA ARG B 68 38.13 -28.06 -26.20
C ARG B 68 38.00 -28.98 -24.98
N GLU B 69 38.21 -28.42 -23.78
CA GLU B 69 38.10 -29.16 -22.54
C GLU B 69 36.66 -29.60 -22.28
N PHE B 70 35.70 -28.75 -22.61
CA PHE B 70 34.31 -29.10 -22.41
C PHE B 70 33.82 -30.15 -23.40
N LYS B 71 34.69 -30.45 -24.38
CA LYS B 71 34.39 -31.43 -25.41
C LYS B 71 33.16 -31.04 -26.21
N LEU B 72 33.31 -29.98 -26.99
CA LEU B 72 32.25 -29.47 -27.84
C LEU B 72 32.26 -30.17 -29.22
N SER B 73 31.41 -29.72 -30.14
CA SER B 73 31.34 -30.35 -31.45
C SER B 73 32.56 -30.02 -32.29
N LYS B 74 32.90 -28.74 -32.35
CA LYS B 74 34.08 -28.30 -33.10
C LYS B 74 34.55 -26.96 -32.56
N VAL B 75 35.86 -26.81 -32.44
CA VAL B 75 36.42 -25.57 -31.97
C VAL B 75 37.37 -25.03 -33.02
N TRP B 76 37.09 -23.81 -33.47
CA TRP B 76 37.92 -23.22 -34.50
C TRP B 76 38.30 -21.79 -34.14
N ARG B 77 39.47 -21.39 -34.60
CA ARG B 77 40.00 -20.08 -34.30
C ARG B 77 40.09 -19.28 -35.60
N ASP B 78 39.84 -17.98 -35.51
CA ASP B 78 39.88 -17.12 -36.69
C ASP B 78 40.74 -15.89 -36.39
N GLN B 79 41.65 -15.50 -37.29
CA GLN B 79 42.52 -14.35 -37.04
C GLN B 79 42.32 -13.20 -38.01
N HIS B 80 42.46 -11.97 -37.49
CA HIS B 80 42.32 -10.76 -38.31
C HIS B 80 43.52 -9.83 -38.12
N PHE B 81 43.66 -8.85 -39.00
CA PHE B 81 44.75 -7.89 -38.92
C PHE B 81 44.18 -6.51 -39.16
N VAL B 82 43.96 -5.77 -38.08
CA VAL B 82 43.38 -4.44 -38.18
C VAL B 82 44.32 -3.37 -37.70
N LYS B 83 44.03 -2.14 -38.11
CA LYS B 83 44.85 -1.01 -37.70
C LYS B 83 44.17 -0.21 -36.58
N ILE B 84 44.68 -0.35 -35.35
CA ILE B 84 44.16 0.38 -34.20
C ILE B 84 45.13 1.52 -33.86
N GLN B 85 44.64 2.47 -33.08
CA GLN B 85 45.46 3.63 -32.69
C GLN B 85 45.92 3.51 -31.24
N VAL B 86 47.20 3.76 -31.02
CA VAL B 86 47.78 3.69 -29.69
C VAL B 86 48.70 4.88 -29.41
N LYS B 87 48.97 5.11 -28.13
CA LYS B 87 49.84 6.20 -27.69
C LYS B 87 51.31 5.81 -27.82
N ASP B 88 52.14 6.75 -28.27
CA ASP B 88 53.56 6.46 -28.46
C ASP B 88 54.43 7.20 -27.44
N SER B 89 55.71 7.37 -27.80
CA SER B 89 56.69 8.04 -26.95
C SER B 89 56.33 9.50 -26.73
N ALA B 90 55.83 10.16 -27.78
CA ALA B 90 55.39 11.55 -27.66
C ALA B 90 54.10 11.63 -26.84
N GLN B 91 54.24 12.12 -25.59
CA GLN B 91 53.11 12.20 -24.69
C GLN B 91 52.15 13.34 -25.06
N ASN B 92 50.84 13.06 -25.02
CA ASN B 92 49.82 14.08 -25.32
C ASN B 92 49.67 15.02 -24.11
N SER B 93 49.38 16.29 -24.39
CA SER B 93 49.25 17.29 -23.33
C SER B 93 48.28 18.41 -23.66
N VAL B 94 47.60 18.91 -22.63
CA VAL B 94 46.70 20.05 -22.76
C VAL B 94 47.27 21.24 -21.98
N ILE B 95 47.55 22.31 -22.71
CA ILE B 95 48.15 23.47 -22.10
C ILE B 95 47.31 24.71 -22.26
N ILE B 96 47.54 25.68 -21.37
CA ILE B 96 46.85 26.97 -21.43
C ILE B 96 47.82 28.04 -21.90
N VAL B 97 47.50 28.67 -23.01
CA VAL B 97 48.37 29.68 -23.56
C VAL B 97 47.73 31.05 -23.67
N ASP B 98 48.57 32.08 -23.71
CA ASP B 98 48.11 33.46 -23.80
C ASP B 98 47.75 33.82 -25.25
N LYS B 99 47.03 34.93 -25.43
CA LYS B 99 46.64 35.39 -26.77
C LYS B 99 47.83 35.81 -27.62
N ASN B 100 48.90 36.25 -26.98
CA ASN B 100 50.11 36.67 -27.68
C ASN B 100 51.01 35.48 -28.06
N GLY B 101 51.17 34.55 -27.12
CA GLY B 101 51.98 33.37 -27.37
C GLY B 101 51.86 32.34 -26.27
N ARG B 102 52.85 31.47 -26.15
CA ARG B 102 52.87 30.41 -25.15
C ARG B 102 53.18 30.95 -23.76
N LEU B 103 52.25 30.77 -22.83
CA LEU B 103 52.45 31.26 -21.48
C LEU B 103 51.82 30.37 -20.41
N VAL B 104 51.53 30.98 -19.26
CA VAL B 104 50.91 30.29 -18.13
C VAL B 104 51.63 29.00 -17.76
N TYR B 105 50.91 27.88 -17.80
CA TYR B 105 51.49 26.59 -17.46
C TYR B 105 50.70 25.42 -18.04
N LEU B 106 51.34 24.24 -18.03
CA LEU B 106 50.72 23.01 -18.49
C LEU B 106 49.79 22.46 -17.42
N VAL B 107 48.66 21.94 -17.87
CA VAL B 107 47.64 21.40 -16.98
C VAL B 107 48.00 20.01 -16.47
N GLU B 108 47.92 19.02 -17.37
CA GLU B 108 48.23 17.65 -17.03
C GLU B 108 48.54 16.82 -18.28
N ASN B 109 49.29 15.73 -18.08
CA ASN B 109 49.63 14.79 -19.15
C ASN B 109 48.81 13.53 -18.91
N PRO B 110 47.74 13.35 -19.67
CA PRO B 110 46.83 12.21 -19.56
C PRO B 110 47.42 10.88 -19.99
N GLY B 111 47.12 9.83 -19.21
CA GLY B 111 47.57 8.49 -19.55
C GLY B 111 46.62 7.88 -20.57
N GLY B 112 45.33 8.13 -20.38
CA GLY B 112 44.30 7.67 -21.29
C GLY B 112 44.22 8.50 -22.55
N TYR B 113 43.63 7.92 -23.59
CA TYR B 113 43.52 8.60 -24.88
C TYR B 113 42.25 8.17 -25.60
N VAL B 114 41.96 8.84 -26.71
CA VAL B 114 40.80 8.52 -27.54
C VAL B 114 41.27 7.90 -28.87
N ALA B 115 40.80 6.70 -29.16
CA ALA B 115 41.23 6.00 -30.38
C ALA B 115 40.70 6.61 -31.67
N TYR B 116 41.44 6.40 -32.75
CA TYR B 116 41.09 6.91 -34.07
C TYR B 116 40.84 8.42 -34.09
N SER B 117 41.81 9.16 -33.54
CA SER B 117 41.74 10.61 -33.50
C SER B 117 42.58 11.20 -34.64
N LYS B 118 42.37 12.48 -34.94
CA LYS B 118 43.11 13.14 -36.00
C LYS B 118 44.60 13.29 -35.70
N ALA B 119 44.95 13.52 -34.43
CA ALA B 119 46.35 13.70 -34.04
C ALA B 119 46.99 14.93 -34.68
N ALA B 120 46.58 16.09 -34.20
CA ALA B 120 47.10 17.37 -34.71
C ALA B 120 47.07 18.42 -33.61
N THR B 121 47.95 19.42 -33.72
CA THR B 121 48.01 20.49 -32.73
C THR B 121 47.05 21.62 -33.08
N VAL B 122 46.17 21.95 -32.15
CA VAL B 122 45.19 23.00 -32.39
C VAL B 122 45.14 24.01 -31.23
N THR B 123 44.56 25.17 -31.49
CA THR B 123 44.46 26.20 -30.46
C THR B 123 43.18 27.03 -30.62
N GLY B 124 42.68 27.54 -29.51
CA GLY B 124 41.47 28.36 -29.52
C GLY B 124 40.79 28.48 -28.16
N LYS B 125 39.69 29.24 -28.11
CA LYS B 125 38.93 29.41 -26.87
C LYS B 125 38.04 28.21 -26.59
N LEU B 126 37.94 27.85 -25.31
CA LEU B 126 37.16 26.68 -24.90
C LEU B 126 35.70 27.00 -24.58
N VAL B 127 34.79 26.19 -25.11
CA VAL B 127 33.36 26.37 -24.89
C VAL B 127 32.74 25.08 -24.37
N HIS B 128 31.98 25.15 -23.28
CA HIS B 128 31.35 23.97 -22.71
C HIS B 128 30.07 23.60 -23.46
N ALA B 129 30.03 22.38 -23.95
CA ALA B 129 28.94 21.90 -24.78
C ALA B 129 28.06 20.90 -24.05
N ASN B 130 28.20 20.85 -22.74
CA ASN B 130 27.47 19.86 -21.97
C ASN B 130 27.90 18.46 -22.39
N PHE B 131 26.95 17.62 -22.73
CA PHE B 131 27.24 16.24 -23.06
C PHE B 131 27.77 16.08 -24.48
N GLY B 132 27.33 16.96 -25.37
CA GLY B 132 27.75 16.90 -26.75
C GLY B 132 26.61 16.49 -27.67
N THR B 133 25.42 16.38 -27.08
CA THR B 133 24.24 16.01 -27.84
C THR B 133 23.83 17.14 -28.76
N LYS B 134 23.04 16.82 -29.79
CA LYS B 134 22.59 17.80 -30.75
C LYS B 134 21.73 18.87 -30.09
N LYS B 135 21.01 18.51 -29.03
CA LYS B 135 20.19 19.51 -28.33
C LYS B 135 21.02 20.51 -27.54
N ASP B 136 22.20 20.10 -27.07
CA ASP B 136 23.06 20.98 -26.29
C ASP B 136 23.70 22.06 -27.14
N PHE B 137 24.05 21.72 -28.38
CA PHE B 137 24.68 22.68 -29.28
C PHE B 137 23.68 23.69 -29.83
N GLU B 138 22.43 23.25 -29.96
CA GLU B 138 21.38 24.10 -30.51
C GLU B 138 20.92 25.17 -29.52
N ASP B 139 20.85 24.80 -28.24
CA ASP B 139 20.41 25.72 -27.21
C ASP B 139 21.54 26.56 -26.62
N LEU B 140 22.77 26.33 -27.10
CA LEU B 140 23.91 27.09 -26.59
C LEU B 140 23.95 28.49 -27.18
N TYR B 141 24.21 29.48 -26.33
CA TYR B 141 24.30 30.88 -26.76
C TYR B 141 25.74 31.34 -26.90
N THR B 142 26.62 30.43 -27.30
CA THR B 142 28.02 30.76 -27.47
C THR B 142 28.52 30.18 -28.80
N PRO B 143 29.24 30.99 -29.59
CA PRO B 143 29.76 30.53 -30.88
C PRO B 143 30.66 29.31 -30.79
N VAL B 144 30.40 28.30 -31.62
CA VAL B 144 31.18 27.06 -31.61
C VAL B 144 32.15 26.96 -32.79
N ASN B 145 31.79 27.60 -33.90
CA ASN B 145 32.62 27.57 -35.11
C ASN B 145 34.03 28.14 -34.89
N GLY B 146 35.03 27.28 -35.02
CA GLY B 146 36.42 27.67 -34.86
C GLY B 146 36.90 27.76 -33.42
N SER B 147 36.38 26.87 -32.58
CA SER B 147 36.75 26.84 -31.18
C SER B 147 36.70 25.44 -30.61
N ILE B 148 37.62 25.15 -29.69
CA ILE B 148 37.66 23.85 -29.04
C ILE B 148 36.58 23.70 -27.98
N VAL B 149 35.92 22.55 -27.94
CA VAL B 149 34.84 22.32 -26.99
C VAL B 149 35.13 21.24 -25.95
N ILE B 150 34.56 21.40 -24.76
CA ILE B 150 34.70 20.42 -23.70
C ILE B 150 33.33 19.84 -23.33
N VAL B 151 33.26 18.51 -23.27
CA VAL B 151 32.01 17.81 -23.01
C VAL B 151 32.12 16.74 -21.93
N ARG B 152 30.96 16.32 -21.41
CA ARG B 152 30.89 15.26 -20.39
C ARG B 152 30.46 13.93 -20.99
N ALA B 153 30.97 12.84 -20.43
CA ALA B 153 30.57 11.51 -20.89
C ALA B 153 29.29 11.06 -20.19
N GLY B 154 28.40 10.41 -20.92
CA GLY B 154 27.19 9.94 -20.28
C GLY B 154 26.01 9.58 -21.12
N LYS B 155 25.44 10.56 -21.80
CA LYS B 155 24.24 10.32 -22.59
C LYS B 155 24.51 9.60 -23.89
N ILE B 156 25.50 10.09 -24.64
CA ILE B 156 25.84 9.51 -25.94
C ILE B 156 27.25 8.99 -26.00
N THR B 157 27.54 8.26 -27.08
CA THR B 157 28.85 7.65 -27.30
C THR B 157 29.95 8.65 -27.57
N PHE B 158 31.18 8.26 -27.23
CA PHE B 158 32.35 9.10 -27.45
C PHE B 158 32.44 9.60 -28.87
N ALA B 159 32.06 8.74 -29.81
CA ALA B 159 32.09 9.07 -31.23
C ALA B 159 31.04 10.09 -31.65
N GLU B 160 29.85 10.01 -31.05
CA GLU B 160 28.78 10.93 -31.40
C GLU B 160 29.07 12.35 -30.91
N LYS B 161 29.87 12.46 -29.86
CA LYS B 161 30.21 13.76 -29.30
C LYS B 161 31.11 14.52 -30.27
N VAL B 162 32.09 13.83 -30.84
CA VAL B 162 33.00 14.47 -31.77
C VAL B 162 32.34 14.76 -33.11
N ALA B 163 31.42 13.89 -33.49
CA ALA B 163 30.71 14.05 -34.75
C ALA B 163 29.79 15.26 -34.71
N ASN B 164 29.13 15.47 -33.58
CA ASN B 164 28.25 16.62 -33.42
C ASN B 164 29.03 17.93 -33.34
N ALA B 165 30.24 17.87 -32.79
CA ALA B 165 31.09 19.05 -32.69
C ALA B 165 31.67 19.44 -34.04
N GLU B 166 32.07 18.44 -34.82
CA GLU B 166 32.62 18.66 -36.15
C GLU B 166 31.54 19.22 -37.10
N SER B 167 30.27 18.92 -36.80
CA SER B 167 29.15 19.41 -37.61
C SER B 167 29.02 20.93 -37.61
N LEU B 168 29.42 21.53 -36.50
CA LEU B 168 29.38 22.98 -36.35
C LEU B 168 30.79 23.57 -36.48
N ASN B 169 31.66 22.82 -37.16
CA ASN B 169 33.03 23.24 -37.42
C ASN B 169 33.86 23.60 -36.21
N ALA B 170 34.06 22.65 -35.32
CA ALA B 170 34.89 22.89 -34.16
C ALA B 170 36.35 22.61 -34.50
N ILE B 171 37.24 22.81 -33.52
CA ILE B 171 38.66 22.58 -33.76
C ILE B 171 39.27 21.52 -32.84
N GLY B 172 38.54 21.14 -31.80
CA GLY B 172 39.03 20.14 -30.87
C GLY B 172 37.95 19.69 -29.91
N VAL B 173 38.09 18.49 -29.37
CA VAL B 173 37.11 17.97 -28.43
C VAL B 173 37.79 17.41 -27.20
N LEU B 174 37.29 17.82 -26.03
CA LEU B 174 37.82 17.34 -24.75
C LEU B 174 36.72 16.68 -23.93
N ILE B 175 37.00 15.48 -23.41
CA ILE B 175 36.00 14.75 -22.64
C ILE B 175 36.46 14.49 -21.21
N TYR B 176 35.60 14.83 -20.24
CA TYR B 176 35.93 14.63 -18.82
C TYR B 176 34.76 14.04 -18.04
N MET B 177 35.04 13.57 -16.82
CA MET B 177 33.99 13.03 -15.96
C MET B 177 33.68 13.98 -14.80
N ASP B 178 32.40 14.23 -14.55
CA ASP B 178 32.01 15.10 -13.45
C ASP B 178 31.75 14.32 -12.16
N GLN B 179 31.82 15.01 -11.03
CA GLN B 179 31.61 14.37 -9.73
C GLN B 179 30.15 13.97 -9.51
N THR B 180 29.23 14.68 -10.15
CA THR B 180 27.80 14.42 -9.99
C THR B 180 27.35 13.11 -10.64
N LYS B 181 27.74 12.88 -11.90
CA LYS B 181 27.37 11.66 -12.62
C LYS B 181 28.33 10.52 -12.26
N PHE B 182 29.59 10.86 -12.03
CA PHE B 182 30.58 9.87 -11.68
C PHE B 182 31.15 10.17 -10.28
N PRO B 183 30.58 9.54 -9.24
CA PRO B 183 31.03 9.74 -7.86
C PRO B 183 32.33 9.00 -7.56
N ILE B 184 33.40 9.34 -8.26
CA ILE B 184 34.70 8.70 -8.06
C ILE B 184 35.51 9.37 -6.95
N VAL B 185 36.25 8.56 -6.19
CA VAL B 185 37.07 9.06 -5.08
C VAL B 185 38.29 9.83 -5.60
N ASN B 186 39.00 9.23 -6.56
CA ASN B 186 40.17 9.85 -7.16
C ASN B 186 39.76 10.80 -8.29
N ALA B 187 40.36 11.98 -8.32
CA ALA B 187 40.07 12.99 -9.33
C ALA B 187 41.03 12.89 -10.50
N GLU B 188 42.22 12.37 -10.24
CA GLU B 188 43.24 12.19 -11.26
C GLU B 188 43.11 10.78 -11.85
N LEU B 189 41.99 10.53 -12.52
CA LEU B 189 41.71 9.23 -13.13
C LEU B 189 41.47 9.36 -14.63
N SER B 190 42.09 8.49 -15.41
CA SER B 190 41.97 8.53 -16.85
C SER B 190 41.10 7.42 -17.41
N PHE B 191 40.41 7.73 -18.52
CA PHE B 191 39.53 6.77 -19.17
C PHE B 191 39.82 6.60 -20.68
N PHE B 192 39.20 5.58 -21.28
CA PHE B 192 39.43 5.24 -22.68
C PHE B 192 38.15 5.23 -23.52
N GLY B 193 38.30 5.47 -24.82
CA GLY B 193 37.19 5.47 -25.75
C GLY B 193 37.69 5.66 -27.17
N HIS B 194 36.78 5.60 -28.14
CA HIS B 194 37.12 5.81 -29.55
C HIS B 194 36.15 6.76 -30.25
N ALA B 195 36.67 7.59 -31.14
CA ALA B 195 35.86 8.59 -31.85
C ALA B 195 35.35 8.16 -33.22
N HIS B 196 35.53 6.88 -33.55
CA HIS B 196 35.07 6.33 -34.82
C HIS B 196 33.56 6.10 -34.76
N LEU B 197 32.85 6.85 -35.60
CA LEU B 197 31.40 6.76 -35.66
C LEU B 197 30.96 5.55 -36.52
N GLY B 198 31.01 4.36 -35.93
CA GLY B 198 30.63 3.14 -36.62
C GLY B 198 31.24 1.93 -35.93
N THR B 199 31.02 0.74 -36.47
CA THR B 199 31.57 -0.47 -35.86
C THR B 199 32.56 -1.17 -36.78
N GLY B 200 33.56 -1.82 -36.20
CA GLY B 200 34.55 -2.52 -36.99
C GLY B 200 35.78 -1.69 -37.30
N ASP B 201 36.68 -2.26 -38.10
CA ASP B 201 37.91 -1.58 -38.51
C ASP B 201 37.65 -0.44 -39.48
N PRO B 202 38.01 0.81 -39.10
CA PRO B 202 37.80 1.95 -39.99
C PRO B 202 38.57 1.96 -41.30
N TYR B 203 39.55 1.07 -41.40
CA TYR B 203 40.40 0.99 -42.60
C TYR B 203 39.96 -0.08 -43.61
N THR B 204 38.98 -0.88 -43.19
CA THR B 204 38.37 -1.88 -44.05
C THR B 204 36.83 -1.80 -43.87
N PRO B 205 36.19 -0.79 -44.48
CA PRO B 205 34.74 -0.62 -44.38
C PRO B 205 34.02 -1.51 -45.40
N GLY B 206 33.08 -2.32 -44.89
CA GLY B 206 32.29 -3.22 -45.73
C GLY B 206 32.92 -4.59 -45.96
N PHE B 207 34.24 -4.60 -46.22
CA PHE B 207 34.96 -5.85 -46.47
C PHE B 207 35.80 -6.28 -45.27
N PRO B 208 35.97 -7.60 -45.07
CA PRO B 208 36.76 -8.08 -43.94
C PRO B 208 38.20 -7.63 -43.93
N SER B 209 38.88 -7.88 -42.82
CA SER B 209 40.27 -7.50 -42.64
C SER B 209 41.18 -8.73 -42.70
N PHE B 210 40.92 -9.59 -43.69
CA PHE B 210 41.72 -10.78 -43.87
C PHE B 210 42.88 -10.46 -44.79
N ASN B 211 43.83 -11.32 -44.91
CA ASN B 211 45.04 -11.17 -45.72
C ASN B 211 44.64 -11.24 -47.18
N HIS B 212 43.52 -11.89 -47.53
CA HIS B 212 43.02 -12.06 -48.91
C HIS B 212 42.69 -10.73 -49.58
N THR B 213 42.28 -9.74 -48.81
CA THR B 213 41.90 -8.43 -49.34
C THR B 213 43.09 -7.55 -49.66
N GLN B 214 44.28 -8.00 -49.29
CA GLN B 214 45.52 -7.26 -49.55
C GLN B 214 45.55 -5.84 -48.94
N PHE B 215 44.60 -5.55 -48.05
CA PHE B 215 44.55 -4.25 -47.35
C PHE B 215 44.70 -3.03 -48.25
N PRO B 216 43.64 -2.69 -48.98
CA PRO B 216 43.71 -1.53 -49.88
C PRO B 216 43.53 -0.18 -49.21
N PRO B 217 43.96 0.92 -49.88
CA PRO B 217 43.80 2.26 -49.31
C PRO B 217 42.32 2.71 -49.31
N SER B 218 41.64 2.46 -48.19
CA SER B 218 40.24 2.83 -48.01
C SER B 218 40.00 3.26 -46.56
N ARG B 219 39.29 4.37 -46.39
CA ARG B 219 38.98 4.87 -45.07
C ARG B 219 37.47 5.02 -44.91
N SER B 220 37.00 4.80 -43.68
CA SER B 220 35.59 4.92 -43.35
C SER B 220 35.15 6.36 -43.13
N SER B 221 33.89 6.65 -43.41
CA SER B 221 33.36 8.00 -43.22
C SER B 221 33.17 8.34 -41.74
N GLY B 222 33.26 7.34 -40.86
CA GLY B 222 33.08 7.55 -39.43
C GLY B 222 34.29 8.14 -38.72
N LEU B 223 35.43 8.15 -39.42
CA LEU B 223 36.63 8.74 -38.86
C LEU B 223 36.50 10.24 -38.84
N PRO B 224 36.80 10.86 -37.69
CA PRO B 224 36.73 12.31 -37.48
C PRO B 224 38.00 13.05 -37.87
N ASN B 225 37.84 14.34 -38.21
CA ASN B 225 38.99 15.18 -38.56
C ASN B 225 39.31 16.21 -37.48
N ILE B 226 39.19 15.78 -36.24
CA ILE B 226 39.45 16.63 -35.10
C ILE B 226 40.14 15.81 -34.02
N PRO B 227 41.16 16.40 -33.38
CA PRO B 227 41.91 15.73 -32.31
C PRO B 227 41.09 15.68 -31.01
N VAL B 228 41.02 14.49 -30.41
CA VAL B 228 40.27 14.26 -29.17
C VAL B 228 41.15 13.69 -28.07
N GLN B 229 40.95 14.18 -26.85
CA GLN B 229 41.72 13.72 -25.69
C GLN B 229 40.88 13.64 -24.43
N THR B 230 41.18 12.65 -23.58
CA THR B 230 40.48 12.48 -22.32
C THR B 230 41.18 13.27 -21.23
N ILE B 231 40.39 13.92 -20.38
CA ILE B 231 40.93 14.74 -19.29
C ILE B 231 40.35 14.30 -17.95
N SER B 232 41.22 14.20 -16.94
CA SER B 232 40.80 13.82 -15.59
C SER B 232 40.00 14.92 -14.87
N ARG B 233 39.30 14.52 -13.81
CA ARG B 233 38.47 15.45 -13.05
C ARG B 233 39.31 16.55 -12.42
N ALA B 234 40.52 16.19 -12.00
CA ALA B 234 41.45 17.14 -11.40
C ALA B 234 41.95 18.16 -12.42
N ALA B 235 42.30 17.67 -13.60
CA ALA B 235 42.79 18.52 -14.68
C ALA B 235 41.69 19.40 -15.25
N ALA B 236 40.45 18.91 -15.17
CA ALA B 236 39.30 19.65 -15.67
C ALA B 236 38.95 20.82 -14.78
N GLU B 237 39.03 20.60 -13.47
CA GLU B 237 38.72 21.63 -12.47
C GLU B 237 39.72 22.78 -12.60
N LYS B 238 40.95 22.44 -12.93
CA LYS B 238 42.00 23.44 -13.13
C LYS B 238 41.76 24.26 -14.39
N LEU B 239 41.15 23.64 -15.41
CA LEU B 239 40.84 24.33 -16.65
C LEU B 239 39.61 25.21 -16.47
N PHE B 240 38.74 24.82 -15.55
CA PHE B 240 37.54 25.61 -15.27
C PHE B 240 37.87 26.90 -14.54
N GLY B 241 38.96 26.88 -13.79
CA GLY B 241 39.40 28.05 -13.05
C GLY B 241 39.74 29.23 -13.95
N ASN B 242 40.28 28.95 -15.13
CA ASN B 242 40.63 30.00 -16.07
C ASN B 242 39.45 30.51 -16.87
N MET B 243 38.34 29.79 -16.81
CA MET B 243 37.14 30.18 -17.54
C MET B 243 36.25 31.08 -16.71
N GLU B 244 35.74 32.13 -17.36
CA GLU B 244 34.87 33.10 -16.70
C GLU B 244 33.40 32.92 -17.11
N GLY B 245 32.65 32.22 -16.27
CA GLY B 245 31.24 31.99 -16.57
C GLY B 245 30.59 30.97 -15.64
N ASP B 246 29.29 30.74 -15.83
CA ASP B 246 28.53 29.80 -14.99
C ASP B 246 27.59 28.94 -15.84
N CYS B 247 27.44 27.68 -15.45
CA CYS B 247 26.56 26.77 -16.18
C CYS B 247 25.17 26.73 -15.57
N PRO B 248 24.16 26.61 -16.43
CA PRO B 248 22.74 26.62 -16.02
C PRO B 248 22.32 25.40 -15.19
N SER B 249 21.31 25.58 -14.35
CA SER B 249 20.89 24.56 -13.41
C SER B 249 20.19 23.41 -14.11
N ASP B 250 20.06 23.52 -15.43
CA ASP B 250 19.41 22.48 -16.22
C ASP B 250 20.25 21.21 -16.26
N TRP B 251 21.57 21.37 -16.29
CA TRP B 251 22.50 20.26 -16.30
C TRP B 251 22.84 19.84 -14.88
N LYS B 252 22.81 18.54 -14.60
CA LYS B 252 23.16 18.05 -13.27
C LYS B 252 24.68 17.93 -13.17
N THR B 253 25.33 19.05 -12.85
CA THR B 253 26.79 19.08 -12.78
C THR B 253 27.28 19.85 -11.55
N ASP B 254 28.60 19.87 -11.35
CA ASP B 254 29.21 20.55 -10.19
C ASP B 254 29.12 22.08 -10.28
N SER B 255 29.39 22.74 -9.15
CA SER B 255 29.34 24.20 -9.10
C SER B 255 30.60 24.83 -9.71
N THR B 256 31.58 24.00 -10.05
CA THR B 256 32.85 24.46 -10.64
C THR B 256 32.72 24.69 -12.14
N CYS B 257 31.57 24.30 -12.65
CA CYS B 257 31.25 24.39 -14.07
C CYS B 257 31.29 25.82 -14.61
N ARG B 258 31.83 25.99 -15.81
CA ARG B 258 31.94 27.30 -16.48
C ARG B 258 31.76 27.12 -17.98
N MET B 259 31.03 28.04 -18.61
CA MET B 259 30.72 27.94 -20.03
C MET B 259 31.73 28.64 -20.94
N VAL B 260 32.02 29.91 -20.69
CA VAL B 260 32.94 30.61 -21.57
C VAL B 260 34.29 30.85 -20.91
N THR B 261 35.36 30.78 -21.70
CA THR B 261 36.71 31.04 -21.20
C THR B 261 37.04 32.53 -21.32
N SER B 262 37.94 33.01 -20.46
CA SER B 262 38.35 34.41 -20.45
C SER B 262 38.93 34.87 -21.80
N GLU B 263 38.74 36.15 -22.11
CA GLU B 263 39.20 36.72 -23.38
C GLU B 263 40.71 36.90 -23.47
N SER B 264 41.40 36.67 -22.35
CA SER B 264 42.85 36.80 -22.31
C SER B 264 43.60 35.50 -22.56
N LYS B 265 43.15 34.41 -21.93
CA LYS B 265 43.81 33.12 -22.05
C LYS B 265 42.91 32.07 -22.71
N ASN B 266 43.54 31.21 -23.52
CA ASN B 266 42.84 30.12 -24.21
C ASN B 266 43.67 28.83 -24.19
N VAL B 267 43.00 27.69 -24.31
CA VAL B 267 43.67 26.39 -24.27
C VAL B 267 44.14 25.86 -25.62
N LYS B 268 45.26 25.16 -25.61
CA LYS B 268 45.84 24.57 -26.82
C LYS B 268 46.04 23.08 -26.62
N LEU B 269 45.51 22.31 -27.57
CA LEU B 269 45.56 20.85 -27.53
C LEU B 269 46.49 20.28 -28.59
N THR B 270 47.32 19.34 -28.17
CA THR B 270 48.24 18.70 -29.09
C THR B 270 48.21 17.17 -28.89
N VAL B 271 47.71 16.49 -29.92
CA VAL B 271 47.60 15.04 -29.89
C VAL B 271 48.56 14.46 -30.92
N SER B 272 49.21 13.36 -30.56
CA SER B 272 50.14 12.70 -31.45
C SER B 272 50.00 11.18 -31.42
N ASN B 273 48.76 10.70 -31.48
CA ASN B 273 48.49 9.26 -31.48
C ASN B 273 48.76 8.66 -32.84
N VAL B 274 49.47 7.54 -32.85
CA VAL B 274 49.81 6.88 -34.10
C VAL B 274 49.09 5.56 -34.28
N LEU B 275 48.90 5.15 -35.53
CA LEU B 275 48.22 3.89 -35.84
C LEU B 275 49.20 2.71 -35.83
N LYS B 276 48.74 1.55 -35.36
CA LYS B 276 49.56 0.34 -35.30
C LYS B 276 48.76 -0.90 -35.74
N GLU B 277 49.29 -1.64 -36.71
CA GLU B 277 48.62 -2.84 -37.19
C GLU B 277 48.87 -3.95 -36.18
N ILE B 278 47.80 -4.54 -35.66
CA ILE B 278 47.94 -5.62 -34.68
C ILE B 278 47.03 -6.79 -35.08
N LYS B 279 47.30 -7.95 -34.50
CA LYS B 279 46.56 -9.15 -34.82
C LYS B 279 45.46 -9.43 -33.80
N ILE B 280 44.24 -9.67 -34.30
CA ILE B 280 43.07 -10.04 -33.51
C ILE B 280 42.95 -11.57 -33.54
N LEU B 281 42.45 -12.15 -32.47
CA LEU B 281 42.28 -13.61 -32.44
C LEU B 281 40.89 -13.98 -31.89
N ASN B 282 39.93 -14.26 -32.77
CA ASN B 282 38.57 -14.61 -32.33
C ASN B 282 38.39 -16.12 -32.13
N ILE B 283 37.92 -16.53 -30.96
CA ILE B 283 37.74 -17.95 -30.71
C ILE B 283 36.26 -18.38 -30.70
N PHE B 284 35.96 -19.51 -31.34
CA PHE B 284 34.59 -20.01 -31.44
C PHE B 284 34.46 -21.45 -31.03
N GLY B 285 33.25 -21.82 -30.62
CA GLY B 285 32.98 -23.19 -30.23
C GLY B 285 31.51 -23.45 -30.55
N VAL B 286 31.21 -24.59 -31.16
CA VAL B 286 29.82 -24.87 -31.53
C VAL B 286 29.29 -26.23 -31.12
N ILE B 287 28.03 -26.25 -30.69
CA ILE B 287 27.37 -27.50 -30.30
C ILE B 287 26.39 -27.81 -31.44
N LYS B 288 26.71 -28.81 -32.26
CA LYS B 288 25.90 -29.15 -33.42
C LYS B 288 24.48 -29.55 -33.06
N GLY B 289 23.51 -29.18 -33.90
CA GLY B 289 22.09 -29.53 -33.69
C GLY B 289 21.80 -30.95 -34.13
N PHE B 290 20.55 -31.38 -33.99
CA PHE B 290 20.19 -32.74 -34.38
C PHE B 290 19.19 -32.83 -35.52
N VAL B 291 18.39 -31.79 -35.69
CA VAL B 291 17.40 -31.77 -36.76
C VAL B 291 17.81 -30.76 -37.83
N GLU B 292 18.11 -29.54 -37.40
CA GLU B 292 18.52 -28.47 -38.31
C GLU B 292 19.88 -27.86 -37.90
N PRO B 293 20.98 -28.57 -38.21
CA PRO B 293 22.34 -28.13 -37.88
C PRO B 293 22.74 -26.82 -38.57
N ASP B 294 22.18 -26.57 -39.77
CA ASP B 294 22.49 -25.37 -40.53
C ASP B 294 22.04 -24.05 -39.91
N HIS B 295 21.03 -24.11 -39.06
CA HIS B 295 20.53 -22.93 -38.36
C HIS B 295 21.17 -22.89 -36.98
N TYR B 296 21.66 -21.72 -36.59
CA TYR B 296 22.33 -21.61 -35.32
C TYR B 296 22.11 -20.30 -34.57
N VAL B 297 22.33 -20.35 -33.26
CA VAL B 297 22.24 -19.19 -32.38
C VAL B 297 23.64 -18.79 -32.00
N VAL B 298 23.94 -17.50 -32.07
CA VAL B 298 25.26 -17.03 -31.72
C VAL B 298 25.29 -16.30 -30.38
N VAL B 299 26.14 -16.78 -29.49
CA VAL B 299 26.31 -16.18 -28.16
C VAL B 299 27.70 -15.54 -28.08
N GLY B 300 27.74 -14.21 -28.08
CA GLY B 300 29.00 -13.50 -28.09
C GLY B 300 29.36 -12.82 -26.78
N ALA B 301 30.65 -12.58 -26.57
CA ALA B 301 31.13 -11.93 -25.36
C ALA B 301 32.49 -11.26 -25.59
N GLN B 302 32.61 -9.98 -25.27
CA GLN B 302 33.87 -9.27 -25.44
C GLN B 302 34.94 -9.83 -24.48
N ARG B 303 36.16 -9.98 -24.99
CA ARG B 303 37.24 -10.55 -24.20
C ARG B 303 38.28 -9.51 -23.76
N ASP B 304 38.60 -8.56 -24.63
CA ASP B 304 39.61 -7.56 -24.36
C ASP B 304 39.09 -6.31 -23.64
N ALA B 305 40.01 -5.55 -23.04
CA ALA B 305 39.70 -4.31 -22.36
C ALA B 305 40.96 -3.46 -22.25
N TRP B 306 40.80 -2.14 -22.20
CA TRP B 306 41.95 -1.22 -22.13
C TRP B 306 42.69 -1.34 -20.79
N GLY B 307 41.92 -1.37 -19.70
CA GLY B 307 42.50 -1.53 -18.39
C GLY B 307 42.41 -2.98 -17.95
N PRO B 308 41.98 -3.22 -16.70
CA PRO B 308 41.86 -4.59 -16.20
C PRO B 308 40.59 -5.21 -16.79
N GLY B 309 39.51 -4.41 -16.85
CA GLY B 309 38.25 -4.86 -17.40
C GLY B 309 37.63 -6.01 -16.63
N ALA B 310 37.05 -5.71 -15.48
CA ALA B 310 36.41 -6.75 -14.68
C ALA B 310 34.94 -6.77 -15.02
N ALA B 311 34.38 -5.59 -15.29
CA ALA B 311 32.96 -5.46 -15.62
C ALA B 311 32.72 -5.29 -17.11
N LYS B 312 33.73 -4.77 -17.81
CA LYS B 312 33.60 -4.54 -19.23
C LYS B 312 33.72 -5.83 -20.01
N SER B 313 34.71 -6.64 -19.67
CA SER B 313 34.90 -7.89 -20.39
C SER B 313 35.01 -9.10 -19.48
N GLY B 314 35.38 -8.87 -18.22
CA GLY B 314 35.53 -9.96 -17.27
C GLY B 314 34.26 -10.73 -17.01
N VAL B 315 33.18 -10.00 -16.73
CA VAL B 315 31.89 -10.64 -16.49
C VAL B 315 31.47 -11.44 -17.72
N GLY B 316 31.47 -10.78 -18.88
CA GLY B 316 31.08 -11.40 -20.14
C GLY B 316 31.77 -12.72 -20.49
N THR B 317 33.09 -12.70 -20.44
CA THR B 317 33.93 -13.85 -20.74
C THR B 317 33.71 -14.99 -19.78
N ALA B 318 33.44 -14.61 -18.54
CA ALA B 318 33.19 -15.54 -17.46
C ALA B 318 31.86 -16.25 -17.68
N LEU B 319 30.86 -15.50 -18.14
CA LEU B 319 29.54 -16.06 -18.42
C LEU B 319 29.55 -16.91 -19.68
N LEU B 320 30.40 -16.55 -20.64
CA LEU B 320 30.51 -17.29 -21.89
C LEU B 320 31.02 -18.71 -21.61
N LEU B 321 32.11 -18.78 -20.86
CA LEU B 321 32.73 -20.05 -20.50
C LEU B 321 31.78 -20.97 -19.72
N LYS B 322 31.11 -20.39 -18.73
CA LYS B 322 30.16 -21.12 -17.89
C LYS B 322 28.91 -21.61 -18.62
N LEU B 323 28.42 -20.81 -19.56
CA LEU B 323 27.25 -21.23 -20.35
C LEU B 323 27.62 -22.36 -21.29
N ALA B 324 28.83 -22.30 -21.81
CA ALA B 324 29.35 -23.34 -22.70
C ALA B 324 29.63 -24.62 -21.94
N GLN B 325 30.00 -24.49 -20.66
CA GLN B 325 30.25 -25.64 -19.80
C GLN B 325 28.93 -26.33 -19.45
N MET B 326 27.91 -25.54 -19.10
CA MET B 326 26.62 -26.11 -18.74
C MET B 326 25.90 -26.75 -19.90
N PHE B 327 25.91 -26.08 -21.05
CA PHE B 327 25.22 -26.60 -22.23
C PHE B 327 25.90 -27.83 -22.81
N SER B 328 27.21 -27.92 -22.67
CA SER B 328 27.94 -29.07 -23.15
C SER B 328 27.63 -30.29 -22.29
N ASP B 329 27.56 -30.09 -20.99
CA ASP B 329 27.26 -31.17 -20.04
C ASP B 329 25.84 -31.68 -20.16
N MET B 330 24.94 -30.79 -20.56
CA MET B 330 23.54 -31.15 -20.72
C MET B 330 23.31 -32.06 -21.92
N VAL B 331 24.13 -31.92 -22.94
CA VAL B 331 23.95 -32.75 -24.10
C VAL B 331 24.53 -34.15 -23.90
N LEU B 332 25.75 -34.19 -23.35
CA LEU B 332 26.46 -35.44 -23.14
C LEU B 332 25.96 -36.24 -21.95
N LYS B 333 25.81 -35.57 -20.80
CA LYS B 333 25.41 -36.24 -19.57
C LYS B 333 23.91 -36.30 -19.29
N ASP B 334 23.23 -35.15 -19.33
CA ASP B 334 21.79 -35.06 -19.01
C ASP B 334 20.85 -35.64 -20.06
N GLY B 335 21.21 -35.47 -21.34
CA GLY B 335 20.40 -36.01 -22.42
C GLY B 335 19.64 -35.01 -23.26
N PHE B 336 20.09 -33.77 -23.24
CA PHE B 336 19.50 -32.69 -24.01
C PHE B 336 19.87 -32.77 -25.49
N GLN B 337 18.85 -32.81 -26.35
CA GLN B 337 19.06 -32.90 -27.78
C GLN B 337 18.63 -31.60 -28.48
N PRO B 338 19.61 -30.73 -28.81
CA PRO B 338 19.33 -29.46 -29.47
C PRO B 338 18.93 -29.66 -30.93
N SER B 339 17.81 -29.07 -31.30
CA SER B 339 17.32 -29.13 -32.67
C SER B 339 18.18 -28.29 -33.62
N ARG B 340 18.71 -27.18 -33.09
CA ARG B 340 19.55 -26.25 -33.85
C ARG B 340 20.90 -26.06 -33.17
N SER B 341 21.89 -25.59 -33.91
CA SER B 341 23.22 -25.43 -33.35
C SER B 341 23.36 -24.18 -32.49
N ILE B 342 24.36 -24.20 -31.60
CA ILE B 342 24.65 -23.09 -30.70
C ILE B 342 26.14 -22.77 -30.84
N ILE B 343 26.45 -21.52 -31.14
CA ILE B 343 27.83 -21.13 -31.29
C ILE B 343 28.26 -20.16 -30.20
N PHE B 344 29.33 -20.48 -29.49
CA PHE B 344 29.87 -19.59 -28.47
C PHE B 344 31.09 -18.80 -29.00
N ALA B 345 30.99 -17.48 -29.07
CA ALA B 345 32.07 -16.67 -29.63
C ALA B 345 32.72 -15.68 -28.67
N SER B 346 34.05 -15.65 -28.65
CA SER B 346 34.80 -14.71 -27.81
C SER B 346 35.45 -13.59 -28.66
N TRP B 347 34.76 -12.48 -28.79
CA TRP B 347 35.24 -11.36 -29.62
C TRP B 347 36.48 -10.61 -29.07
N SER B 348 37.35 -10.12 -29.96
CA SER B 348 38.50 -9.30 -29.52
C SER B 348 38.35 -7.88 -30.03
N ALA B 349 39.24 -6.99 -29.63
CA ALA B 349 39.17 -5.58 -30.03
C ALA B 349 37.76 -4.96 -29.95
N GLY B 350 37.05 -5.21 -28.83
CA GLY B 350 35.73 -4.66 -28.65
C GLY B 350 35.74 -3.21 -28.21
N ASP B 351 36.84 -2.77 -27.60
CA ASP B 351 36.96 -1.38 -27.13
C ASP B 351 37.08 -0.38 -28.27
N PHE B 352 37.40 -0.89 -29.45
CA PHE B 352 37.55 -0.03 -30.61
C PHE B 352 36.31 0.05 -31.46
N GLY B 353 35.21 -0.52 -30.97
CA GLY B 353 33.97 -0.48 -31.70
C GLY B 353 33.55 -1.85 -32.17
N SER B 354 33.68 -2.84 -31.30
CA SER B 354 33.27 -4.20 -31.66
C SER B 354 33.87 -4.63 -32.98
N VAL B 355 35.19 -4.52 -33.12
CA VAL B 355 35.83 -4.85 -34.37
C VAL B 355 35.81 -6.32 -34.73
N GLY B 356 36.25 -7.16 -33.78
CA GLY B 356 36.26 -8.59 -33.99
C GLY B 356 34.87 -9.15 -34.26
N ALA B 357 33.83 -8.48 -33.79
CA ALA B 357 32.49 -8.97 -34.03
C ALA B 357 31.99 -8.55 -35.40
N THR B 358 32.33 -7.34 -35.81
CA THR B 358 31.90 -6.80 -37.10
C THR B 358 32.62 -7.42 -38.28
N GLU B 359 33.94 -7.58 -38.16
CA GLU B 359 34.73 -8.15 -39.24
C GLU B 359 34.32 -9.60 -39.49
N TRP B 360 33.82 -10.29 -38.47
CA TRP B 360 33.35 -11.66 -38.66
C TRP B 360 32.08 -11.67 -39.47
N LEU B 361 31.22 -10.68 -39.22
CA LEU B 361 29.98 -10.57 -39.96
C LEU B 361 30.25 -10.11 -41.40
N GLU B 362 31.25 -9.25 -41.59
CA GLU B 362 31.61 -8.76 -42.92
C GLU B 362 32.30 -9.83 -43.78
N GLY B 363 33.01 -10.72 -43.11
CA GLY B 363 33.72 -11.79 -43.77
C GLY B 363 32.78 -12.92 -44.13
N TYR B 364 31.96 -13.36 -43.17
CA TYR B 364 31.06 -14.48 -43.44
C TYR B 364 29.62 -14.11 -43.71
N LEU B 365 29.42 -12.94 -44.33
CA LEU B 365 28.09 -12.42 -44.65
C LEU B 365 27.25 -13.45 -45.41
N SER B 366 27.78 -13.88 -46.55
CA SER B 366 27.15 -14.88 -47.40
C SER B 366 26.89 -16.20 -46.70
N SER B 367 27.72 -16.54 -45.74
CA SER B 367 27.59 -17.81 -45.06
C SER B 367 26.61 -17.76 -43.90
N LEU B 368 26.37 -16.55 -43.41
CA LEU B 368 25.46 -16.27 -42.27
C LEU B 368 24.04 -15.93 -42.69
N HIS B 369 23.88 -15.53 -43.94
CA HIS B 369 22.58 -15.14 -44.47
C HIS B 369 21.51 -16.21 -44.28
N LEU B 370 20.48 -15.88 -43.52
CA LEU B 370 19.38 -16.81 -43.25
C LEU B 370 19.78 -18.09 -42.50
N LYS B 371 20.94 -18.05 -41.86
CA LYS B 371 21.42 -19.19 -41.08
C LYS B 371 21.39 -18.89 -39.60
N ALA B 372 21.91 -17.71 -39.26
CA ALA B 372 21.93 -17.20 -37.89
C ALA B 372 20.65 -16.42 -37.64
N PHE B 373 19.89 -16.85 -36.63
CA PHE B 373 18.62 -16.19 -36.34
C PHE B 373 18.49 -15.39 -35.06
N THR B 374 19.45 -15.54 -34.15
CA THR B 374 19.43 -14.77 -32.92
C THR B 374 20.84 -14.63 -32.42
N TYR B 375 21.12 -13.44 -31.92
CA TYR B 375 22.40 -13.14 -31.31
C TYR B 375 22.20 -12.74 -29.87
N ILE B 376 22.99 -13.33 -28.97
CA ILE B 376 22.90 -13.00 -27.56
C ILE B 376 24.22 -12.43 -27.06
N ASN B 377 24.16 -11.17 -26.66
CA ASN B 377 25.33 -10.47 -26.18
C ASN B 377 25.46 -10.47 -24.65
N LEU B 378 26.64 -10.87 -24.16
CA LEU B 378 26.86 -10.96 -22.72
C LEU B 378 27.67 -9.80 -22.15
N ASP B 379 28.06 -8.86 -23.00
CA ASP B 379 28.82 -7.73 -22.52
C ASP B 379 28.06 -6.88 -21.51
N LYS B 380 28.81 -6.43 -20.49
CA LYS B 380 28.30 -5.60 -19.40
C LYS B 380 26.96 -6.07 -18.81
N ALA B 381 26.86 -7.37 -18.53
CA ALA B 381 25.63 -7.94 -17.98
C ALA B 381 25.42 -7.66 -16.51
N VAL B 382 26.51 -7.48 -15.76
CA VAL B 382 26.41 -7.20 -14.34
C VAL B 382 27.12 -5.88 -14.07
N LEU B 383 26.34 -4.89 -13.67
CA LEU B 383 26.88 -3.57 -13.38
C LEU B 383 26.27 -2.96 -12.15
N GLY B 384 25.04 -3.34 -11.88
CA GLY B 384 24.33 -2.84 -10.72
C GLY B 384 23.59 -3.95 -10.03
N THR B 385 22.48 -3.60 -9.40
CA THR B 385 21.67 -4.56 -8.69
C THR B 385 20.19 -4.17 -8.63
N SER B 386 19.92 -2.87 -8.78
CA SER B 386 18.58 -2.31 -8.68
C SER B 386 17.57 -2.88 -9.67
N ASN B 387 17.68 -2.48 -10.93
CA ASN B 387 16.72 -2.91 -11.96
C ASN B 387 17.31 -3.74 -13.11
N PHE B 388 16.42 -4.38 -13.87
CA PHE B 388 16.76 -5.23 -15.02
C PHE B 388 16.41 -4.53 -16.33
N LYS B 389 17.41 -4.01 -17.04
CA LYS B 389 17.20 -3.33 -18.32
C LYS B 389 17.55 -4.24 -19.51
N VAL B 390 16.73 -4.20 -20.55
CA VAL B 390 16.98 -5.01 -21.74
C VAL B 390 16.72 -4.25 -23.03
N SER B 391 17.64 -4.38 -23.98
CA SER B 391 17.51 -3.72 -25.27
C SER B 391 17.59 -4.77 -26.39
N ALA B 392 16.47 -4.97 -27.08
CA ALA B 392 16.47 -6.00 -28.13
C ALA B 392 15.46 -5.78 -29.26
N SER B 393 15.43 -6.72 -30.18
CA SER B 393 14.53 -6.63 -31.29
C SER B 393 13.16 -7.24 -31.03
N PRO B 394 12.14 -6.65 -31.64
CA PRO B 394 10.78 -7.00 -31.27
C PRO B 394 10.63 -8.51 -31.40
N LEU B 395 11.29 -9.14 -32.36
CA LEU B 395 11.12 -10.60 -32.49
C LEU B 395 11.41 -11.37 -31.19
N LEU B 396 12.20 -10.77 -30.31
CA LEU B 396 12.56 -11.40 -29.03
C LEU B 396 11.79 -10.86 -27.84
N TYR B 397 10.93 -9.88 -28.05
CA TYR B 397 10.20 -9.30 -26.92
C TYR B 397 9.39 -10.35 -26.19
N THR B 398 8.60 -11.14 -26.92
CA THR B 398 7.82 -12.17 -26.25
C THR B 398 8.71 -13.21 -25.57
N LEU B 399 9.87 -13.50 -26.16
CA LEU B 399 10.81 -14.45 -25.55
C LEU B 399 11.34 -13.93 -24.21
N ILE B 400 11.62 -12.65 -24.17
CA ILE B 400 12.11 -12.01 -22.96
C ILE B 400 11.01 -11.91 -21.93
N GLU B 401 9.80 -11.60 -22.38
CA GLU B 401 8.67 -11.49 -21.47
C GLU B 401 8.45 -12.79 -20.71
N LYS B 402 8.51 -13.92 -21.40
CA LYS B 402 8.35 -15.22 -20.75
C LYS B 402 9.48 -15.52 -19.77
N THR B 403 10.70 -15.12 -20.11
CA THR B 403 11.85 -15.36 -19.26
C THR B 403 11.77 -14.53 -17.99
N MET B 404 11.23 -13.32 -18.10
CA MET B 404 11.09 -12.41 -16.98
C MET B 404 10.05 -12.87 -15.96
N GLN B 405 9.14 -13.72 -16.40
CA GLN B 405 8.11 -14.26 -15.53
C GLN B 405 8.60 -15.55 -14.88
N ASN B 406 9.74 -16.07 -15.34
CA ASN B 406 10.30 -17.30 -14.78
C ASN B 406 11.48 -17.04 -13.87
N VAL B 407 12.41 -16.23 -14.35
CA VAL B 407 13.61 -15.92 -13.60
C VAL B 407 13.33 -14.92 -12.47
N LYS B 408 13.79 -15.25 -11.26
CA LYS B 408 13.62 -14.39 -10.09
C LYS B 408 14.84 -13.49 -9.89
N HIS B 409 14.62 -12.31 -9.30
CA HIS B 409 15.72 -11.39 -9.02
C HIS B 409 16.66 -12.01 -7.99
N PRO B 410 17.98 -11.80 -8.16
CA PRO B 410 19.00 -12.34 -7.27
C PRO B 410 18.95 -11.88 -5.83
N VAL B 411 18.65 -10.61 -5.64
CA VAL B 411 18.61 -10.04 -4.30
C VAL B 411 17.25 -10.24 -3.64
N THR B 412 16.20 -9.72 -4.28
CA THR B 412 14.84 -9.84 -3.74
C THR B 412 14.18 -11.15 -4.14
N GLY B 413 12.94 -11.35 -3.72
CA GLY B 413 12.26 -12.59 -4.05
C GLY B 413 11.29 -12.46 -5.21
N GLN B 414 11.13 -11.23 -5.70
CA GLN B 414 10.20 -10.99 -6.78
C GLN B 414 10.81 -11.34 -8.12
N PHE B 415 9.94 -11.62 -9.08
CA PHE B 415 10.31 -11.94 -10.46
C PHE B 415 10.73 -10.69 -11.20
N LEU B 416 11.37 -10.90 -12.34
CA LEU B 416 11.85 -9.82 -13.20
C LEU B 416 10.75 -9.03 -13.92
N TYR B 417 9.62 -9.69 -14.14
CA TYR B 417 8.47 -9.08 -14.79
C TYR B 417 7.71 -8.21 -13.80
N GLN B 418 8.08 -6.93 -13.68
CA GLN B 418 7.40 -6.07 -12.73
C GLN B 418 6.45 -5.06 -13.37
N ASP B 419 6.73 -4.71 -14.61
CA ASP B 419 5.92 -3.76 -15.37
C ASP B 419 5.34 -4.42 -16.62
N SER B 420 4.05 -4.27 -16.84
CA SER B 420 3.43 -4.87 -18.01
C SER B 420 3.68 -4.00 -19.25
N ASN B 421 3.93 -2.72 -19.02
CA ASN B 421 4.21 -1.81 -20.12
C ASN B 421 5.71 -1.58 -20.27
N TRP B 422 6.48 -2.67 -20.32
CA TRP B 422 7.93 -2.58 -20.41
C TRP B 422 8.48 -2.51 -21.83
N ALA B 423 7.69 -3.03 -22.78
CA ALA B 423 8.10 -3.08 -24.17
C ALA B 423 8.22 -1.71 -24.77
N SER B 424 7.41 -0.77 -24.31
CA SER B 424 7.48 0.58 -24.85
C SER B 424 8.61 1.37 -24.23
N LYS B 425 9.11 0.91 -23.09
CA LYS B 425 10.18 1.62 -22.44
C LYS B 425 11.56 1.11 -22.84
N VAL B 426 11.62 0.13 -23.75
CA VAL B 426 12.89 -0.42 -24.22
C VAL B 426 13.68 0.58 -25.07
N GLU B 427 14.92 0.86 -24.69
CA GLU B 427 15.75 1.78 -25.46
C GLU B 427 16.44 1.11 -26.64
N LYS B 428 16.70 1.89 -27.69
CA LYS B 428 17.38 1.39 -28.90
C LYS B 428 18.83 0.99 -28.61
N LEU B 429 19.35 0.04 -29.39
CA LEU B 429 20.75 -0.42 -29.26
C LEU B 429 21.68 0.68 -29.79
N THR B 430 22.75 0.97 -29.05
CA THR B 430 23.70 2.03 -29.41
C THR B 430 24.94 1.48 -30.15
N LEU B 431 25.79 2.39 -30.61
CA LEU B 431 26.97 2.00 -31.40
C LEU B 431 28.05 1.27 -30.61
N ASP B 432 28.14 1.55 -29.32
CA ASP B 432 29.15 0.90 -28.51
C ASP B 432 28.79 -0.54 -28.11
N ASN B 433 27.54 -0.94 -28.37
CA ASN B 433 27.09 -2.28 -28.04
C ASN B 433 27.48 -3.26 -29.16
N ALA B 434 27.87 -4.49 -28.78
CA ALA B 434 28.26 -5.51 -29.76
C ALA B 434 27.06 -6.13 -30.48
N ALA B 435 25.85 -5.84 -30.02
CA ALA B 435 24.64 -6.37 -30.64
C ALA B 435 24.13 -5.48 -31.77
N PHE B 436 24.75 -4.32 -31.93
CA PHE B 436 24.36 -3.37 -32.96
C PHE B 436 24.75 -3.81 -34.36
N PRO B 437 25.99 -4.28 -34.53
CA PRO B 437 26.39 -4.73 -35.86
C PRO B 437 25.53 -5.92 -36.34
N PHE B 438 25.12 -6.81 -35.43
CA PHE B 438 24.31 -7.97 -35.79
C PHE B 438 22.89 -7.65 -36.24
N LEU B 439 22.34 -6.57 -35.71
CA LEU B 439 20.98 -6.21 -36.01
C LEU B 439 20.87 -5.19 -37.14
N ALA B 440 21.70 -4.16 -37.10
CA ALA B 440 21.61 -3.10 -38.10
C ALA B 440 22.26 -3.43 -39.43
N TYR B 441 23.35 -4.20 -39.40
CA TYR B 441 24.07 -4.53 -40.62
C TYR B 441 23.67 -5.86 -41.24
N SER B 442 23.71 -6.91 -40.45
CA SER B 442 23.45 -8.28 -40.91
C SER B 442 21.98 -8.65 -41.00
N GLY B 443 21.16 -7.99 -40.17
CA GLY B 443 19.73 -8.30 -40.13
C GLY B 443 19.47 -9.53 -39.28
N ILE B 444 20.18 -9.65 -38.17
CA ILE B 444 19.97 -10.77 -37.27
C ILE B 444 19.48 -10.25 -35.92
N PRO B 445 18.36 -10.81 -35.43
CA PRO B 445 17.77 -10.41 -34.15
C PRO B 445 18.78 -10.54 -33.01
N ALA B 446 19.03 -9.43 -32.32
CA ALA B 446 19.99 -9.39 -31.21
C ALA B 446 19.35 -8.93 -29.90
N VAL B 447 19.88 -9.45 -28.79
CA VAL B 447 19.41 -9.12 -27.45
C VAL B 447 20.58 -8.74 -26.56
N SER B 448 20.37 -7.68 -25.78
CA SER B 448 21.40 -7.23 -24.85
C SER B 448 20.77 -6.88 -23.51
N PHE B 449 21.01 -7.71 -22.50
CA PHE B 449 20.39 -7.46 -21.20
C PHE B 449 21.40 -7.09 -20.12
N CYS B 450 20.92 -6.34 -19.12
CA CYS B 450 21.75 -5.92 -18.03
C CYS B 450 21.03 -5.81 -16.70
N PHE B 451 21.72 -6.15 -15.61
CA PHE B 451 21.18 -5.88 -14.25
C PHE B 451 21.77 -4.51 -13.88
N CYS B 452 21.42 -3.52 -14.69
CA CYS B 452 21.96 -2.18 -14.59
C CYS B 452 21.37 -1.34 -13.46
N GLU B 453 22.17 -0.41 -12.96
CA GLU B 453 21.76 0.54 -11.92
C GLU B 453 21.13 1.74 -12.63
N ASP B 454 20.50 2.64 -11.86
CA ASP B 454 19.89 3.85 -12.45
C ASP B 454 20.94 4.75 -13.11
N THR B 455 22.15 4.78 -12.55
CA THR B 455 23.27 5.53 -13.11
C THR B 455 24.30 4.52 -13.65
N ASP B 456 24.99 4.89 -14.72
CA ASP B 456 25.98 4.02 -15.33
C ASP B 456 27.19 3.81 -14.40
N TYR B 457 27.89 2.70 -14.63
CA TYR B 457 29.04 2.30 -13.83
C TYR B 457 30.14 3.34 -13.84
N PRO B 458 30.54 3.82 -12.66
CA PRO B 458 31.60 4.85 -12.54
C PRO B 458 32.94 4.47 -13.12
N TYR B 459 33.43 3.28 -12.78
CA TYR B 459 34.74 2.80 -13.28
C TYR B 459 34.54 1.80 -14.41
N LEU B 460 34.06 2.29 -15.55
CA LEU B 460 33.78 1.42 -16.68
C LEU B 460 34.96 1.30 -17.63
N GLY B 461 35.40 2.44 -18.16
CA GLY B 461 36.53 2.44 -19.07
C GLY B 461 37.79 3.01 -18.46
N THR B 462 37.90 2.92 -17.14
CA THR B 462 39.06 3.45 -16.42
C THR B 462 39.96 2.34 -15.90
N THR B 463 41.10 2.74 -15.32
CA THR B 463 42.05 1.81 -14.74
C THR B 463 41.53 1.19 -13.43
N MET B 464 40.53 1.83 -12.83
CA MET B 464 39.93 1.39 -11.58
C MET B 464 38.85 0.31 -11.76
N ASP B 465 38.81 -0.28 -12.95
CA ASP B 465 37.85 -1.35 -13.24
C ASP B 465 38.41 -2.70 -12.78
N THR B 466 38.68 -2.81 -11.49
CA THR B 466 39.25 -4.06 -10.98
C THR B 466 38.22 -4.96 -10.33
N TYR B 467 38.64 -6.19 -10.02
CA TYR B 467 37.78 -7.18 -9.38
C TYR B 467 37.41 -6.78 -7.96
N LYS B 468 38.30 -6.04 -7.29
CA LYS B 468 38.08 -5.59 -5.92
C LYS B 468 36.99 -4.55 -5.86
N GLU B 469 36.89 -3.74 -6.92
CA GLU B 469 35.87 -2.71 -6.99
C GLU B 469 34.51 -3.29 -7.32
N LEU B 470 34.50 -4.39 -8.08
CA LEU B 470 33.29 -5.07 -8.53
C LEU B 470 32.60 -5.87 -7.43
N ILE B 471 33.41 -6.45 -6.57
CA ILE B 471 32.90 -7.24 -5.47
C ILE B 471 32.51 -6.32 -4.32
N GLU B 472 33.05 -5.11 -4.31
CA GLU B 472 32.74 -4.14 -3.25
C GLU B 472 31.41 -3.44 -3.53
N ARG B 473 31.20 -3.01 -4.78
CA ARG B 473 29.97 -2.33 -5.15
C ARG B 473 28.80 -3.32 -5.26
N ILE B 474 29.11 -4.54 -5.68
CA ILE B 474 28.12 -5.60 -5.81
C ILE B 474 28.54 -6.79 -4.94
N PRO B 475 28.08 -6.82 -3.69
CA PRO B 475 28.38 -7.87 -2.71
C PRO B 475 27.91 -9.25 -3.13
N GLU B 476 26.70 -9.31 -3.71
CA GLU B 476 26.13 -10.57 -4.15
C GLU B 476 26.45 -10.85 -5.62
N LEU B 477 27.73 -10.72 -5.98
CA LEU B 477 28.18 -10.91 -7.37
C LEU B 477 27.88 -12.31 -7.92
N ASN B 478 28.08 -13.32 -7.06
CA ASN B 478 27.83 -14.71 -7.42
C ASN B 478 26.34 -14.97 -7.67
N LYS B 479 25.46 -14.26 -6.96
CA LYS B 479 24.02 -14.44 -7.11
C LYS B 479 23.48 -13.73 -8.35
N VAL B 480 24.04 -12.57 -8.66
CA VAL B 480 23.62 -11.79 -9.80
C VAL B 480 24.08 -12.46 -11.08
N ALA B 481 25.33 -12.87 -11.11
CA ALA B 481 25.90 -13.55 -12.27
C ALA B 481 25.15 -14.83 -12.59
N ARG B 482 24.74 -15.55 -11.55
CA ARG B 482 23.94 -16.77 -11.72
C ARG B 482 22.58 -16.46 -12.37
N ALA B 483 21.99 -15.33 -11.98
CA ALA B 483 20.72 -14.93 -12.55
C ALA B 483 20.90 -14.48 -14.00
N ALA B 484 21.98 -13.76 -14.29
CA ALA B 484 22.24 -13.34 -15.66
C ALA B 484 22.49 -14.54 -16.56
N ALA B 485 23.15 -15.56 -16.04
CA ALA B 485 23.36 -16.76 -16.82
C ALA B 485 22.06 -17.57 -16.93
N GLU B 486 21.10 -17.29 -16.06
CA GLU B 486 19.83 -18.00 -16.12
C GLU B 486 18.96 -17.39 -17.20
N VAL B 487 19.01 -16.07 -17.33
CA VAL B 487 18.25 -15.36 -18.36
C VAL B 487 18.77 -15.75 -19.74
N ALA B 488 20.08 -15.60 -19.94
CA ALA B 488 20.73 -15.97 -21.20
C ALA B 488 20.54 -17.46 -21.54
N GLY B 489 20.66 -18.32 -20.54
CA GLY B 489 20.48 -19.75 -20.74
C GLY B 489 19.07 -20.17 -21.11
N GLN B 490 18.06 -19.43 -20.69
CA GLN B 490 16.70 -19.80 -21.05
C GLN B 490 16.41 -19.34 -22.47
N PHE B 491 17.13 -18.31 -22.91
CA PHE B 491 17.00 -17.83 -24.28
C PHE B 491 17.43 -18.94 -25.23
N VAL B 492 18.59 -19.52 -24.96
CA VAL B 492 19.15 -20.58 -25.77
C VAL B 492 18.25 -21.80 -25.82
N ILE B 493 17.75 -22.22 -24.67
CA ILE B 493 16.89 -23.39 -24.60
C ILE B 493 15.60 -23.26 -25.38
N LYS B 494 14.91 -22.13 -25.22
CA LYS B 494 13.64 -21.92 -25.90
C LYS B 494 13.81 -21.83 -27.39
N LEU B 495 14.92 -21.23 -27.82
CA LEU B 495 15.15 -21.07 -29.23
C LEU B 495 15.71 -22.32 -29.89
N THR B 496 15.89 -23.38 -29.12
CA THR B 496 16.48 -24.57 -29.70
C THR B 496 15.72 -25.85 -29.48
N HIS B 497 15.28 -26.10 -28.27
CA HIS B 497 14.63 -27.37 -27.97
C HIS B 497 13.33 -27.54 -28.74
N ASP B 498 12.58 -26.46 -28.91
CA ASP B 498 11.30 -26.55 -29.60
C ASP B 498 11.38 -26.47 -31.12
N VAL B 499 10.46 -27.17 -31.79
CA VAL B 499 10.42 -27.15 -33.26
C VAL B 499 9.99 -25.80 -33.83
N GLU B 500 9.24 -25.05 -33.04
CA GLU B 500 8.81 -23.71 -33.42
C GLU B 500 9.87 -22.68 -33.04
N LEU B 501 10.09 -21.70 -33.91
CA LEU B 501 11.00 -20.60 -33.60
C LEU B 501 10.28 -19.57 -32.75
N ASN B 502 10.86 -19.22 -31.61
CA ASN B 502 10.22 -18.25 -30.73
C ASN B 502 10.39 -16.79 -31.12
N LEU B 503 10.58 -16.56 -32.41
CA LEU B 503 10.66 -15.19 -32.94
C LEU B 503 9.23 -14.74 -33.21
N ASP B 504 8.77 -13.76 -32.45
CA ASP B 504 7.39 -13.27 -32.58
C ASP B 504 7.34 -12.15 -33.60
N TYR B 505 6.73 -12.44 -34.74
CA TYR B 505 6.64 -11.46 -35.81
C TYR B 505 5.49 -10.47 -35.59
N GLU B 506 4.53 -10.88 -34.77
CA GLU B 506 3.33 -10.12 -34.46
C GLU B 506 3.62 -8.80 -33.75
N ARG B 507 4.69 -8.82 -32.95
CA ARG B 507 5.13 -7.69 -32.14
C ARG B 507 5.52 -6.49 -33.00
N TYR B 508 6.08 -6.78 -34.16
CA TYR B 508 6.60 -5.75 -35.06
C TYR B 508 5.49 -4.78 -35.46
N ASN B 509 4.27 -5.29 -35.58
CA ASN B 509 3.16 -4.46 -36.03
C ASN B 509 2.92 -3.28 -35.09
N SER B 510 3.03 -3.48 -33.78
CA SER B 510 2.98 -2.35 -32.85
C SER B 510 4.02 -1.30 -33.20
N GLN B 511 5.14 -1.77 -33.73
CA GLN B 511 6.26 -0.90 -34.11
C GLN B 511 5.95 -0.10 -35.37
N LEU B 512 5.16 -0.69 -36.27
CA LEU B 512 4.78 0.00 -37.50
C LEU B 512 3.68 1.00 -37.23
N LEU B 513 2.76 0.60 -36.36
CA LEU B 513 1.62 1.43 -35.97
C LEU B 513 2.13 2.70 -35.28
N SER B 514 3.18 2.56 -34.50
CA SER B 514 3.79 3.67 -33.81
C SER B 514 4.40 4.65 -34.81
N PHE B 515 4.97 4.12 -35.88
CA PHE B 515 5.58 4.93 -36.93
C PHE B 515 4.58 5.76 -37.72
N VAL B 516 3.48 5.13 -38.10
CA VAL B 516 2.43 5.79 -38.86
C VAL B 516 1.73 6.88 -38.06
N ARG B 517 1.46 6.62 -36.79
CA ARG B 517 0.86 7.65 -35.93
C ARG B 517 1.73 8.90 -35.97
N ASP B 518 3.02 8.76 -35.68
CA ASP B 518 3.93 9.90 -35.72
C ASP B 518 3.97 10.61 -37.08
N LEU B 519 3.67 9.88 -38.15
CA LEU B 519 3.66 10.47 -39.49
C LEU B 519 2.31 11.13 -39.73
N ASN B 520 1.30 10.58 -39.08
CA ASN B 520 -0.07 11.10 -39.14
C ASN B 520 -0.17 12.49 -38.49
N GLN B 521 0.70 12.77 -37.53
CA GLN B 521 0.73 14.10 -36.89
C GLN B 521 0.94 15.20 -37.93
N TYR B 522 1.66 14.88 -39.00
CA TYR B 522 1.95 15.85 -40.05
C TYR B 522 1.06 15.65 -41.28
N ARG B 523 -0.18 15.24 -41.04
CA ARG B 523 -1.13 14.98 -42.13
C ARG B 523 -1.38 16.20 -43.01
N ALA B 524 -1.44 17.39 -42.40
CA ALA B 524 -1.66 18.63 -43.14
C ALA B 524 -0.46 19.06 -43.96
N ASP B 525 0.73 18.66 -43.53
CA ASP B 525 1.96 18.99 -44.23
C ASP B 525 2.10 18.16 -45.49
N ILE B 526 1.68 16.90 -45.41
CA ILE B 526 1.72 16.02 -46.58
C ILE B 526 0.63 16.39 -47.56
N LYS B 527 -0.57 16.66 -47.06
CA LYS B 527 -1.68 17.04 -47.91
C LYS B 527 -1.40 18.37 -48.63
N GLU B 528 -0.53 19.20 -48.06
CA GLU B 528 -0.18 20.46 -48.70
C GLU B 528 0.62 20.23 -49.98
N MET B 529 1.44 19.17 -49.95
CA MET B 529 2.22 18.77 -51.11
C MET B 529 1.45 17.72 -51.93
N GLY B 530 2.00 17.34 -53.07
CA GLY B 530 1.36 16.33 -53.90
C GLY B 530 1.58 14.94 -53.34
N LEU B 531 1.30 14.76 -52.05
CA LEU B 531 1.51 13.45 -51.41
C LEU B 531 0.32 13.00 -50.58
N SER B 532 0.30 11.71 -50.26
CA SER B 532 -0.78 11.11 -49.50
C SER B 532 -0.34 9.90 -48.65
N LEU B 533 -0.81 9.86 -47.40
CA LEU B 533 -0.51 8.74 -46.52
C LEU B 533 -1.40 7.54 -46.82
N GLN B 534 -2.23 7.64 -47.86
CA GLN B 534 -3.16 6.57 -48.21
C GLN B 534 -2.47 5.21 -48.40
N TRP B 535 -1.31 5.22 -49.06
CA TRP B 535 -0.53 4.01 -49.34
C TRP B 535 0.21 3.44 -48.13
N LEU B 536 0.59 4.33 -47.21
CA LEU B 536 1.28 3.96 -45.97
C LEU B 536 0.35 3.29 -45.00
N TYR B 537 -0.94 3.63 -45.06
CA TYR B 537 -1.93 2.99 -44.20
C TYR B 537 -2.11 1.56 -44.66
N SER B 538 -2.11 1.36 -45.98
CA SER B 538 -2.28 0.04 -46.58
C SER B 538 -1.08 -0.85 -46.40
N ALA B 539 0.11 -0.28 -46.48
CA ALA B 539 1.32 -1.07 -46.30
C ALA B 539 1.40 -1.56 -44.87
N ARG B 540 0.99 -0.72 -43.92
CA ARG B 540 0.95 -1.11 -42.51
C ARG B 540 -0.09 -2.21 -42.25
N GLY B 541 -1.26 -2.09 -42.88
CA GLY B 541 -2.30 -3.09 -42.72
C GLY B 541 -2.00 -4.39 -43.45
N ASP B 542 -1.27 -4.30 -44.56
CA ASP B 542 -0.94 -5.53 -45.30
C ASP B 542 0.01 -6.40 -44.48
N PHE B 543 0.88 -5.74 -43.71
CA PHE B 543 1.80 -6.44 -42.83
C PHE B 543 1.04 -7.17 -41.71
N PHE B 544 -0.03 -6.55 -41.23
CA PHE B 544 -0.84 -7.20 -40.20
C PHE B 544 -1.51 -8.45 -40.76
N ARG B 545 -2.10 -8.33 -41.94
CA ARG B 545 -2.77 -9.47 -42.57
C ARG B 545 -1.77 -10.58 -42.88
N ALA B 546 -0.54 -10.21 -43.24
CA ALA B 546 0.50 -11.20 -43.51
C ALA B 546 0.83 -12.00 -42.25
N THR B 547 1.00 -11.31 -41.14
CA THR B 547 1.28 -11.95 -39.83
C THR B 547 0.09 -12.75 -39.33
N SER B 548 -1.12 -12.32 -39.69
CA SER B 548 -2.33 -13.02 -39.28
C SER B 548 -2.52 -14.30 -40.06
N ARG B 549 -2.12 -14.28 -41.33
CA ARG B 549 -2.25 -15.49 -42.14
C ARG B 549 -1.23 -16.53 -41.70
N LEU B 550 -0.02 -16.06 -41.38
CA LEU B 550 1.06 -16.93 -40.94
C LEU B 550 0.81 -17.58 -39.59
N THR B 551 0.12 -16.86 -38.72
CA THR B 551 -0.22 -17.37 -37.40
C THR B 551 -1.32 -18.40 -37.54
N THR B 552 -2.21 -18.20 -38.51
CA THR B 552 -3.28 -19.16 -38.78
C THR B 552 -2.69 -20.40 -39.44
N ASP B 553 -1.67 -20.18 -40.26
CA ASP B 553 -1.00 -21.26 -40.95
C ASP B 553 -0.26 -22.17 -39.98
N PHE B 554 0.32 -21.59 -38.94
CA PHE B 554 1.01 -22.35 -37.89
C PHE B 554 0.04 -23.16 -37.04
N GLY B 555 -1.18 -22.67 -36.91
CA GLY B 555 -2.21 -23.34 -36.15
C GLY B 555 -2.89 -24.42 -36.98
N ASN B 556 -2.76 -24.30 -38.30
CA ASN B 556 -3.35 -25.27 -39.20
C ASN B 556 -2.33 -26.28 -39.71
N ALA B 557 -1.13 -26.27 -39.12
CA ALA B 557 -0.09 -27.20 -39.50
C ALA B 557 0.27 -28.13 -38.34
N GLU B 558 0.59 -29.38 -38.67
CA GLU B 558 0.95 -30.35 -37.64
C GLU B 558 2.37 -30.07 -37.16
N LYS B 559 2.59 -30.12 -35.86
CA LYS B 559 3.91 -29.79 -35.30
C LYS B 559 4.96 -30.89 -35.47
N THR B 560 4.49 -32.14 -35.56
CA THR B 560 5.34 -33.32 -35.70
C THR B 560 5.98 -33.48 -37.08
N ASP B 561 5.31 -32.99 -38.11
CA ASP B 561 5.81 -33.05 -39.48
C ASP B 561 6.92 -32.00 -39.68
N ARG B 562 8.12 -32.46 -40.01
CA ARG B 562 9.24 -31.54 -40.16
C ARG B 562 9.21 -30.73 -41.46
N PHE B 563 8.59 -31.29 -42.51
CA PHE B 563 8.54 -30.64 -43.82
C PHE B 563 7.63 -29.42 -43.84
N VAL B 564 6.43 -29.54 -43.29
CA VAL B 564 5.50 -28.43 -43.28
C VAL B 564 5.93 -27.27 -42.38
N MET B 565 6.67 -27.56 -41.31
CA MET B 565 7.13 -26.51 -40.38
C MET B 565 8.33 -25.76 -40.91
N LYS B 566 9.19 -26.44 -41.66
CA LYS B 566 10.40 -25.85 -42.22
C LYS B 566 10.04 -24.74 -43.19
N LYS B 567 8.99 -24.97 -43.97
CA LYS B 567 8.51 -23.99 -44.93
C LYS B 567 7.95 -22.75 -44.24
N LEU B 568 7.38 -22.94 -43.05
CA LEU B 568 6.81 -21.84 -42.28
C LEU B 568 7.87 -21.09 -41.49
N ASN B 569 8.80 -21.84 -40.90
CA ASN B 569 9.89 -21.24 -40.11
C ASN B 569 10.86 -20.42 -40.93
N ASP B 570 10.99 -20.72 -42.22
CA ASP B 570 11.88 -19.97 -43.11
C ASP B 570 11.30 -18.60 -43.42
N ARG B 571 9.97 -18.47 -43.31
CA ARG B 571 9.32 -17.19 -43.55
C ARG B 571 9.56 -16.29 -42.36
N VAL B 572 9.55 -16.89 -41.17
CA VAL B 572 9.76 -16.17 -39.91
C VAL B 572 11.17 -15.59 -39.77
N MET B 573 12.17 -16.37 -40.17
CA MET B 573 13.57 -15.97 -40.07
C MET B 573 13.89 -14.74 -40.91
N ARG B 574 13.34 -14.71 -42.12
CA ARG B 574 13.59 -13.59 -43.04
C ARG B 574 13.09 -12.27 -42.49
N VAL B 575 11.93 -12.30 -41.84
CA VAL B 575 11.33 -11.06 -41.30
C VAL B 575 12.32 -9.96 -40.98
N GLU B 576 13.33 -10.28 -40.19
CA GLU B 576 14.32 -9.28 -39.82
C GLU B 576 15.07 -8.78 -41.06
N TYR B 577 15.44 -9.72 -41.93
CA TYR B 577 16.17 -9.43 -43.15
C TYR B 577 15.47 -8.44 -44.07
N HIS B 578 14.18 -8.68 -44.30
CA HIS B 578 13.41 -7.84 -45.18
C HIS B 578 13.26 -6.40 -44.74
N PHE B 579 13.68 -6.08 -43.52
CA PHE B 579 13.60 -4.68 -43.05
C PHE B 579 14.89 -3.90 -43.28
N LEU B 580 15.88 -4.58 -43.87
CA LEU B 580 17.15 -3.97 -44.26
C LEU B 580 16.92 -3.29 -45.58
N SER B 581 17.34 -2.03 -45.69
CA SER B 581 17.12 -1.28 -46.91
C SER B 581 17.85 -1.89 -48.09
N PRO B 582 17.14 -2.19 -49.19
CA PRO B 582 17.80 -2.75 -50.34
C PRO B 582 18.05 -1.68 -51.39
N TYR B 583 18.19 -0.43 -50.94
CA TYR B 583 18.42 0.69 -51.84
C TYR B 583 19.71 1.43 -51.56
N VAL B 584 20.36 1.05 -50.46
CA VAL B 584 21.61 1.69 -50.09
C VAL B 584 22.77 0.72 -50.18
N SER B 585 23.98 1.26 -50.30
CA SER B 585 25.16 0.43 -50.42
C SER B 585 25.61 -0.11 -49.08
N PRO B 586 25.80 -1.43 -49.00
CA PRO B 586 26.23 -1.99 -47.72
C PRO B 586 27.63 -1.55 -47.31
N LYS B 587 28.43 -1.01 -48.25
CA LYS B 587 29.77 -0.51 -47.94
C LYS B 587 29.69 0.94 -47.43
N GLU B 588 28.93 1.79 -48.12
CA GLU B 588 28.78 3.21 -47.75
C GLU B 588 27.93 3.41 -46.48
N SER B 589 26.77 2.74 -46.46
CA SER B 589 25.81 2.78 -45.34
C SER B 589 25.56 1.37 -44.78
N PRO B 590 26.50 0.84 -43.99
CA PRO B 590 26.38 -0.51 -43.39
C PRO B 590 25.15 -0.81 -42.56
N PHE B 591 24.65 0.17 -41.84
CA PHE B 591 23.46 -0.08 -40.99
C PHE B 591 22.23 0.13 -41.84
N ARG B 592 21.90 -0.91 -42.61
CA ARG B 592 20.81 -0.84 -43.54
C ARG B 592 19.43 -0.88 -42.91
N HIS B 593 19.31 -1.45 -41.71
CA HIS B 593 17.98 -1.59 -41.08
C HIS B 593 17.19 -0.29 -40.93
N VAL B 594 15.99 -0.26 -41.49
CA VAL B 594 15.19 0.95 -41.47
C VAL B 594 14.68 1.43 -40.12
N PHE B 595 14.62 0.52 -39.16
CA PHE B 595 14.16 0.86 -37.82
C PHE B 595 15.29 1.32 -36.92
N TRP B 596 16.34 0.52 -36.82
CA TRP B 596 17.43 0.91 -35.95
C TRP B 596 18.76 0.98 -36.69
N GLY B 597 18.85 1.93 -37.61
CA GLY B 597 20.06 2.08 -38.39
C GLY B 597 20.57 3.50 -38.34
N SER B 598 21.42 3.84 -39.29
CA SER B 598 21.97 5.17 -39.36
C SER B 598 22.03 5.55 -40.83
N GLY B 599 21.38 6.67 -41.18
CA GLY B 599 21.34 7.13 -42.56
C GLY B 599 19.99 7.70 -42.90
N SER B 600 19.85 8.30 -44.08
CA SER B 600 18.59 8.89 -44.48
C SER B 600 17.55 7.84 -44.83
N HIS B 601 17.99 6.61 -45.04
CA HIS B 601 17.09 5.52 -45.42
C HIS B 601 16.23 4.97 -44.30
N THR B 602 16.56 5.31 -43.06
CA THR B 602 15.82 4.84 -41.90
C THR B 602 14.57 5.64 -41.69
N LEU B 603 13.61 4.99 -41.01
CA LEU B 603 12.32 5.58 -40.65
C LEU B 603 12.40 6.81 -39.75
N PRO B 604 13.30 6.79 -38.74
CA PRO B 604 13.43 7.95 -37.87
C PRO B 604 13.91 9.18 -38.60
N ALA B 605 14.77 8.98 -39.60
CA ALA B 605 15.31 10.09 -40.39
C ALA B 605 14.27 10.71 -41.31
N LEU B 606 13.22 9.96 -41.60
CA LEU B 606 12.15 10.47 -42.44
C LEU B 606 11.31 11.45 -41.64
N LEU B 607 11.14 11.13 -40.36
CA LEU B 607 10.37 11.96 -39.44
C LEU B 607 11.21 13.14 -38.98
N GLU B 608 12.52 12.94 -38.88
CA GLU B 608 13.43 14.00 -38.43
C GLU B 608 13.61 15.09 -39.47
N ASN B 609 13.53 14.71 -40.74
CA ASN B 609 13.64 15.66 -41.84
C ASN B 609 12.34 16.44 -42.03
N LEU B 610 11.24 15.79 -41.68
CA LEU B 610 9.91 16.39 -41.78
C LEU B 610 9.62 17.27 -40.56
N LYS B 611 10.48 17.19 -39.55
CA LYS B 611 10.32 18.01 -38.35
C LYS B 611 10.73 19.45 -38.68
N LEU B 612 11.59 19.58 -39.69
CA LEU B 612 12.09 20.87 -40.17
C LEU B 612 11.10 21.58 -41.10
N ARG B 613 10.10 20.83 -41.54
CA ARG B 613 9.07 21.36 -42.43
C ARG B 613 8.12 22.31 -41.69
N LYS B 614 7.86 22.03 -40.43
CA LYS B 614 6.95 22.84 -39.63
C LYS B 614 7.50 24.23 -39.36
N GLN B 615 8.83 24.35 -39.36
CA GLN B 615 9.46 25.63 -39.10
C GLN B 615 9.65 26.47 -40.36
N ASN B 616 9.49 25.84 -41.53
CA ASN B 616 9.63 26.54 -42.81
C ASN B 616 11.00 27.17 -43.02
N ASN B 617 12.06 26.38 -42.81
CA ASN B 617 13.42 26.88 -42.99
C ASN B 617 14.12 26.24 -44.20
N GLY B 618 15.37 26.63 -44.44
CA GLY B 618 16.15 26.10 -45.56
C GLY B 618 16.78 24.74 -45.32
N ALA B 619 16.63 24.22 -44.11
CA ALA B 619 17.19 22.92 -43.75
C ALA B 619 16.38 21.75 -44.32
N PHE B 620 15.08 22.00 -44.56
CA PHE B 620 14.18 21.00 -45.13
C PHE B 620 14.47 20.82 -46.64
N ASN B 621 14.50 19.55 -47.03
CA ASN B 621 14.72 19.16 -48.41
C ASN B 621 13.54 18.35 -48.98
N GLU B 622 12.75 18.95 -49.86
CA GLU B 622 11.57 18.27 -50.43
C GLU B 622 11.94 17.15 -51.37
N THR B 623 13.04 17.36 -52.10
CA THR B 623 13.52 16.37 -53.06
C THR B 623 13.93 15.09 -52.35
N LEU B 624 14.58 15.24 -51.20
CA LEU B 624 15.04 14.11 -50.39
C LEU B 624 13.86 13.39 -49.75
N PHE B 625 12.94 14.18 -49.20
CA PHE B 625 11.77 13.65 -48.53
C PHE B 625 10.92 12.78 -49.42
N ARG B 626 10.68 13.22 -50.66
CA ARG B 626 9.88 12.45 -51.63
C ARG B 626 10.54 11.11 -51.92
N ASN B 627 11.86 11.10 -52.02
CA ASN B 627 12.59 9.86 -52.25
C ASN B 627 12.54 8.98 -50.99
N GLN B 628 12.71 9.58 -49.81
CA GLN B 628 12.66 8.86 -48.53
C GLN B 628 11.32 8.17 -48.30
N LEU B 629 10.25 8.88 -48.60
CA LEU B 629 8.88 8.37 -48.45
C LEU B 629 8.62 7.24 -49.46
N ALA B 630 9.13 7.44 -50.67
CA ALA B 630 8.97 6.50 -51.74
C ALA B 630 9.50 5.11 -51.39
N LEU B 631 10.78 5.06 -51.01
CA LEU B 631 11.45 3.80 -50.67
C LEU B 631 10.87 3.14 -49.43
N ALA B 632 10.73 3.92 -48.36
CA ALA B 632 10.20 3.45 -47.08
C ALA B 632 8.86 2.76 -47.20
N THR B 633 7.98 3.32 -48.03
CA THR B 633 6.66 2.74 -48.25
C THR B 633 6.73 1.36 -48.88
N TRP B 634 7.68 1.21 -49.81
CA TRP B 634 7.83 -0.07 -50.50
C TRP B 634 8.63 -1.08 -49.69
N THR B 635 9.54 -0.60 -48.84
CA THR B 635 10.29 -1.50 -47.95
C THR B 635 9.31 -2.21 -47.01
N ILE B 636 8.32 -1.48 -46.52
CA ILE B 636 7.29 -2.06 -45.66
C ILE B 636 6.35 -2.95 -46.47
N GLN B 637 5.92 -2.45 -47.63
CA GLN B 637 5.02 -3.22 -48.51
C GLN B 637 5.73 -4.48 -49.03
N GLY B 638 7.03 -4.34 -49.32
CA GLY B 638 7.84 -5.46 -49.76
C GLY B 638 7.83 -6.58 -48.74
N ALA B 639 8.24 -6.22 -47.51
CA ALA B 639 8.27 -7.13 -46.35
C ALA B 639 6.96 -7.83 -46.06
N ALA B 640 5.86 -7.17 -46.39
CA ALA B 640 4.52 -7.70 -46.18
C ALA B 640 4.16 -8.70 -47.26
N ASN B 641 4.49 -8.33 -48.49
CA ASN B 641 4.17 -9.17 -49.64
C ASN B 641 4.96 -10.46 -49.64
N ALA B 642 6.20 -10.37 -49.19
CA ALA B 642 7.08 -11.53 -49.16
C ALA B 642 6.77 -12.43 -47.97
N LEU B 643 6.07 -11.89 -46.98
CA LEU B 643 5.77 -12.67 -45.79
C LEU B 643 4.68 -13.71 -46.00
N SER B 644 3.60 -13.34 -46.67
CA SER B 644 2.50 -14.27 -46.92
C SER B 644 1.99 -14.24 -48.37
N GLY B 645 1.39 -15.35 -48.80
CA GLY B 645 0.80 -15.45 -50.12
C GLY B 645 1.72 -15.74 -51.30
N ASP B 646 2.98 -16.08 -51.05
CA ASP B 646 3.93 -16.36 -52.13
C ASP B 646 4.14 -15.19 -53.11
N VAL B 647 4.11 -15.49 -54.41
CA VAL B 647 4.27 -14.47 -55.45
C VAL B 647 3.07 -14.24 -56.38
N TRP B 648 1.94 -14.88 -56.09
CA TRP B 648 0.76 -14.76 -56.91
C TRP B 648 -0.49 -14.59 -56.07
N ASP B 649 -0.39 -14.93 -54.80
CA ASP B 649 -1.51 -14.82 -53.89
C ASP B 649 -1.76 -13.41 -53.35
N ILE B 650 -0.86 -12.49 -53.69
CA ILE B 650 -0.95 -11.08 -53.29
C ILE B 650 -2.15 -10.38 -53.94
N ASP B 651 -3.15 -10.03 -53.12
CA ASP B 651 -4.36 -9.40 -53.64
C ASP B 651 -4.18 -7.94 -54.04
N ASN B 652 -3.30 -7.23 -53.36
CA ASN B 652 -3.05 -5.82 -53.64
C ASN B 652 -2.35 -5.57 -54.97
N GLU B 653 -2.69 -4.44 -55.59
CA GLU B 653 -2.11 -4.04 -56.88
C GLU B 653 -0.70 -3.46 -56.71
N LYS C 18 -28.13 23.27 73.17
CA LYS C 18 -28.81 22.50 72.08
C LYS C 18 -28.32 21.03 72.04
N THR C 19 -29.21 20.13 71.66
CA THR C 19 -28.89 18.71 71.60
C THR C 19 -27.96 18.36 70.44
N VAL C 20 -27.04 17.42 70.69
CA VAL C 20 -26.10 16.93 69.67
C VAL C 20 -26.37 15.47 69.36
N ARG C 21 -26.80 15.16 68.14
CA ARG C 21 -27.09 13.78 67.76
C ARG C 21 -25.82 12.97 67.51
N TRP C 22 -25.60 11.95 68.34
CA TRP C 22 -24.42 11.10 68.22
C TRP C 22 -24.77 9.79 67.53
N CYS C 23 -23.91 9.35 66.62
CA CYS C 23 -24.16 8.12 65.88
C CYS C 23 -23.51 6.90 66.54
N ALA C 24 -24.27 5.83 66.70
CA ALA C 24 -23.78 4.62 67.34
C ALA C 24 -23.88 3.41 66.44
N VAL C 25 -22.84 2.58 66.47
CA VAL C 25 -22.81 1.40 65.63
C VAL C 25 -23.18 0.13 66.41
N SER C 26 -24.21 -0.55 65.92
CA SER C 26 -24.70 -1.80 66.53
C SER C 26 -25.31 -1.57 67.92
N GLU C 27 -25.68 -2.67 68.58
CA GLU C 27 -26.31 -2.63 69.90
C GLU C 27 -25.34 -2.19 70.99
N HIS C 28 -24.07 -2.59 70.88
CA HIS C 28 -23.06 -2.28 71.89
C HIS C 28 -22.83 -0.80 72.10
N GLU C 29 -22.62 -0.06 71.02
CA GLU C 29 -22.41 1.39 71.12
C GLU C 29 -23.70 2.13 71.46
N ALA C 30 -24.83 1.53 71.10
CA ALA C 30 -26.14 2.10 71.38
C ALA C 30 -26.43 2.09 72.87
N THR C 31 -26.05 1.02 73.54
CA THR C 31 -26.25 0.90 74.99
C THR C 31 -25.36 1.85 75.78
N LYS C 32 -24.17 2.11 75.27
CA LYS C 32 -23.22 3.03 75.89
C LYS C 32 -23.64 4.47 75.60
N CYS C 33 -24.36 4.67 74.49
CA CYS C 33 -24.80 6.01 74.12
C CYS C 33 -25.90 6.51 75.03
N GLN C 34 -26.90 5.66 75.24
CA GLN C 34 -28.03 6.03 76.09
C GLN C 34 -27.62 6.21 77.54
N SER C 35 -26.60 5.47 77.93
CA SER C 35 -26.05 5.56 79.27
C SER C 35 -25.26 6.88 79.42
N PHE C 36 -24.62 7.27 78.33
CA PHE C 36 -23.85 8.52 78.25
C PHE C 36 -24.81 9.71 78.22
N ARG C 37 -25.98 9.50 77.63
CA ARG C 37 -27.01 10.54 77.55
C ARG C 37 -27.66 10.76 78.92
N ASP C 38 -27.75 9.68 79.70
CA ASP C 38 -28.37 9.76 81.02
C ASP C 38 -27.45 10.34 82.07
N HIS C 39 -26.20 9.90 82.07
CA HIS C 39 -25.21 10.39 83.04
C HIS C 39 -24.85 11.86 82.86
N MET C 40 -24.89 12.32 81.61
CA MET C 40 -24.56 13.70 81.31
C MET C 40 -25.72 14.63 81.60
N LYS C 41 -26.94 14.09 81.59
CA LYS C 41 -28.15 14.88 81.82
C LYS C 41 -28.30 15.35 83.26
N SER C 42 -27.77 14.57 84.19
CA SER C 42 -27.87 14.87 85.61
C SER C 42 -26.84 15.88 86.10
N VAL C 43 -25.61 15.77 85.61
CA VAL C 43 -24.56 16.66 86.05
C VAL C 43 -24.58 17.99 85.33
N ILE C 44 -25.17 18.03 84.15
CA ILE C 44 -25.23 19.26 83.37
C ILE C 44 -26.65 19.80 83.30
N PRO C 45 -26.83 21.09 83.64
CA PRO C 45 -28.15 21.73 83.60
C PRO C 45 -28.86 21.70 82.24
N SER C 46 -30.12 22.12 82.22
CA SER C 46 -30.92 22.13 80.98
C SER C 46 -30.43 23.19 79.98
N ASP C 47 -29.79 24.23 80.51
CA ASP C 47 -29.26 25.31 79.67
C ASP C 47 -28.01 24.86 78.91
N GLY C 48 -27.33 23.83 79.43
CA GLY C 48 -26.15 23.28 78.79
C GLY C 48 -26.50 22.30 77.68
N PRO C 49 -25.47 21.69 77.06
CA PRO C 49 -25.64 20.71 75.97
C PRO C 49 -26.15 19.36 76.41
N SER C 50 -26.89 18.70 75.53
CA SER C 50 -27.46 17.37 75.78
C SER C 50 -26.97 16.36 74.72
N VAL C 51 -27.18 15.07 74.97
CA VAL C 51 -26.71 14.09 74.01
C VAL C 51 -27.87 13.23 73.53
N ALA C 52 -27.95 13.05 72.21
CA ALA C 52 -28.97 12.23 71.58
C ALA C 52 -28.32 11.05 70.85
N CYS C 53 -29.09 10.01 70.56
CA CYS C 53 -28.48 8.86 69.91
C CYS C 53 -29.20 8.38 68.68
N VAL C 54 -28.40 8.08 67.66
CA VAL C 54 -28.88 7.61 66.37
C VAL C 54 -28.35 6.20 66.12
N LYS C 55 -29.25 5.31 65.73
CA LYS C 55 -28.91 3.92 65.48
C LYS C 55 -28.41 3.74 64.05
N LYS C 56 -27.28 3.06 63.89
CA LYS C 56 -26.71 2.82 62.56
C LYS C 56 -26.02 1.46 62.51
N ALA C 57 -26.01 0.84 61.33
CA ALA C 57 -25.43 -0.48 61.16
C ALA C 57 -23.91 -0.51 61.01
N SER C 58 -23.36 0.49 60.32
CA SER C 58 -21.92 0.56 60.10
C SER C 58 -21.41 1.99 60.24
N TYR C 59 -20.10 2.16 60.09
CA TYR C 59 -19.48 3.48 60.19
C TYR C 59 -19.79 4.31 58.95
N LEU C 60 -20.04 3.61 57.84
CA LEU C 60 -20.35 4.27 56.58
C LEU C 60 -21.75 4.88 56.62
N ASP C 61 -22.62 4.24 57.39
CA ASP C 61 -23.99 4.71 57.59
C ASP C 61 -24.00 5.97 58.45
N CYS C 62 -23.03 6.10 59.35
CA CYS C 62 -22.90 7.28 60.21
C CYS C 62 -22.41 8.49 59.44
N ILE C 63 -21.52 8.27 58.48
CA ILE C 63 -21.00 9.35 57.65
C ILE C 63 -22.10 9.88 56.73
N ARG C 64 -22.91 8.99 56.18
CA ARG C 64 -24.01 9.38 55.31
C ARG C 64 -25.12 10.04 56.13
N ALA C 65 -25.15 9.77 57.43
CA ALA C 65 -26.19 10.34 58.28
C ALA C 65 -25.94 11.79 58.64
N ILE C 66 -24.68 12.15 58.86
CA ILE C 66 -24.32 13.51 59.22
C ILE C 66 -24.46 14.43 58.01
N ALA C 67 -24.22 13.84 56.85
CA ALA C 67 -24.34 14.54 55.58
C ALA C 67 -25.80 14.82 55.22
N ALA C 68 -26.69 13.92 55.67
CA ALA C 68 -28.12 14.05 55.43
C ALA C 68 -28.83 14.72 56.61
N ASN C 69 -28.03 15.27 57.51
CA ASN C 69 -28.51 15.95 58.70
C ASN C 69 -29.36 15.06 59.61
N GLU C 70 -28.95 13.81 59.79
CA GLU C 70 -29.67 12.92 60.67
C GLU C 70 -28.91 12.70 61.96
N ALA C 71 -27.60 12.94 61.90
CA ALA C 71 -26.75 12.83 63.05
C ALA C 71 -25.81 14.06 63.04
N ASP C 72 -24.98 14.22 64.06
CA ASP C 72 -24.10 15.39 64.12
C ASP C 72 -22.61 15.08 64.21
N ALA C 73 -22.23 14.07 64.98
CA ALA C 73 -20.83 13.75 65.15
C ALA C 73 -20.63 12.27 65.49
N VAL C 74 -19.50 11.72 65.07
CA VAL C 74 -19.10 10.34 65.33
C VAL C 74 -17.59 10.20 65.16
N THR C 75 -16.97 9.42 66.04
CA THR C 75 -15.51 9.25 65.99
C THR C 75 -15.11 8.19 64.95
N LEU C 76 -14.12 8.52 64.12
CA LEU C 76 -13.60 7.60 63.10
C LEU C 76 -12.09 7.49 63.12
N ASP C 77 -11.58 6.44 62.49
CA ASP C 77 -10.15 6.22 62.35
C ASP C 77 -9.58 7.21 61.33
N ALA C 78 -8.30 7.58 61.50
CA ALA C 78 -7.65 8.52 60.57
C ALA C 78 -7.81 8.11 59.09
N GLY C 79 -7.75 6.80 58.82
CA GLY C 79 -7.90 6.28 57.47
C GLY C 79 -9.32 6.30 56.94
N LEU C 80 -10.28 6.46 57.84
CA LEU C 80 -11.70 6.52 57.44
C LEU C 80 -12.14 7.95 57.28
N VAL C 81 -11.26 8.87 57.65
CA VAL C 81 -11.53 10.30 57.50
C VAL C 81 -11.51 10.67 56.03
N TYR C 82 -10.66 9.97 55.29
CA TYR C 82 -10.57 10.15 53.84
C TYR C 82 -11.95 9.95 53.20
N ASP C 83 -12.63 8.86 53.59
CA ASP C 83 -13.95 8.56 53.07
C ASP C 83 -15.03 9.57 53.42
N ALA C 84 -14.86 10.18 54.58
CA ALA C 84 -15.79 11.18 55.08
C ALA C 84 -15.59 12.54 54.42
N TYR C 85 -14.39 12.76 53.89
CA TYR C 85 -14.02 14.01 53.22
C TYR C 85 -14.60 14.06 51.81
N LEU C 86 -14.59 12.89 51.16
CA LEU C 86 -15.09 12.72 49.80
C LEU C 86 -16.52 13.23 49.66
N ALA C 87 -16.83 13.83 48.50
CA ALA C 87 -18.18 14.36 48.24
C ALA C 87 -19.10 13.17 47.95
N PRO C 88 -20.40 13.29 48.27
CA PRO C 88 -20.99 14.47 48.88
C PRO C 88 -21.11 14.48 50.39
N ASN C 89 -20.26 13.71 51.08
CA ASN C 89 -20.29 13.66 52.54
C ASN C 89 -19.72 14.94 53.14
N ASN C 90 -18.54 15.36 52.68
CA ASN C 90 -17.91 16.60 53.15
C ASN C 90 -17.87 16.78 54.65
N LEU C 91 -17.07 15.96 55.33
CA LEU C 91 -16.94 16.07 56.79
C LEU C 91 -15.54 16.52 57.18
N LYS C 92 -15.46 17.40 58.17
CA LYS C 92 -14.18 17.89 58.64
C LYS C 92 -13.90 17.48 60.07
N PRO C 93 -12.66 17.03 60.36
CA PRO C 93 -12.34 16.63 61.75
C PRO C 93 -12.31 17.88 62.62
N VAL C 94 -12.96 17.81 63.78
CA VAL C 94 -13.06 18.94 64.69
C VAL C 94 -12.52 18.69 66.10
N VAL C 95 -12.67 17.46 66.57
CA VAL C 95 -12.18 17.08 67.89
C VAL C 95 -11.37 15.80 67.79
N ALA C 96 -10.09 15.88 68.16
CA ALA C 96 -9.22 14.72 68.12
C ALA C 96 -8.80 14.26 69.51
N GLU C 97 -8.76 12.95 69.69
CA GLU C 97 -8.37 12.36 70.97
C GLU C 97 -6.88 12.04 71.05
N PHE C 98 -6.28 12.28 72.21
CA PHE C 98 -4.86 12.00 72.42
C PHE C 98 -4.62 10.80 73.31
N TYR C 99 -3.51 10.11 73.08
CA TYR C 99 -3.16 8.91 73.83
C TYR C 99 -1.92 9.12 74.70
N GLY C 100 -1.66 8.16 75.60
CA GLY C 100 -0.50 8.24 76.46
C GLY C 100 -0.82 8.69 77.87
N SER C 101 -0.73 10.00 78.08
CA SER C 101 -1.02 10.58 79.39
C SER C 101 -1.59 11.97 79.24
N LYS C 102 -2.18 12.49 80.31
CA LYS C 102 -2.74 13.83 80.24
C LYS C 102 -1.65 14.89 80.33
N GLU C 103 -0.51 14.55 80.93
CA GLU C 103 0.60 15.49 81.06
C GLU C 103 1.34 15.63 79.72
N ASP C 104 1.52 14.51 79.04
CA ASP C 104 2.18 14.47 77.73
C ASP C 104 1.23 13.87 76.71
N PRO C 105 0.50 14.71 75.98
CA PRO C 105 -0.45 14.26 74.96
C PRO C 105 0.24 13.79 73.69
N GLN C 106 -0.31 12.75 73.07
CA GLN C 106 0.23 12.23 71.81
C GLN C 106 -0.86 12.14 70.75
N THR C 107 -0.66 12.84 69.64
CA THR C 107 -1.62 12.88 68.54
C THR C 107 -1.34 11.85 67.45
N PHE C 108 -0.53 10.84 67.79
CA PHE C 108 -0.15 9.78 66.85
C PHE C 108 0.15 8.47 67.57
N TYR C 109 -0.32 7.36 67.02
CA TYR C 109 -0.06 6.05 67.60
C TYR C 109 0.75 5.14 66.65
N TYR C 110 1.38 4.10 67.22
CA TYR C 110 2.21 3.18 66.44
C TYR C 110 1.38 2.03 65.89
N ALA C 111 1.65 1.65 64.66
CA ALA C 111 0.98 0.51 64.05
C ALA C 111 1.95 -0.65 64.02
N VAL C 112 1.56 -1.78 64.60
CA VAL C 112 2.46 -2.91 64.65
C VAL C 112 1.82 -4.21 64.21
N ALA C 113 2.66 -5.19 63.91
CA ALA C 113 2.20 -6.51 63.53
C ALA C 113 2.54 -7.52 64.62
N VAL C 114 1.51 -8.14 65.19
CA VAL C 114 1.69 -9.09 66.27
C VAL C 114 1.52 -10.53 65.84
N VAL C 115 2.52 -11.35 66.15
CA VAL C 115 2.51 -12.76 65.81
C VAL C 115 2.81 -13.63 67.04
N LYS C 116 2.50 -14.93 66.94
CA LYS C 116 2.77 -15.88 68.03
C LYS C 116 4.25 -16.17 68.16
N LYS C 117 4.68 -16.58 69.35
CA LYS C 117 6.09 -16.85 69.62
C LYS C 117 6.61 -18.07 68.88
N ASP C 118 7.77 -17.92 68.25
CA ASP C 118 8.40 -19.00 67.50
C ASP C 118 7.48 -19.60 66.43
N SER C 119 6.91 -18.74 65.60
CA SER C 119 6.02 -19.15 64.51
C SER C 119 6.83 -19.51 63.26
N GLY C 120 7.91 -18.77 63.02
CA GLY C 120 8.79 -19.00 61.89
C GLY C 120 8.45 -18.20 60.65
N PHE C 121 7.73 -17.10 60.85
CA PHE C 121 7.34 -16.22 59.73
C PHE C 121 7.82 -14.80 60.04
N GLN C 122 8.20 -14.06 58.99
CA GLN C 122 8.68 -12.68 59.14
C GLN C 122 7.85 -11.73 58.30
N MET C 123 8.26 -10.46 58.26
CA MET C 123 7.53 -9.46 57.51
C MET C 123 7.56 -9.69 56.00
N ASN C 124 8.69 -10.17 55.48
CA ASN C 124 8.82 -10.43 54.05
C ASN C 124 8.14 -11.72 53.58
N GLN C 125 7.87 -12.63 54.53
CA GLN C 125 7.22 -13.90 54.21
C GLN C 125 5.85 -13.97 54.85
N LEU C 126 4.84 -13.45 54.17
CA LEU C 126 3.48 -13.48 54.69
C LEU C 126 2.51 -14.11 53.70
N ARG C 127 3.02 -14.53 52.55
CA ARG C 127 2.19 -15.16 51.54
C ARG C 127 1.74 -16.54 52.00
N GLY C 128 0.45 -16.82 51.81
CA GLY C 128 -0.14 -18.09 52.21
C GLY C 128 -0.26 -18.24 53.72
N LYS C 129 -0.29 -17.10 54.42
CA LYS C 129 -0.42 -17.08 55.87
C LYS C 129 -1.76 -16.46 56.23
N LYS C 130 -2.27 -16.78 57.43
CA LYS C 130 -3.56 -16.27 57.88
C LYS C 130 -3.40 -14.91 58.55
N SER C 131 -4.24 -13.95 58.17
CA SER C 131 -4.18 -12.58 58.70
C SER C 131 -5.49 -12.09 59.34
N CYS C 132 -5.34 -11.23 60.36
CA CYS C 132 -6.44 -10.61 61.11
C CYS C 132 -6.35 -9.08 61.11
N HIS C 133 -7.27 -8.43 60.42
CA HIS C 133 -7.26 -6.97 60.32
C HIS C 133 -8.30 -6.30 61.22
N THR C 134 -8.05 -5.03 61.55
CA THR C 134 -9.00 -4.28 62.38
C THR C 134 -10.26 -3.91 61.61
N GLY C 135 -10.11 -3.60 60.32
CA GLY C 135 -11.23 -3.23 59.48
C GLY C 135 -10.72 -2.64 58.19
N LEU C 136 -11.52 -2.74 57.12
CA LEU C 136 -11.10 -2.20 55.83
C LEU C 136 -11.08 -0.66 55.85
N GLY C 137 -9.96 -0.08 55.44
CA GLY C 137 -9.80 1.37 55.41
C GLY C 137 -9.15 1.97 56.65
N ARG C 138 -8.96 1.12 57.65
CA ARG C 138 -8.36 1.47 58.96
C ARG C 138 -6.84 1.68 58.85
N SER C 139 -6.28 2.62 59.61
CA SER C 139 -4.85 2.95 59.54
C SER C 139 -3.94 1.77 59.88
N ALA C 140 -3.99 1.30 61.13
CA ALA C 140 -3.10 0.25 61.59
C ALA C 140 -3.51 -1.15 61.09
N GLY C 141 -4.75 -1.28 60.63
CA GLY C 141 -5.25 -2.57 60.21
C GLY C 141 -5.29 -2.82 58.71
N TRP C 142 -5.11 -1.77 57.91
CA TRP C 142 -5.20 -1.92 56.46
C TRP C 142 -4.30 -0.99 55.65
N ASN C 143 -4.39 0.31 55.92
CA ASN C 143 -3.65 1.30 55.17
C ASN C 143 -2.15 1.16 55.21
N ILE C 144 -1.64 0.67 56.34
CA ILE C 144 -0.19 0.51 56.51
C ILE C 144 0.32 -0.90 56.21
N PRO C 145 -0.37 -1.91 56.72
CA PRO C 145 0.05 -3.30 56.56
C PRO C 145 0.05 -3.75 55.10
N ILE C 146 -0.99 -3.33 54.37
CA ILE C 146 -1.17 -3.69 52.97
C ILE C 146 -0.38 -2.74 52.08
N GLY C 147 -0.12 -1.54 52.60
CA GLY C 147 0.60 -0.50 51.87
C GLY C 147 2.06 -0.84 51.59
N LEU C 148 2.72 -1.52 52.52
CA LEU C 148 4.11 -1.89 52.32
C LEU C 148 4.23 -3.09 51.39
N LEU C 149 3.21 -3.93 51.42
CA LEU C 149 3.17 -5.14 50.61
C LEU C 149 2.42 -4.97 49.29
N TYR C 150 2.12 -3.73 48.94
CA TYR C 150 1.32 -3.44 47.75
C TYR C 150 2.04 -3.68 46.43
N CYS C 151 3.28 -3.19 46.34
CA CYS C 151 4.03 -3.32 45.10
C CYS C 151 4.73 -4.69 44.97
N ASP C 152 4.42 -5.60 45.89
CA ASP C 152 4.95 -6.95 45.90
C ASP C 152 3.81 -7.91 45.60
N LEU C 153 2.60 -7.37 45.50
CA LEU C 153 1.41 -8.17 45.20
C LEU C 153 1.39 -8.60 43.75
N PRO C 154 0.85 -9.80 43.47
CA PRO C 154 0.77 -10.30 42.09
C PRO C 154 -0.24 -9.49 41.27
N GLU C 155 0.03 -9.32 39.98
CA GLU C 155 -0.86 -8.57 39.10
C GLU C 155 -2.18 -9.33 38.88
N PRO C 156 -3.30 -8.59 38.76
CA PRO C 156 -3.36 -7.12 38.82
C PRO C 156 -3.46 -6.60 40.25
N ARG C 157 -3.29 -5.29 40.41
CA ARG C 157 -3.36 -4.66 41.72
C ARG C 157 -4.73 -4.01 41.99
N LYS C 158 -5.51 -3.79 40.93
CA LYS C 158 -6.86 -3.26 41.08
C LYS C 158 -7.85 -4.29 40.58
N PRO C 159 -8.88 -4.59 41.39
CA PRO C 159 -9.13 -3.98 42.71
C PRO C 159 -8.16 -4.45 43.78
N LEU C 160 -8.02 -3.62 44.81
CA LEU C 160 -7.11 -3.89 45.92
C LEU C 160 -7.47 -5.13 46.73
N GLU C 161 -8.77 -5.35 46.89
CA GLU C 161 -9.29 -6.45 47.69
C GLU C 161 -9.06 -7.81 47.07
N LYS C 162 -8.95 -7.86 45.74
CA LYS C 162 -8.71 -9.15 45.08
C LYS C 162 -7.28 -9.62 45.25
N ALA C 163 -6.33 -8.68 45.33
CA ALA C 163 -4.92 -9.03 45.47
C ALA C 163 -4.60 -9.50 46.88
N VAL C 164 -5.31 -8.96 47.87
CA VAL C 164 -5.09 -9.38 49.24
C VAL C 164 -5.70 -10.77 49.43
N ALA C 165 -6.74 -11.07 48.67
CA ALA C 165 -7.42 -12.36 48.73
C ALA C 165 -6.54 -13.51 48.27
N ASN C 166 -5.64 -13.23 47.35
CA ASN C 166 -4.77 -14.28 46.83
C ASN C 166 -3.44 -14.35 47.57
N PHE C 167 -3.03 -13.24 48.17
CA PHE C 167 -1.78 -13.17 48.92
C PHE C 167 -1.89 -14.01 50.21
N PHE C 168 -2.89 -13.72 51.02
CA PHE C 168 -3.12 -14.45 52.28
C PHE C 168 -4.07 -15.64 52.04
N SER C 169 -3.79 -16.77 52.68
CA SER C 169 -4.62 -17.96 52.51
C SER C 169 -5.99 -17.77 53.16
N GLY C 170 -6.00 -17.10 54.30
CA GLY C 170 -7.26 -16.83 55.00
C GLY C 170 -7.13 -15.50 55.70
N SER C 171 -8.13 -14.64 55.53
CA SER C 171 -8.07 -13.33 56.14
C SER C 171 -9.39 -12.90 56.75
N CYS C 172 -9.33 -11.98 57.71
CA CYS C 172 -10.54 -11.42 58.32
C CYS C 172 -10.42 -9.92 58.34
N ALA C 173 -11.01 -9.29 57.34
CA ALA C 173 -11.02 -7.86 57.20
C ALA C 173 -12.45 -7.33 57.29
N PRO C 174 -12.73 -6.68 58.43
CA PRO C 174 -14.05 -6.08 58.74
C PRO C 174 -14.43 -4.92 57.82
N CYS C 175 -15.77 -4.77 57.64
CA CYS C 175 -16.38 -3.86 56.66
C CYS C 175 -16.02 -4.16 55.21
N ALA C 176 -15.97 -5.44 54.79
CA ALA C 176 -15.60 -5.77 53.40
C ALA C 176 -16.66 -6.58 52.63
N ASP C 177 -16.76 -6.37 51.31
CA ASP C 177 -17.77 -7.06 50.52
C ASP C 177 -17.53 -8.57 50.47
N GLY C 178 -18.37 -9.33 51.17
CA GLY C 178 -18.23 -10.77 51.21
C GLY C 178 -18.68 -11.50 49.95
N THR C 179 -19.63 -10.91 49.22
CA THR C 179 -20.13 -11.54 48.00
C THR C 179 -19.10 -11.53 46.87
N ASP C 180 -18.32 -10.46 46.78
CA ASP C 180 -17.30 -10.31 45.74
C ASP C 180 -15.94 -10.88 46.18
N PHE C 181 -15.66 -10.82 47.47
CA PHE C 181 -14.38 -11.32 47.99
C PHE C 181 -14.62 -12.23 49.18
N PRO C 182 -14.82 -13.51 48.91
CA PRO C 182 -15.09 -14.48 49.97
C PRO C 182 -13.87 -14.82 50.81
N GLN C 183 -12.67 -14.70 50.25
CA GLN C 183 -11.45 -15.05 50.98
C GLN C 183 -11.14 -14.05 52.09
N LEU C 184 -11.63 -12.82 51.95
CA LEU C 184 -11.38 -11.82 52.98
C LEU C 184 -12.37 -11.95 54.13
N CYS C 185 -13.30 -12.89 54.02
CA CYS C 185 -14.29 -13.12 55.08
C CYS C 185 -14.33 -14.62 55.40
N GLN C 186 -13.19 -15.29 55.27
CA GLN C 186 -13.06 -16.73 55.52
C GLN C 186 -13.02 -16.98 57.02
N LEU C 187 -12.21 -16.20 57.72
CA LEU C 187 -12.07 -16.30 59.18
C LEU C 187 -13.28 -15.72 59.91
N CYS C 188 -13.86 -14.64 59.36
CA CYS C 188 -15.07 -14.06 59.93
C CYS C 188 -16.14 -13.94 58.82
N PRO C 189 -17.10 -14.88 58.80
CA PRO C 189 -18.20 -14.94 57.81
C PRO C 189 -19.05 -13.70 57.73
N GLY C 190 -19.25 -13.18 56.51
CA GLY C 190 -20.05 -11.98 56.35
C GLY C 190 -19.27 -10.70 56.52
N CYS C 191 -18.16 -10.74 57.24
CA CYS C 191 -17.39 -9.51 57.48
C CYS C 191 -18.24 -8.42 58.15
N GLY C 192 -18.47 -8.56 59.45
CA GLY C 192 -19.28 -7.59 60.18
C GLY C 192 -18.56 -6.28 60.45
N CYS C 193 -19.22 -5.15 60.25
CA CYS C 193 -18.59 -3.84 60.43
C CYS C 193 -18.73 -3.31 61.87
N SER C 194 -19.34 -4.12 62.71
CA SER C 194 -19.84 -3.70 64.00
C SER C 194 -19.26 -4.59 65.08
N THR C 195 -19.52 -4.20 66.32
CA THR C 195 -19.05 -4.93 67.48
C THR C 195 -19.75 -6.28 67.58
N LEU C 196 -20.85 -6.45 66.85
CA LEU C 196 -21.58 -7.72 66.84
C LEU C 196 -20.68 -8.86 66.37
N ASN C 197 -19.72 -8.53 65.50
CA ASN C 197 -18.74 -9.50 65.01
C ASN C 197 -17.67 -9.78 66.09
N GLN C 198 -17.29 -11.05 66.22
CA GLN C 198 -16.32 -11.46 67.22
C GLN C 198 -14.94 -10.86 66.97
N TYR C 199 -14.60 -10.64 65.71
CA TYR C 199 -13.31 -10.06 65.35
C TYR C 199 -13.49 -8.73 64.61
N PHE C 200 -13.59 -7.65 65.38
CA PHE C 200 -13.78 -6.32 64.84
C PHE C 200 -12.99 -5.32 65.69
N GLY C 201 -12.36 -4.36 65.03
CA GLY C 201 -11.56 -3.35 65.71
C GLY C 201 -10.26 -3.90 66.24
N TYR C 202 -9.59 -3.11 67.09
CA TYR C 202 -8.30 -3.50 67.65
C TYR C 202 -8.38 -4.74 68.51
N SER C 203 -9.27 -4.72 69.48
CA SER C 203 -9.43 -5.83 70.39
C SER C 203 -9.96 -7.09 69.71
N GLY C 204 -10.73 -6.92 68.64
CA GLY C 204 -11.28 -8.05 67.90
C GLY C 204 -10.26 -8.77 67.03
N ALA C 205 -9.33 -8.00 66.49
CA ALA C 205 -8.27 -8.55 65.63
C ALA C 205 -7.22 -9.30 66.42
N PHE C 206 -7.09 -8.93 67.69
CA PHE C 206 -6.17 -9.59 68.61
C PHE C 206 -6.80 -10.90 69.10
N LYS C 207 -8.12 -10.91 69.22
CA LYS C 207 -8.86 -12.10 69.62
C LYS C 207 -8.85 -13.13 68.49
N CYS C 208 -8.59 -12.65 67.30
CA CYS C 208 -8.48 -13.48 66.11
C CYS C 208 -7.12 -14.25 66.10
N LEU C 209 -6.12 -13.64 66.75
CA LEU C 209 -4.79 -14.21 66.90
C LEU C 209 -4.69 -15.12 68.14
N LYS C 210 -5.30 -14.66 69.23
CA LYS C 210 -5.26 -15.37 70.51
C LYS C 210 -6.01 -16.69 70.49
N ASP C 211 -7.12 -16.73 69.75
CA ASP C 211 -7.96 -17.93 69.64
C ASP C 211 -7.36 -19.00 68.72
N GLY C 212 -6.41 -18.58 67.87
CA GLY C 212 -5.77 -19.51 66.96
C GLY C 212 -6.45 -19.60 65.61
N ALA C 213 -6.94 -18.46 65.14
CA ALA C 213 -7.61 -18.38 63.84
C ALA C 213 -6.68 -17.78 62.79
N GLY C 214 -5.80 -16.89 63.23
CA GLY C 214 -4.85 -16.23 62.34
C GLY C 214 -3.43 -16.31 62.83
N ASP C 215 -2.49 -16.17 61.90
CA ASP C 215 -1.07 -16.24 62.21
C ASP C 215 -0.47 -14.87 62.51
N VAL C 216 -1.02 -13.83 61.88
CA VAL C 216 -0.57 -12.44 62.08
C VAL C 216 -1.72 -11.47 62.26
N ALA C 217 -1.58 -10.58 63.24
CA ALA C 217 -2.61 -9.58 63.47
C ALA C 217 -2.03 -8.17 63.45
N PHE C 218 -2.67 -7.29 62.69
CA PHE C 218 -2.23 -5.91 62.55
C PHE C 218 -3.09 -4.99 63.42
N VAL C 219 -2.52 -4.58 64.54
CA VAL C 219 -3.20 -3.71 65.49
C VAL C 219 -2.27 -2.61 66.02
N LYS C 220 -2.72 -1.95 67.08
CA LYS C 220 -1.94 -0.88 67.70
C LYS C 220 -0.98 -1.44 68.75
N HIS C 221 -0.02 -0.62 69.15
CA HIS C 221 0.95 -1.02 70.16
C HIS C 221 0.33 -1.19 71.55
N SER C 222 -0.79 -0.50 71.79
CA SER C 222 -1.48 -0.56 73.07
C SER C 222 -2.52 -1.66 73.14
N THR C 223 -2.69 -2.38 72.04
CA THR C 223 -3.71 -3.41 71.99
C THR C 223 -3.40 -4.62 72.84
N ILE C 224 -2.13 -4.98 72.92
CA ILE C 224 -1.70 -6.12 73.71
C ILE C 224 -1.97 -5.94 75.21
N PHE C 225 -1.71 -4.74 75.71
CA PHE C 225 -1.91 -4.41 77.11
C PHE C 225 -3.38 -4.32 77.47
N GLU C 226 -4.23 -4.01 76.49
CA GLU C 226 -5.65 -3.89 76.72
C GLU C 226 -6.33 -5.24 76.87
N ASN C 227 -5.85 -6.23 76.14
CA ASN C 227 -6.47 -7.55 76.21
C ASN C 227 -5.83 -8.49 77.21
N LEU C 228 -4.53 -8.38 77.37
CA LEU C 228 -3.81 -9.24 78.31
C LEU C 228 -3.24 -8.45 79.47
N ALA C 229 -3.44 -8.96 80.67
CA ALA C 229 -2.93 -8.30 81.87
C ALA C 229 -1.75 -9.06 82.49
N ASN C 230 -1.70 -10.37 82.26
CA ASN C 230 -0.62 -11.22 82.77
C ASN C 230 0.70 -10.96 82.05
N LYS C 231 1.79 -10.86 82.81
CA LYS C 231 3.12 -10.61 82.25
C LYS C 231 3.70 -11.86 81.57
N ALA C 232 3.30 -13.03 82.05
CA ALA C 232 3.77 -14.30 81.49
C ALA C 232 3.05 -14.61 80.19
N ASP C 233 1.80 -14.18 80.11
CA ASP C 233 1.00 -14.40 78.92
C ASP C 233 1.36 -13.42 77.80
N ARG C 234 1.87 -12.26 78.18
CA ARG C 234 2.26 -11.24 77.20
C ARG C 234 3.57 -11.57 76.49
N ASP C 235 4.40 -12.43 77.10
CA ASP C 235 5.67 -12.81 76.51
C ASP C 235 5.51 -13.98 75.53
N GLN C 236 4.25 -14.34 75.27
CA GLN C 236 3.93 -15.41 74.33
C GLN C 236 3.73 -14.88 72.91
N TYR C 237 4.01 -13.60 72.70
CA TYR C 237 3.87 -12.95 71.40
C TYR C 237 5.11 -12.14 70.98
N GLU C 238 5.21 -11.86 69.68
CA GLU C 238 6.33 -11.10 69.15
C GLU C 238 5.89 -10.07 68.12
N LEU C 239 6.69 -9.02 67.95
CA LEU C 239 6.39 -7.96 66.98
C LEU C 239 7.36 -7.98 65.82
N LEU C 240 6.81 -8.00 64.60
CA LEU C 240 7.61 -8.01 63.38
C LEU C 240 8.12 -6.62 63.07
N CYS C 241 9.38 -6.53 62.65
CA CYS C 241 9.92 -5.21 62.34
C CYS C 241 10.12 -5.06 60.84
N LEU C 242 10.54 -3.87 60.42
CA LEU C 242 10.77 -3.58 58.99
C LEU C 242 11.96 -4.29 58.39
N ASP C 243 12.96 -4.56 59.22
CA ASP C 243 14.17 -5.20 58.75
C ASP C 243 14.16 -6.71 58.98
N ASN C 244 12.96 -7.30 58.89
CA ASN C 244 12.75 -8.73 59.07
C ASN C 244 13.33 -9.30 60.37
N THR C 245 12.94 -8.68 61.49
CA THR C 245 13.43 -9.08 62.81
C THR C 245 12.29 -9.12 63.79
N ARG C 246 12.44 -9.92 64.84
CA ARG C 246 11.40 -9.96 65.87
C ARG C 246 11.91 -9.37 67.19
N LYS C 247 11.25 -8.32 67.67
CA LYS C 247 11.66 -7.70 68.91
C LYS C 247 10.58 -7.87 69.99
N PRO C 248 10.94 -7.64 71.27
CA PRO C 248 10.02 -7.76 72.41
C PRO C 248 8.78 -6.87 72.30
N VAL C 249 7.69 -7.32 72.93
CA VAL C 249 6.42 -6.61 72.88
C VAL C 249 6.53 -5.26 73.57
N ASP C 250 7.31 -5.21 74.65
CA ASP C 250 7.50 -3.96 75.40
C ASP C 250 8.21 -2.90 74.58
N GLU C 251 9.05 -3.35 73.65
CA GLU C 251 9.78 -2.43 72.77
C GLU C 251 9.00 -2.19 71.48
N TYR C 252 8.07 -1.24 71.53
CA TYR C 252 7.25 -0.91 70.35
C TYR C 252 7.75 0.35 69.65
N LYS C 253 8.49 1.19 70.36
CA LYS C 253 9.03 2.43 69.81
C LYS C 253 10.19 2.11 68.86
N ASP C 254 10.94 1.08 69.22
CA ASP C 254 12.07 0.65 68.43
C ASP C 254 11.66 -0.18 67.19
N CYS C 255 10.58 -0.93 67.30
CA CYS C 255 10.11 -1.78 66.22
C CYS C 255 8.61 -1.55 65.94
N HIS C 256 8.33 -0.83 64.85
CA HIS C 256 6.97 -0.54 64.41
C HIS C 256 6.94 -0.28 62.91
N LEU C 257 5.76 -0.38 62.31
CA LEU C 257 5.58 -0.16 60.88
C LEU C 257 5.63 1.33 60.53
N ALA C 258 4.62 2.08 60.95
CA ALA C 258 4.58 3.51 60.69
C ALA C 258 3.71 4.23 61.71
N GLN C 259 3.97 5.53 61.90
CA GLN C 259 3.21 6.37 62.82
C GLN C 259 2.03 7.03 62.11
N VAL C 260 0.82 6.77 62.61
CA VAL C 260 -0.40 7.31 62.02
C VAL C 260 -1.17 8.31 62.88
N PRO C 261 -1.88 9.26 62.23
CA PRO C 261 -2.67 10.27 62.96
C PRO C 261 -3.69 9.62 63.90
N SER C 262 -4.05 10.36 64.95
CA SER C 262 -4.99 9.83 65.96
C SER C 262 -6.41 9.87 65.49
N HIS C 263 -7.27 9.06 66.10
CA HIS C 263 -8.68 9.06 65.77
C HIS C 263 -9.28 10.42 66.06
N THR C 264 -10.25 10.81 65.26
CA THR C 264 -10.86 12.09 65.42
C THR C 264 -12.35 12.00 65.15
N VAL C 265 -13.09 12.95 65.73
CA VAL C 265 -14.53 13.04 65.55
C VAL C 265 -14.79 14.04 64.43
N VAL C 266 -15.61 13.62 63.46
CA VAL C 266 -15.92 14.47 62.32
C VAL C 266 -17.32 15.04 62.31
N ALA C 267 -17.43 16.22 61.70
CA ALA C 267 -18.70 16.94 61.58
C ALA C 267 -18.77 17.66 60.23
N ARG C 268 -19.95 18.21 59.91
CA ARG C 268 -20.15 18.90 58.65
C ARG C 268 -19.26 20.14 58.53
N SER C 269 -18.80 20.45 57.30
CA SER C 269 -17.93 21.60 57.06
C SER C 269 -18.66 22.90 57.29
N MET C 270 -19.94 22.92 56.90
CA MET C 270 -20.79 24.09 57.09
C MET C 270 -22.02 23.69 57.92
N GLY C 271 -22.21 24.37 59.04
CA GLY C 271 -23.32 24.09 59.94
C GLY C 271 -23.19 22.76 60.68
N GLY C 272 -21.96 22.43 61.06
CA GLY C 272 -21.72 21.20 61.79
C GLY C 272 -21.48 21.43 63.27
N LYS C 273 -21.99 22.54 63.81
CA LYS C 273 -21.85 22.89 65.23
C LYS C 273 -20.55 22.39 65.89
N GLU C 274 -19.42 22.81 65.33
CA GLU C 274 -18.11 22.41 65.82
C GLU C 274 -17.80 22.99 67.19
N ASP C 275 -18.34 24.18 67.46
CA ASP C 275 -18.11 24.81 68.75
C ASP C 275 -19.01 24.23 69.84
N LEU C 276 -20.06 23.54 69.43
CA LEU C 276 -21.01 22.97 70.38
C LEU C 276 -20.66 21.54 70.77
N ILE C 277 -19.96 20.85 69.86
CA ILE C 277 -19.55 19.46 70.09
C ILE C 277 -18.37 19.38 71.03
N TRP C 278 -17.42 20.31 70.87
CA TRP C 278 -16.24 20.36 71.71
C TRP C 278 -16.59 20.86 73.09
N GLU C 279 -17.66 21.67 73.17
CA GLU C 279 -18.14 22.22 74.43
C GLU C 279 -18.80 21.09 75.24
N LEU C 280 -19.27 20.08 74.54
CA LEU C 280 -19.90 18.92 75.15
C LEU C 280 -18.87 17.90 75.62
N LEU C 281 -17.87 17.67 74.78
CA LEU C 281 -16.83 16.70 75.07
C LEU C 281 -15.82 17.18 76.08
N ASN C 282 -15.67 18.49 76.21
CA ASN C 282 -14.74 19.03 77.20
C ASN C 282 -15.28 18.83 78.60
N GLN C 283 -16.59 18.88 78.73
CA GLN C 283 -17.26 18.65 80.00
C GLN C 283 -17.47 17.18 80.28
N ALA C 284 -17.28 16.36 79.26
CA ALA C 284 -17.42 14.93 79.40
C ALA C 284 -16.18 14.32 80.02
N GLN C 285 -15.02 14.88 79.69
CA GLN C 285 -13.76 14.38 80.21
C GLN C 285 -13.46 14.87 81.63
N GLU C 286 -14.07 16.00 82.00
CA GLU C 286 -13.88 16.61 83.32
C GLU C 286 -14.86 16.08 84.36
N HIS C 287 -15.77 15.21 83.93
CA HIS C 287 -16.77 14.63 84.82
C HIS C 287 -16.78 13.11 84.76
N PHE C 288 -16.61 12.56 83.56
CA PHE C 288 -16.62 11.10 83.40
C PHE C 288 -15.41 10.54 82.65
N GLY C 289 -14.34 11.33 82.57
CA GLY C 289 -13.14 10.94 81.85
C GLY C 289 -12.35 9.82 82.49
N LYS C 290 -11.04 9.79 82.21
CA LYS C 290 -10.16 8.75 82.74
C LYS C 290 -9.84 9.00 84.20
N ASP C 291 -10.10 7.99 85.03
CA ASP C 291 -9.88 8.05 86.47
C ASP C 291 -10.53 9.27 87.13
N LYS C 292 -11.81 9.47 86.84
CA LYS C 292 -12.56 10.59 87.38
C LYS C 292 -13.84 10.14 88.09
N SER C 293 -14.59 9.22 87.47
CA SER C 293 -15.82 8.72 88.06
C SER C 293 -15.88 7.19 88.02
N LYS C 294 -16.48 6.60 89.05
CA LYS C 294 -16.57 5.15 89.12
C LYS C 294 -17.88 4.63 88.53
N GLU C 295 -18.89 5.50 88.46
CA GLU C 295 -20.21 5.11 87.94
C GLU C 295 -20.19 4.91 86.43
N PHE C 296 -19.63 5.88 85.72
CA PHE C 296 -19.54 5.83 84.27
C PHE C 296 -18.18 6.30 83.76
N GLN C 297 -17.61 5.56 82.81
CA GLN C 297 -16.34 5.92 82.22
C GLN C 297 -16.52 6.27 80.74
N LEU C 298 -15.83 7.32 80.32
CA LEU C 298 -15.89 7.80 78.95
C LEU C 298 -15.08 6.90 78.02
N PHE C 299 -13.94 6.45 78.51
CA PHE C 299 -13.03 5.62 77.72
C PHE C 299 -12.98 4.16 78.14
N SER C 300 -14.06 3.68 78.75
CA SER C 300 -14.14 2.30 79.19
C SER C 300 -15.60 1.89 79.29
N SER C 301 -15.89 0.66 78.94
CA SER C 301 -17.26 0.19 79.05
C SER C 301 -17.29 -1.31 79.28
N PRO C 302 -18.18 -1.76 80.16
CA PRO C 302 -18.30 -3.20 80.44
C PRO C 302 -19.01 -3.94 79.32
N HIS C 303 -19.54 -3.22 78.33
CA HIS C 303 -20.27 -3.87 77.24
C HIS C 303 -19.36 -4.24 76.07
N GLY C 304 -18.23 -3.55 75.95
CA GLY C 304 -17.27 -3.82 74.90
C GLY C 304 -16.08 -2.88 74.90
N LYS C 305 -15.12 -3.12 74.03
CA LYS C 305 -13.94 -2.26 73.97
C LYS C 305 -13.95 -1.33 72.76
N ASP C 306 -13.40 -0.12 72.95
CA ASP C 306 -13.33 0.88 71.90
C ASP C 306 -14.68 1.33 71.36
N LEU C 307 -15.67 1.42 72.25
CA LEU C 307 -17.01 1.88 71.87
C LEU C 307 -17.09 3.40 71.97
N LEU C 308 -17.70 4.05 70.99
CA LEU C 308 -17.76 5.53 70.96
C LEU C 308 -16.37 6.18 70.87
N PHE C 309 -15.54 5.94 71.87
CA PHE C 309 -14.17 6.43 71.90
C PHE C 309 -13.26 5.25 72.26
N LYS C 310 -11.97 5.39 71.97
CA LYS C 310 -11.02 4.31 72.23
C LYS C 310 -10.58 4.25 73.68
N ASP C 311 -10.38 3.03 74.16
CA ASP C 311 -9.98 2.82 75.56
C ASP C 311 -8.57 3.34 75.83
N SER C 312 -7.76 3.47 74.80
CA SER C 312 -6.39 3.95 74.98
C SER C 312 -6.31 5.48 75.10
N ALA C 313 -7.41 6.17 74.83
CA ALA C 313 -7.45 7.62 74.89
C ALA C 313 -7.53 8.17 76.31
N HIS C 314 -6.87 9.32 76.54
CA HIS C 314 -6.85 9.93 77.86
C HIS C 314 -7.56 11.27 77.90
N GLY C 315 -7.91 11.79 76.73
CA GLY C 315 -8.61 13.07 76.66
C GLY C 315 -8.96 13.49 75.24
N PHE C 316 -9.25 14.77 75.07
CA PHE C 316 -9.59 15.32 73.76
C PHE C 316 -8.84 16.62 73.56
N LEU C 317 -8.61 16.97 72.31
CA LEU C 317 -7.91 18.21 71.98
C LEU C 317 -8.62 18.86 70.78
N LYS C 318 -8.69 20.19 70.80
CA LYS C 318 -9.37 20.97 69.78
C LYS C 318 -8.57 21.09 68.49
N VAL C 319 -9.20 20.75 67.38
CA VAL C 319 -8.59 20.85 66.07
C VAL C 319 -8.83 22.21 65.46
N PRO C 320 -7.75 22.94 65.10
CA PRO C 320 -7.84 24.28 64.51
C PRO C 320 -8.79 24.34 63.30
N PRO C 321 -9.47 25.47 63.12
CA PRO C 321 -10.43 25.70 62.02
C PRO C 321 -9.84 25.60 60.62
N ARG C 322 -8.60 26.05 60.48
CA ARG C 322 -7.90 26.04 59.19
C ARG C 322 -7.56 24.63 58.73
N MET C 323 -7.26 23.75 59.68
CA MET C 323 -6.91 22.36 59.38
C MET C 323 -8.10 21.56 58.86
N ASP C 324 -8.00 21.11 57.61
CA ASP C 324 -9.04 20.28 56.98
C ASP C 324 -8.64 18.81 57.06
N ALA C 325 -9.44 17.93 56.46
CA ALA C 325 -9.14 16.51 56.52
C ALA C 325 -7.83 16.15 55.81
N LYS C 326 -7.53 16.77 54.67
CA LYS C 326 -6.28 16.47 53.98
C LYS C 326 -5.08 17.01 54.74
N MET C 327 -5.28 18.05 55.52
CA MET C 327 -4.18 18.63 56.29
C MET C 327 -3.95 17.87 57.58
N TYR C 328 -5.02 17.29 58.11
CA TYR C 328 -4.94 16.53 59.34
C TYR C 328 -4.09 15.28 59.14
N LEU C 329 -4.26 14.62 58.00
CA LEU C 329 -3.52 13.39 57.73
C LEU C 329 -2.11 13.65 57.23
N GLY C 330 -1.95 14.72 56.45
CA GLY C 330 -0.66 15.10 55.88
C GLY C 330 -0.44 14.55 54.48
N TYR C 331 0.51 15.14 53.75
CA TYR C 331 0.82 14.72 52.39
C TYR C 331 1.28 13.26 52.35
N GLU C 332 2.14 12.88 53.30
CA GLU C 332 2.68 11.53 53.35
C GLU C 332 1.62 10.41 53.48
N TYR C 333 0.48 10.72 54.11
CA TYR C 333 -0.55 9.71 54.33
C TYR C 333 -1.70 9.78 53.34
N VAL C 334 -2.02 10.97 52.86
CA VAL C 334 -3.10 11.15 51.90
C VAL C 334 -2.74 10.55 50.56
N THR C 335 -1.48 10.74 50.18
CA THR C 335 -0.98 10.20 48.93
C THR C 335 -0.91 8.67 49.00
N ALA C 336 -0.59 8.16 50.19
CA ALA C 336 -0.51 6.72 50.38
C ALA C 336 -1.86 6.02 50.19
N ILE C 337 -2.93 6.68 50.61
CA ILE C 337 -4.25 6.09 50.45
C ILE C 337 -4.69 6.14 48.99
N ARG C 338 -4.47 7.28 48.35
CA ARG C 338 -4.86 7.47 46.97
C ARG C 338 -4.15 6.47 46.05
N ASN C 339 -2.87 6.23 46.29
CA ASN C 339 -2.14 5.29 45.45
C ASN C 339 -2.53 3.85 45.75
N LEU C 340 -3.05 3.62 46.94
CA LEU C 340 -3.47 2.29 47.32
C LEU C 340 -4.78 1.89 46.63
N ARG C 341 -5.61 2.86 46.26
CA ARG C 341 -6.89 2.55 45.66
C ARG C 341 -6.89 2.59 44.14
N GLU C 342 -6.11 3.52 43.58
CA GLU C 342 -6.04 3.68 42.13
C GLU C 342 -5.16 2.58 41.52
N GLY C 343 -3.92 2.48 41.99
CA GLY C 343 -2.98 1.48 41.50
C GLY C 343 -1.73 2.13 40.96
N THR C 344 -0.94 2.69 41.86
CA THR C 344 0.29 3.37 41.47
C THR C 344 1.42 2.98 42.41
N CYS C 345 2.56 2.58 41.87
CA CYS C 345 3.68 2.27 42.75
C CYS C 345 4.88 3.17 42.47
N GLU C 352 14.14 12.97 33.88
CA GLU C 352 12.95 13.72 33.55
C GLU C 352 12.15 14.10 34.81
N CYS C 353 11.72 15.37 34.86
CA CYS C 353 10.94 15.95 35.96
C CYS C 353 9.54 16.40 35.57
N LYS C 354 8.60 16.29 36.50
CA LYS C 354 7.24 16.74 36.25
C LYS C 354 7.22 18.28 36.36
N PRO C 355 6.33 18.94 35.60
CA PRO C 355 6.21 20.40 35.60
C PRO C 355 6.05 20.94 37.03
N VAL C 356 6.66 22.09 37.30
CA VAL C 356 6.60 22.69 38.63
C VAL C 356 5.41 23.64 38.66
N LYS C 357 4.41 23.34 39.48
CA LYS C 357 3.23 24.21 39.58
C LYS C 357 3.54 25.39 40.51
N TRP C 358 3.64 26.58 39.92
CA TRP C 358 3.97 27.79 40.66
C TRP C 358 2.69 28.42 41.23
N CYS C 359 2.78 29.04 42.41
CA CYS C 359 1.61 29.63 43.05
C CYS C 359 1.56 31.14 42.88
N ALA C 360 0.46 31.66 42.36
CA ALA C 360 0.31 33.10 42.16
C ALA C 360 -0.61 33.71 43.20
N LEU C 361 -0.37 34.97 43.53
CA LEU C 361 -1.18 35.64 44.53
C LEU C 361 -2.18 36.61 43.90
N SER C 362 -1.71 37.49 43.04
CA SER C 362 -2.59 38.47 42.40
C SER C 362 -2.85 38.22 40.91
N HIS C 363 -3.59 39.13 40.30
CA HIS C 363 -3.92 39.04 38.89
C HIS C 363 -2.67 39.25 38.04
N HIS C 364 -1.81 40.16 38.47
CA HIS C 364 -0.58 40.47 37.73
C HIS C 364 0.44 39.34 37.82
N GLU C 365 0.48 38.65 38.95
CA GLU C 365 1.43 37.57 39.12
C GLU C 365 1.14 36.38 38.23
N ARG C 366 -0.15 36.09 38.01
CA ARG C 366 -0.50 34.97 37.15
C ARG C 366 -0.48 35.35 35.68
N LEU C 367 -0.43 36.64 35.41
CA LEU C 367 -0.37 37.13 34.04
C LEU C 367 1.08 37.02 33.56
N LYS C 368 2.02 37.20 34.49
CA LYS C 368 3.44 37.06 34.21
C LYS C 368 3.80 35.59 34.24
N CYS C 369 3.08 34.83 35.07
CA CYS C 369 3.30 33.40 35.17
C CYS C 369 2.88 32.69 33.88
N ASP C 370 1.74 33.11 33.34
CA ASP C 370 1.23 32.53 32.10
C ASP C 370 2.15 32.74 30.90
N GLU C 371 2.82 33.88 30.86
CA GLU C 371 3.80 34.18 29.80
C GLU C 371 5.07 33.34 30.03
N TRP C 372 5.39 33.10 31.30
CA TRP C 372 6.57 32.31 31.67
C TRP C 372 6.33 30.84 31.40
N SER C 373 5.07 30.43 31.49
CA SER C 373 4.67 29.04 31.26
C SER C 373 4.88 28.63 29.82
N VAL C 374 4.55 29.53 28.91
CA VAL C 374 4.70 29.31 27.47
C VAL C 374 6.16 29.33 27.05
N ASN C 375 6.92 30.26 27.64
CA ASN C 375 8.34 30.40 27.33
C ASN C 375 9.18 29.25 27.87
N SER C 376 8.68 28.55 28.89
CA SER C 376 9.41 27.42 29.45
C SER C 376 9.00 26.11 28.78
N VAL C 377 8.04 26.21 27.87
CA VAL C 377 7.51 25.07 27.14
C VAL C 377 6.96 23.99 28.09
N GLY C 378 6.00 24.40 28.91
CA GLY C 378 5.33 23.51 29.82
C GLY C 378 6.15 22.96 30.95
N LYS C 379 7.33 23.53 31.22
CA LYS C 379 8.16 23.05 32.32
C LYS C 379 7.67 23.61 33.65
N ILE C 380 7.03 24.77 33.59
CA ILE C 380 6.50 25.43 34.79
C ILE C 380 5.05 25.88 34.55
N GLU C 381 4.15 25.42 35.40
CA GLU C 381 2.73 25.73 35.30
C GLU C 381 2.31 26.79 36.33
N CYS C 382 1.04 27.18 36.32
CA CYS C 382 0.56 28.20 37.24
C CYS C 382 -0.76 27.85 37.91
N VAL C 383 -0.78 28.00 39.23
CA VAL C 383 -1.98 27.76 40.01
C VAL C 383 -2.12 28.94 40.96
N SER C 384 -3.23 29.66 40.84
CA SER C 384 -3.46 30.87 41.63
C SER C 384 -4.29 30.59 42.87
N ALA C 385 -4.08 31.41 43.90
CA ALA C 385 -4.82 31.31 45.15
C ALA C 385 -5.25 32.72 45.60
N GLU C 386 -6.12 32.78 46.61
CA GLU C 386 -6.64 34.07 47.07
C GLU C 386 -5.63 34.91 47.84
N THR C 387 -5.04 34.36 48.89
CA THR C 387 -4.05 35.07 49.72
C THR C 387 -2.70 34.38 49.77
N THR C 388 -1.74 35.02 50.41
CA THR C 388 -0.39 34.48 50.54
C THR C 388 -0.38 33.24 51.41
N GLU C 389 -1.26 33.22 52.40
CA GLU C 389 -1.36 32.09 53.33
C GLU C 389 -2.00 30.88 52.64
N ASP C 390 -2.89 31.13 51.69
CA ASP C 390 -3.57 30.06 50.96
C ASP C 390 -2.66 29.32 49.97
N CYS C 391 -1.63 30.01 49.49
CA CYS C 391 -0.69 29.40 48.55
C CYS C 391 0.19 28.40 49.25
N ILE C 392 0.51 28.69 50.50
CA ILE C 392 1.35 27.81 51.29
C ILE C 392 0.66 26.48 51.60
N ALA C 393 -0.65 26.55 51.81
CA ALA C 393 -1.45 25.35 52.10
C ALA C 393 -1.54 24.45 50.87
N LYS C 394 -1.55 25.06 49.69
CA LYS C 394 -1.64 24.32 48.43
C LYS C 394 -0.37 23.55 48.12
N ILE C 395 0.77 24.05 48.57
CA ILE C 395 2.03 23.34 48.36
C ILE C 395 2.07 22.13 49.27
N MET C 396 1.32 22.21 50.35
CA MET C 396 1.25 21.14 51.34
C MET C 396 0.56 19.88 50.83
N ASN C 397 -0.68 20.02 50.35
CA ASN C 397 -1.46 18.88 49.85
C ASN C 397 -1.12 18.44 48.42
N GLY C 398 -0.39 19.29 47.70
CA GLY C 398 0.05 18.94 46.36
C GLY C 398 -0.50 19.72 45.18
N GLU C 399 -1.33 20.74 45.45
CA GLU C 399 -1.89 21.57 44.40
C GLU C 399 -0.89 22.54 43.82
N ALA C 400 0.09 22.91 44.63
CA ALA C 400 1.15 23.79 44.20
C ALA C 400 2.49 23.11 44.47
N ASP C 401 3.56 23.63 43.88
CA ASP C 401 4.86 23.04 44.07
C ASP C 401 5.88 23.97 44.70
N ALA C 402 5.98 25.18 44.16
CA ALA C 402 6.96 26.15 44.67
C ALA C 402 6.49 27.59 44.56
N MET C 403 7.02 28.44 45.43
CA MET C 403 6.69 29.86 45.41
C MET C 403 7.76 30.64 46.18
N SER C 404 7.82 31.95 45.96
CA SER C 404 8.79 32.76 46.67
C SER C 404 8.16 33.40 47.90
N LEU C 405 8.90 33.36 49.02
CA LEU C 405 8.39 33.94 50.26
C LEU C 405 9.44 34.72 51.05
N ASP C 406 9.00 35.70 51.81
CA ASP C 406 9.93 36.48 52.63
C ASP C 406 10.25 35.71 53.92
N GLY C 407 11.24 36.21 54.66
CA GLY C 407 11.69 35.56 55.89
C GLY C 407 10.63 35.25 56.94
N GLY C 408 9.63 36.11 57.07
CA GLY C 408 8.56 35.86 58.03
C GLY C 408 7.70 34.67 57.69
N PHE C 409 7.44 34.51 56.39
CA PHE C 409 6.61 33.42 55.91
C PHE C 409 7.38 32.11 55.75
N VAL C 410 8.71 32.19 55.74
CA VAL C 410 9.52 30.97 55.63
C VAL C 410 9.42 30.17 56.92
N TYR C 411 9.26 30.88 58.04
CA TYR C 411 9.11 30.28 59.36
C TYR C 411 7.78 29.53 59.45
N ILE C 412 6.74 30.11 58.86
CA ILE C 412 5.41 29.51 58.88
C ILE C 412 5.33 28.31 57.95
N ALA C 413 5.94 28.44 56.78
CA ALA C 413 5.97 27.36 55.80
C ALA C 413 6.85 26.21 56.27
N GLY C 414 7.96 26.56 56.92
CA GLY C 414 8.91 25.57 57.44
C GLY C 414 8.35 24.78 58.61
N LYS C 415 7.47 25.39 59.39
CA LYS C 415 6.87 24.70 60.52
C LYS C 415 5.84 23.68 60.05
N CYS C 416 5.28 23.87 58.85
CA CYS C 416 4.30 22.93 58.31
C CYS C 416 5.03 21.72 57.70
N GLY C 417 6.17 21.96 57.07
CA GLY C 417 6.96 20.87 56.49
C GLY C 417 7.49 21.17 55.10
N LEU C 418 7.80 22.45 54.85
CA LEU C 418 8.33 22.87 53.55
C LEU C 418 9.71 23.48 53.67
N VAL C 419 10.65 22.91 52.94
CA VAL C 419 12.02 23.40 53.00
C VAL C 419 12.40 24.29 51.83
N PRO C 420 13.10 25.41 52.11
CA PRO C 420 13.54 26.33 51.07
C PRO C 420 14.74 25.78 50.29
N VAL C 421 14.84 26.12 49.02
CA VAL C 421 15.93 25.63 48.18
C VAL C 421 16.74 26.73 47.48
N LEU C 422 16.08 27.85 47.18
CA LEU C 422 16.73 28.95 46.47
C LEU C 422 16.65 30.26 47.26
N ALA C 423 17.65 31.11 47.07
CA ALA C 423 17.67 32.40 47.74
C ALA C 423 17.82 33.54 46.72
N GLU C 424 17.08 34.61 46.93
CA GLU C 424 17.13 35.77 46.02
C GLU C 424 18.30 36.69 46.34
N ASN C 425 19.31 36.68 45.47
CA ASN C 425 20.50 37.53 45.62
C ASN C 425 20.34 38.86 44.92
N TYR C 426 20.61 39.93 45.66
CA TYR C 426 20.46 41.28 45.15
C TYR C 426 21.79 41.93 44.78
N ASP C 427 22.89 41.23 45.04
CA ASP C 427 24.22 41.73 44.73
C ASP C 427 24.78 41.08 43.47
N LYS C 428 25.28 41.91 42.56
CA LYS C 428 25.86 41.40 41.32
C LYS C 428 27.28 40.89 41.54
N SER C 429 27.50 39.61 41.22
CA SER C 429 28.81 38.99 41.40
C SER C 429 29.18 38.09 40.22
N ASP C 430 30.39 37.56 40.23
CA ASP C 430 30.86 36.68 39.15
C ASP C 430 30.12 35.36 39.16
N ASN C 431 30.08 34.73 40.33
CA ASN C 431 29.35 33.47 40.49
C ASN C 431 28.13 33.68 41.39
N CYS C 432 26.98 33.96 40.77
CA CYS C 432 25.76 34.23 41.55
C CYS C 432 25.08 32.97 42.05
N GLU C 433 25.07 31.92 41.23
CA GLU C 433 24.41 30.68 41.58
C GLU C 433 25.25 29.81 42.52
N ASP C 434 26.57 29.95 42.42
CA ASP C 434 27.49 29.14 43.23
C ASP C 434 27.48 29.55 44.70
N THR C 435 27.57 30.85 44.95
CA THR C 435 27.62 31.38 46.30
C THR C 435 26.32 32.04 46.72
N PRO C 436 25.76 31.65 47.87
CA PRO C 436 24.51 32.21 48.40
C PRO C 436 24.73 33.52 49.14
N GLU C 437 23.65 34.25 49.41
CA GLU C 437 23.75 35.51 50.14
C GLU C 437 23.06 35.43 51.50
N ALA C 438 23.58 36.17 52.48
CA ALA C 438 22.98 36.17 53.82
C ALA C 438 22.06 37.35 54.04
N GLY C 439 22.52 38.54 53.65
CA GLY C 439 21.73 39.76 53.79
C GLY C 439 22.05 40.53 55.05
N PRO C 597 17.99 38.52 56.45
CA PRO C 597 17.54 37.41 55.60
C PRO C 597 16.91 37.90 54.30
N ASN C 598 17.01 37.08 53.25
CA ASN C 598 16.45 37.43 51.94
C ASN C 598 15.26 36.55 51.56
N HIS C 599 14.56 36.93 50.50
CA HIS C 599 13.43 36.14 50.01
C HIS C 599 13.90 34.77 49.54
N ALA C 600 13.22 33.74 50.01
CA ALA C 600 13.59 32.38 49.66
C ALA C 600 12.45 31.65 48.98
N VAL C 601 12.83 30.76 48.05
CA VAL C 601 11.89 29.93 47.29
C VAL C 601 11.69 28.61 48.02
N VAL C 602 10.52 28.44 48.63
CA VAL C 602 10.23 27.23 49.38
C VAL C 602 9.49 26.17 48.55
N THR C 603 9.75 24.90 48.82
CA THR C 603 9.07 23.85 48.07
C THR C 603 8.89 22.59 48.92
N ARG C 604 8.13 21.63 48.41
CA ARG C 604 7.86 20.38 49.11
C ARG C 604 9.11 19.49 49.11
N LYS C 605 9.25 18.67 50.16
CA LYS C 605 10.42 17.83 50.35
C LYS C 605 10.73 16.88 49.20
N ASP C 606 9.71 16.37 48.53
CA ASP C 606 9.91 15.45 47.41
C ASP C 606 10.23 16.09 46.06
N LYS C 607 9.96 17.39 45.94
CA LYS C 607 10.21 18.14 44.71
C LYS C 607 11.50 18.95 44.80
N GLU C 608 12.32 18.66 45.80
CA GLU C 608 13.56 19.40 46.02
C GLU C 608 14.52 19.26 44.84
N ALA C 609 14.62 18.05 44.28
CA ALA C 609 15.52 17.79 43.17
C ALA C 609 15.08 18.45 41.87
N CYS C 610 13.77 18.37 41.58
CA CYS C 610 13.21 18.91 40.34
C CYS C 610 13.18 20.40 40.26
N VAL C 611 12.79 21.04 41.37
CA VAL C 611 12.72 22.49 41.42
C VAL C 611 14.08 23.14 41.28
N HIS C 612 15.09 22.56 41.91
CA HIS C 612 16.44 23.11 41.84
C HIS C 612 17.06 22.84 40.46
N LYS C 613 16.44 21.97 39.67
CA LYS C 613 16.95 21.62 38.36
C LYS C 613 16.33 22.43 37.22
N ILE C 614 15.00 22.51 37.25
CA ILE C 614 14.28 23.20 36.21
C ILE C 614 14.49 24.71 36.27
N LEU C 615 14.40 25.28 37.47
CA LEU C 615 14.58 26.72 37.65
C LEU C 615 16.00 27.19 37.37
N ARG C 616 16.96 26.29 37.50
CA ARG C 616 18.35 26.66 37.22
C ARG C 616 18.54 26.81 35.73
N GLN C 617 17.77 26.06 34.94
CA GLN C 617 17.86 26.15 33.48
C GLN C 617 17.11 27.36 32.94
N GLN C 618 16.15 27.83 33.73
CA GLN C 618 15.34 28.99 33.35
C GLN C 618 16.12 30.28 33.55
N GLN C 619 17.02 30.28 34.53
CA GLN C 619 17.86 31.43 34.79
C GLN C 619 18.90 31.59 33.68
N HIS C 620 19.28 30.48 33.06
CA HIS C 620 20.25 30.51 31.98
C HIS C 620 19.63 31.01 30.67
N LEU C 621 18.30 31.05 30.63
CA LEU C 621 17.57 31.48 29.44
C LEU C 621 16.85 32.80 29.60
N PHE C 622 16.33 33.05 30.80
CA PHE C 622 15.56 34.27 31.05
C PHE C 622 16.04 35.06 32.27
N GLY C 623 17.27 34.80 32.70
CA GLY C 623 17.84 35.49 33.85
C GLY C 623 18.37 36.88 33.54
N SER C 624 19.67 37.08 33.71
CA SER C 624 20.32 38.37 33.43
C SER C 624 20.44 38.60 31.92
N ASP C 625 19.73 39.61 31.42
CA ASP C 625 19.74 39.93 30.00
C ASP C 625 19.85 41.43 29.77
N VAL C 626 20.08 41.82 28.52
CA VAL C 626 20.21 43.24 28.14
C VAL C 626 18.85 43.93 28.16
N THR C 627 18.81 45.20 27.76
CA THR C 627 17.58 45.99 27.76
C THR C 627 16.60 45.56 26.66
N ASP C 628 16.62 44.27 26.33
CA ASP C 628 15.72 43.73 25.30
C ASP C 628 14.52 43.05 25.92
N CYS C 629 14.07 43.55 27.07
CA CYS C 629 12.92 42.97 27.73
C CYS C 629 11.62 43.40 27.06
N SER C 630 11.71 44.37 26.14
CA SER C 630 10.55 44.84 25.42
C SER C 630 10.18 43.82 24.33
N GLY C 631 11.18 43.12 23.80
CA GLY C 631 10.96 42.11 22.78
C GLY C 631 10.98 40.69 23.34
N ASN C 632 12.02 40.38 24.12
CA ASN C 632 12.16 39.06 24.72
C ASN C 632 11.63 39.02 26.15
N PHE C 633 11.48 37.81 26.69
CA PHE C 633 11.00 37.63 28.04
C PHE C 633 12.09 37.78 29.08
N CYS C 634 11.78 38.49 30.17
CA CYS C 634 12.69 38.66 31.30
C CYS C 634 11.97 38.23 32.58
N LEU C 635 12.57 37.25 33.27
CA LEU C 635 11.99 36.70 34.48
C LEU C 635 12.02 37.67 35.66
N PHE C 636 13.13 38.37 35.83
CA PHE C 636 13.27 39.30 36.95
C PHE C 636 12.82 40.72 36.67
N ARG C 637 11.86 40.84 35.75
CA ARG C 637 11.27 42.13 35.41
C ARG C 637 9.75 42.00 35.51
N SER C 638 9.09 43.00 36.08
CA SER C 638 7.64 42.95 36.27
C SER C 638 6.95 44.20 35.67
N GLU C 639 5.64 44.14 35.49
CA GLU C 639 4.88 45.27 34.94
C GLU C 639 4.75 46.35 35.99
N THR C 640 4.55 45.96 37.25
CA THR C 640 4.44 46.92 38.33
C THR C 640 5.66 46.88 39.23
N LYS C 641 5.58 46.10 40.31
CA LYS C 641 6.70 45.98 41.23
C LYS C 641 6.62 44.67 42.00
N ASP C 642 7.66 43.85 41.84
CA ASP C 642 7.79 42.56 42.53
C ASP C 642 6.59 41.63 42.39
N LEU C 643 6.61 40.83 41.34
CA LEU C 643 5.51 39.89 41.10
C LEU C 643 5.83 38.47 41.56
N LEU C 644 6.48 37.70 40.70
CA LEU C 644 6.86 36.33 41.04
C LEU C 644 8.17 36.35 41.81
N PHE C 645 9.05 37.24 41.36
CA PHE C 645 10.36 37.48 41.96
C PHE C 645 10.56 39.00 42.07
N ARG C 646 11.43 39.44 42.97
CA ARG C 646 11.70 40.88 43.13
C ARG C 646 12.48 41.45 41.95
N ASP C 647 12.20 42.69 41.61
CA ASP C 647 12.84 43.32 40.47
C ASP C 647 14.33 43.60 40.67
N ASP C 648 14.74 43.80 41.91
CA ASP C 648 16.15 44.08 42.22
C ASP C 648 16.97 42.82 42.47
N THR C 649 16.49 41.69 41.98
CA THR C 649 17.17 40.41 42.13
C THR C 649 18.03 40.11 40.92
N VAL C 650 19.27 39.67 41.15
CA VAL C 650 20.15 39.32 40.04
C VAL C 650 19.91 37.90 39.58
N CYS C 651 19.89 36.97 40.54
CA CYS C 651 19.68 35.56 40.26
C CYS C 651 19.18 34.85 41.51
N LEU C 652 18.56 33.69 41.31
CA LEU C 652 18.13 32.85 42.43
C LEU C 652 19.23 31.82 42.76
N ALA C 653 19.94 32.06 43.86
CA ALA C 653 21.07 31.21 44.26
C ALA C 653 20.69 29.90 44.93
N LYS C 654 21.33 28.81 44.50
CA LYS C 654 21.07 27.49 45.06
C LYS C 654 21.85 27.26 46.35
N LEU C 655 21.18 26.67 47.34
CA LEU C 655 21.82 26.39 48.63
C LEU C 655 22.62 25.12 48.58
N HIS C 656 23.87 25.17 49.05
CA HIS C 656 24.75 24.01 49.05
C HIS C 656 24.32 22.99 50.09
N ASP C 657 23.98 23.48 51.29
CA ASP C 657 23.51 22.63 52.36
C ASP C 657 21.99 22.53 52.32
N ARG C 658 21.45 21.44 52.88
CA ARG C 658 20.00 21.23 52.95
C ARG C 658 19.43 22.08 54.08
N ASN C 659 19.18 23.35 53.78
CA ASN C 659 18.67 24.30 54.76
C ASN C 659 17.18 24.14 55.08
N THR C 660 16.86 24.17 56.37
CA THR C 660 15.47 24.11 56.82
C THR C 660 15.03 25.50 57.27
N TYR C 661 13.95 25.59 58.05
CA TYR C 661 13.46 26.89 58.51
C TYR C 661 14.39 27.51 59.55
N GLU C 662 15.11 26.65 60.27
CA GLU C 662 16.03 27.10 61.31
C GLU C 662 17.45 27.31 60.77
N LYS C 663 17.83 26.52 59.76
CA LYS C 663 19.16 26.60 59.18
C LYS C 663 19.33 27.80 58.25
N TYR C 664 18.29 28.15 57.51
CA TYR C 664 18.35 29.26 56.57
C TYR C 664 18.23 30.60 57.27
N LEU C 665 17.22 30.72 58.15
CA LEU C 665 16.98 31.98 58.86
C LEU C 665 18.00 32.27 59.95
N GLY C 666 18.52 31.21 60.57
CA GLY C 666 19.50 31.37 61.64
C GLY C 666 18.87 31.22 63.00
N GLU C 667 19.74 31.10 64.01
CA GLU C 667 19.28 30.92 65.38
C GLU C 667 18.69 32.19 65.99
N GLU C 668 19.11 33.35 65.48
CA GLU C 668 18.63 34.63 65.99
C GLU C 668 17.27 35.05 65.43
N TYR C 669 17.04 34.76 64.15
CA TYR C 669 15.81 35.17 63.49
C TYR C 669 14.61 34.34 63.88
N VAL C 670 14.82 33.05 64.12
CA VAL C 670 13.74 32.14 64.49
C VAL C 670 13.07 32.53 65.80
N LYS C 671 13.87 32.99 66.76
CA LYS C 671 13.36 33.40 68.06
C LYS C 671 12.61 34.73 67.97
N ALA C 672 12.94 35.50 66.94
CA ALA C 672 12.32 36.81 66.74
C ALA C 672 10.90 36.71 66.22
N VAL C 673 10.71 35.92 65.18
CA VAL C 673 9.39 35.73 64.60
C VAL C 673 8.51 34.79 65.43
N GLY C 674 9.13 33.98 66.27
CA GLY C 674 8.40 33.05 67.13
C GLY C 674 7.66 33.75 68.26
N ASN C 675 8.30 34.77 68.82
CA ASN C 675 7.72 35.57 69.89
C ASN C 675 6.64 36.50 69.33
N LEU C 676 6.83 36.94 68.10
CA LEU C 676 5.88 37.84 67.44
C LEU C 676 4.62 37.08 67.01
N ARG C 677 4.77 35.77 66.84
CA ARG C 677 3.67 34.88 66.44
C ARG C 677 2.72 34.61 67.60
N LYS C 678 3.18 34.94 68.81
CA LYS C 678 2.35 34.73 69.99
C LYS C 678 1.19 35.72 70.05
N CYS C 679 1.46 36.98 69.74
CA CYS C 679 0.42 38.01 69.75
C CYS C 679 -0.32 38.09 68.42
N SER C 680 0.44 38.01 67.32
CA SER C 680 -0.12 38.02 65.97
C SER C 680 -0.07 36.60 65.39
N THR C 681 -1.12 35.84 65.65
CA THR C 681 -1.20 34.45 65.20
C THR C 681 -2.09 34.24 63.98
N SER C 682 -1.58 33.52 62.99
CA SER C 682 -2.35 33.20 61.78
C SER C 682 -2.98 31.82 61.90
N SER C 683 -4.04 31.60 61.12
CA SER C 683 -4.78 30.34 61.17
C SER C 683 -3.94 29.15 60.71
N LEU C 684 -3.05 29.35 59.75
CA LEU C 684 -2.23 28.24 59.23
C LEU C 684 -1.11 27.84 60.20
N LEU C 685 -0.56 28.83 60.89
CA LEU C 685 0.53 28.59 61.84
C LEU C 685 0.04 27.81 63.05
N GLU C 686 -1.20 28.07 63.45
CA GLU C 686 -1.79 27.38 64.60
C GLU C 686 -2.16 25.94 64.23
N ALA C 687 -2.47 25.73 62.96
CA ALA C 687 -2.85 24.41 62.44
C ALA C 687 -1.67 23.48 62.25
N CYS C 688 -0.53 24.05 61.89
CA CYS C 688 0.67 23.26 61.66
C CYS C 688 1.39 22.96 62.97
N THR C 689 1.09 23.75 64.02
CA THR C 689 1.69 23.53 65.34
C THR C 689 0.97 22.43 66.10
N PHE C 690 -0.26 22.14 65.68
CA PHE C 690 -1.09 21.11 66.28
C PHE C 690 -0.43 19.74 66.23
N ARG C 691 0.23 19.44 65.12
CA ARG C 691 0.90 18.16 64.93
C ARG C 691 2.42 18.31 65.03
N LYS D 18 -15.69 -45.79 -59.69
CA LYS D 18 -14.55 -46.76 -59.78
C LYS D 18 -14.57 -47.67 -58.56
N THR D 19 -13.77 -47.33 -57.55
CA THR D 19 -13.69 -48.10 -56.32
C THR D 19 -13.19 -47.23 -55.17
N VAL D 20 -13.96 -47.20 -54.08
CA VAL D 20 -13.60 -46.41 -52.91
C VAL D 20 -12.69 -47.20 -51.97
N ARG D 21 -11.43 -46.77 -51.84
CA ARG D 21 -10.48 -47.43 -50.95
C ARG D 21 -10.72 -47.04 -49.50
N TRP D 22 -11.19 -47.98 -48.70
CA TRP D 22 -11.48 -47.75 -47.29
C TRP D 22 -10.35 -48.29 -46.41
N CYS D 23 -9.90 -47.46 -45.48
CA CYS D 23 -8.81 -47.83 -44.58
C CYS D 23 -9.33 -48.48 -43.30
N ALA D 24 -8.79 -49.66 -42.98
CA ALA D 24 -9.18 -50.41 -41.79
C ALA D 24 -8.09 -50.46 -40.74
N VAL D 25 -8.43 -50.11 -39.51
CA VAL D 25 -7.45 -50.11 -38.42
C VAL D 25 -8.02 -50.73 -37.15
N GLU D 29 -11.48 -55.61 -37.77
CA GLU D 29 -11.36 -54.49 -38.71
C GLU D 29 -10.91 -55.00 -40.07
N ALA D 30 -9.93 -55.88 -40.08
CA ALA D 30 -9.41 -56.45 -41.34
C ALA D 30 -10.40 -57.44 -41.94
N THR D 31 -11.05 -58.25 -41.10
CA THR D 31 -12.04 -59.21 -41.58
C THR D 31 -13.40 -58.54 -41.83
N LYS D 32 -13.61 -57.38 -41.21
CA LYS D 32 -14.86 -56.61 -41.35
C LYS D 32 -14.95 -55.98 -42.74
N CYS D 33 -13.80 -55.63 -43.30
CA CYS D 33 -13.77 -55.02 -44.63
C CYS D 33 -13.97 -56.07 -45.71
N GLN D 34 -13.43 -57.26 -45.49
CA GLN D 34 -13.54 -58.34 -46.45
C GLN D 34 -14.97 -58.86 -46.54
N SER D 35 -15.70 -58.80 -45.43
CA SER D 35 -17.09 -59.23 -45.37
C SER D 35 -18.01 -58.21 -46.05
N PHE D 36 -17.60 -56.94 -45.99
CA PHE D 36 -18.34 -55.84 -46.60
C PHE D 36 -18.02 -55.70 -48.09
N ARG D 37 -16.89 -56.28 -48.49
CA ARG D 37 -16.46 -56.23 -49.89
C ARG D 37 -17.27 -57.20 -50.73
N ASP D 38 -17.49 -58.39 -50.18
CA ASP D 38 -18.24 -59.44 -50.88
C ASP D 38 -19.75 -59.19 -50.87
N HIS D 39 -20.25 -58.54 -49.82
CA HIS D 39 -21.68 -58.26 -49.71
C HIS D 39 -22.11 -57.08 -50.59
N MET D 40 -21.16 -56.20 -50.92
CA MET D 40 -21.43 -55.03 -51.75
C MET D 40 -21.45 -55.38 -53.24
N LYS D 41 -20.79 -56.48 -53.61
CA LYS D 41 -20.73 -56.92 -55.00
C LYS D 41 -22.06 -57.51 -55.47
N SER D 42 -22.78 -58.15 -54.54
CA SER D 42 -24.08 -58.77 -54.82
C SER D 42 -25.25 -57.77 -54.76
N VAL D 43 -25.19 -56.83 -53.82
CA VAL D 43 -26.24 -55.83 -53.62
C VAL D 43 -26.20 -54.73 -54.67
N ILE D 44 -24.99 -54.28 -55.00
CA ILE D 44 -24.80 -53.23 -55.98
C ILE D 44 -24.29 -53.78 -57.32
N PRO D 45 -24.86 -53.28 -58.44
CA PRO D 45 -24.44 -53.72 -59.78
C PRO D 45 -23.05 -53.24 -60.17
N SER D 46 -22.48 -53.84 -61.22
CA SER D 46 -21.15 -53.46 -61.69
C SER D 46 -21.12 -52.11 -62.39
N ASP D 47 -22.26 -51.68 -62.91
CA ASP D 47 -22.35 -50.39 -63.59
C ASP D 47 -22.42 -49.25 -62.57
N VAL D 51 -15.39 -50.74 -54.39
CA VAL D 51 -14.92 -50.84 -53.01
C VAL D 51 -13.57 -51.54 -52.93
N ALA D 52 -12.76 -51.12 -51.97
CA ALA D 52 -11.44 -51.70 -51.77
C ALA D 52 -11.04 -51.65 -50.30
N CYS D 53 -10.13 -52.54 -49.91
CA CYS D 53 -9.69 -52.60 -48.52
C CYS D 53 -8.19 -52.35 -48.37
N VAL D 54 -7.81 -51.69 -47.28
CA VAL D 54 -6.41 -51.39 -46.96
C VAL D 54 -6.17 -51.59 -45.47
N LYS D 55 -5.07 -52.27 -45.13
CA LYS D 55 -4.76 -52.56 -43.73
C LYS D 55 -3.74 -51.56 -43.17
N LYS D 56 -4.04 -51.02 -41.98
CA LYS D 56 -3.16 -50.08 -41.29
C LYS D 56 -3.19 -50.32 -39.79
N ALA D 57 -2.06 -50.03 -39.13
CA ALA D 57 -1.96 -50.27 -37.69
C ALA D 57 -2.67 -49.22 -36.86
N SER D 58 -2.40 -47.95 -37.14
CA SER D 58 -3.02 -46.86 -36.38
C SER D 58 -4.02 -46.07 -37.23
N TYR D 59 -4.84 -45.28 -36.55
CA TYR D 59 -5.83 -44.43 -37.22
C TYR D 59 -5.13 -43.25 -37.86
N LEU D 60 -3.98 -42.87 -37.32
CA LEU D 60 -3.19 -41.76 -37.86
C LEU D 60 -2.49 -42.22 -39.13
N ASP D 61 -2.26 -43.52 -39.24
CA ASP D 61 -1.63 -44.12 -40.42
C ASP D 61 -2.59 -44.09 -41.61
N CYS D 62 -3.88 -44.14 -41.30
CA CYS D 62 -4.95 -44.08 -42.31
C CYS D 62 -5.09 -42.68 -42.89
N ILE D 63 -4.94 -41.68 -42.05
CA ILE D 63 -5.03 -40.28 -42.46
C ILE D 63 -3.88 -39.94 -43.42
N ARG D 64 -2.69 -40.43 -43.09
CA ARG D 64 -1.52 -40.21 -43.92
C ARG D 64 -1.65 -40.98 -45.24
N ALA D 65 -2.31 -42.13 -45.19
CA ALA D 65 -2.52 -42.95 -46.38
C ALA D 65 -3.58 -42.33 -47.27
N ILE D 66 -4.59 -41.73 -46.66
CA ILE D 66 -5.68 -41.10 -47.40
C ILE D 66 -5.22 -39.89 -48.20
N ALA D 67 -4.22 -39.18 -47.69
CA ALA D 67 -3.66 -38.01 -48.37
C ALA D 67 -2.67 -38.41 -49.45
N ALA D 68 -2.07 -39.59 -49.29
CA ALA D 68 -1.11 -40.11 -50.24
C ALA D 68 -1.76 -41.03 -51.27
N ASN D 69 -3.07 -40.89 -51.45
CA ASN D 69 -3.84 -41.67 -52.41
C ASN D 69 -3.85 -43.17 -52.20
N GLU D 70 -3.35 -43.62 -51.05
CA GLU D 70 -3.37 -45.05 -50.72
C GLU D 70 -4.78 -45.44 -50.28
N ALA D 71 -5.46 -44.49 -49.64
CA ALA D 71 -6.82 -44.66 -49.19
C ALA D 71 -7.68 -43.49 -49.66
N ASP D 72 -8.99 -43.59 -49.47
CA ASP D 72 -9.88 -42.50 -49.89
C ASP D 72 -10.73 -41.97 -48.75
N ALA D 73 -11.40 -42.87 -48.01
CA ALA D 73 -12.25 -42.47 -46.89
C ALA D 73 -12.14 -43.43 -45.71
N VAL D 74 -12.30 -42.91 -44.51
CA VAL D 74 -12.26 -43.72 -43.29
C VAL D 74 -13.08 -43.05 -42.20
N THR D 75 -13.86 -43.84 -41.48
CA THR D 75 -14.68 -43.32 -40.40
C THR D 75 -13.81 -42.88 -39.23
N LEU D 76 -13.78 -41.58 -38.96
CA LEU D 76 -12.96 -41.06 -37.87
C LEU D 76 -13.80 -40.27 -36.86
N ASP D 77 -13.28 -40.13 -35.65
CA ASP D 77 -13.93 -39.40 -34.56
C ASP D 77 -13.89 -37.89 -34.79
N ALA D 78 -14.86 -37.18 -34.20
CA ALA D 78 -14.94 -35.72 -34.35
C ALA D 78 -13.71 -35.02 -33.78
N GLY D 79 -13.17 -35.59 -32.70
CA GLY D 79 -11.97 -35.04 -32.07
C GLY D 79 -10.70 -35.42 -32.85
N LEU D 80 -10.77 -36.53 -33.56
CA LEU D 80 -9.64 -36.97 -34.37
C LEU D 80 -9.75 -36.34 -35.77
N VAL D 81 -10.86 -35.65 -36.03
CA VAL D 81 -11.07 -34.99 -37.33
C VAL D 81 -10.20 -33.73 -37.43
N TYR D 82 -9.84 -33.19 -36.28
CA TYR D 82 -9.00 -31.99 -36.20
C TYR D 82 -7.58 -32.27 -36.68
N ASP D 83 -7.09 -33.49 -36.41
CA ASP D 83 -5.76 -33.90 -36.82
C ASP D 83 -5.70 -34.19 -38.32
N ALA D 84 -6.85 -34.50 -38.88
CA ALA D 84 -6.93 -34.76 -40.30
C ALA D 84 -6.97 -33.45 -41.08
N TYR D 85 -7.50 -32.39 -40.47
CA TYR D 85 -7.58 -31.06 -41.12
C TYR D 85 -6.21 -30.39 -41.20
N LEU D 86 -5.35 -30.75 -40.26
CA LEU D 86 -4.00 -30.21 -40.17
C LEU D 86 -3.16 -30.58 -41.39
N ALA D 87 -2.27 -29.65 -41.76
CA ALA D 87 -1.40 -29.87 -42.89
C ALA D 87 -0.34 -30.90 -42.51
N PRO D 88 0.18 -31.66 -43.48
CA PRO D 88 -0.18 -31.59 -44.89
C PRO D 88 -1.25 -32.60 -45.30
N ASN D 89 -2.07 -33.04 -44.35
CA ASN D 89 -3.13 -34.01 -44.63
C ASN D 89 -4.29 -33.33 -45.36
N ASN D 90 -4.79 -32.24 -44.79
CA ASN D 90 -5.88 -31.48 -45.40
C ASN D 90 -7.09 -32.33 -45.77
N LEU D 91 -7.53 -33.18 -44.86
CA LEU D 91 -8.70 -34.02 -45.11
C LEU D 91 -9.99 -33.34 -44.64
N LYS D 92 -10.97 -33.28 -45.53
CA LYS D 92 -12.25 -32.65 -45.23
C LYS D 92 -13.37 -33.67 -45.12
N PRO D 93 -14.30 -33.49 -44.16
CA PRO D 93 -15.41 -34.45 -44.00
C PRO D 93 -16.39 -34.38 -45.16
N VAL D 94 -16.86 -35.55 -45.62
CA VAL D 94 -17.82 -35.62 -46.73
C VAL D 94 -19.15 -36.23 -46.30
N VAL D 95 -19.08 -37.33 -45.55
CA VAL D 95 -20.26 -38.02 -45.08
C VAL D 95 -20.25 -38.17 -43.55
N ALA D 96 -21.42 -37.98 -42.93
CA ALA D 96 -21.56 -38.09 -41.48
C ALA D 96 -22.66 -39.07 -41.09
N GLY D 100 -29.29 -42.07 -33.81
CA GLY D 100 -30.17 -42.87 -32.97
C GLY D 100 -31.26 -43.64 -33.71
N SER D 101 -32.23 -42.91 -34.25
CA SER D 101 -33.35 -43.50 -34.98
C SER D 101 -33.38 -43.04 -36.44
N LYS D 102 -34.11 -43.77 -37.29
CA LYS D 102 -34.22 -43.42 -38.70
C LYS D 102 -35.13 -42.22 -38.89
N GLU D 103 -36.16 -42.12 -38.05
CA GLU D 103 -37.11 -41.01 -38.11
C GLU D 103 -36.55 -39.77 -37.40
N ASP D 104 -35.85 -39.99 -36.30
CA ASP D 104 -35.23 -38.92 -35.53
C ASP D 104 -33.71 -39.07 -35.50
N PRO D 105 -33.01 -38.36 -36.41
CA PRO D 105 -31.55 -38.41 -36.48
C PRO D 105 -30.84 -37.68 -35.38
N GLN D 106 -29.68 -38.20 -34.96
CA GLN D 106 -28.89 -37.58 -33.90
C GLN D 106 -27.49 -37.14 -34.41
N THR D 107 -27.22 -35.83 -34.32
CA THR D 107 -25.93 -35.29 -34.76
C THR D 107 -24.95 -35.12 -33.59
N PHE D 108 -25.48 -35.14 -32.36
CA PHE D 108 -24.66 -35.01 -31.16
C PHE D 108 -25.02 -36.05 -30.12
N TYR D 109 -24.00 -36.58 -29.43
CA TYR D 109 -24.21 -37.62 -28.42
C TYR D 109 -23.61 -37.23 -27.06
N TYR D 110 -24.23 -37.70 -25.98
CA TYR D 110 -23.80 -37.35 -24.63
C TYR D 110 -22.57 -38.14 -24.20
N ALA D 111 -21.71 -37.48 -23.43
CA ALA D 111 -20.49 -38.09 -22.93
C ALA D 111 -20.64 -38.46 -21.45
N VAL D 112 -21.48 -39.46 -21.18
CA VAL D 112 -21.72 -39.89 -19.81
C VAL D 112 -20.69 -40.94 -19.38
N MET D 123 -16.82 -35.10 -12.13
CA MET D 123 -16.53 -35.64 -10.81
C MET D 123 -15.76 -34.63 -9.96
N ASN D 124 -16.22 -34.41 -8.72
CA ASN D 124 -15.56 -33.48 -7.80
C ASN D 124 -14.29 -34.07 -7.22
N GLN D 125 -14.40 -35.31 -6.77
CA GLN D 125 -13.27 -36.05 -6.20
C GLN D 125 -12.86 -37.17 -7.14
N LEU D 126 -11.85 -36.91 -7.97
CA LEU D 126 -11.37 -37.92 -8.92
C LEU D 126 -9.84 -37.99 -8.99
N ARG D 127 -9.17 -37.01 -8.38
CA ARG D 127 -7.70 -36.96 -8.36
C ARG D 127 -7.11 -38.07 -7.51
N GLY D 128 -6.45 -39.03 -8.17
CA GLY D 128 -5.86 -40.15 -7.48
C GLY D 128 -6.24 -41.47 -8.11
N LYS D 129 -7.48 -41.54 -8.60
CA LYS D 129 -7.98 -42.75 -9.24
C LYS D 129 -7.51 -42.86 -10.68
N GLY D 137 -6.81 -38.82 -28.67
CA GLY D 137 -7.66 -37.69 -28.33
C GLY D 137 -9.08 -37.83 -28.85
N ARG D 138 -9.83 -38.74 -28.23
CA ARG D 138 -11.22 -39.00 -28.62
C ARG D 138 -12.13 -37.92 -28.02
N SER D 139 -13.28 -37.70 -28.64
CA SER D 139 -14.22 -36.65 -28.23
C SER D 139 -14.75 -36.81 -26.80
N ALA D 140 -15.16 -38.02 -26.45
CA ALA D 140 -15.70 -38.28 -25.12
C ALA D 140 -14.71 -39.07 -24.26
N GLY D 141 -13.61 -39.50 -24.88
CA GLY D 141 -12.61 -40.29 -24.20
C GLY D 141 -11.47 -39.48 -23.63
N TRP D 142 -11.12 -38.38 -24.31
CA TRP D 142 -10.02 -37.54 -23.89
C TRP D 142 -10.30 -36.04 -23.96
N ASN D 143 -11.08 -35.63 -24.96
CA ASN D 143 -11.39 -34.22 -25.17
C ASN D 143 -12.36 -33.62 -24.14
N ILE D 144 -13.38 -34.39 -23.75
CA ILE D 144 -14.38 -33.89 -22.80
C ILE D 144 -14.03 -34.08 -21.33
N PRO D 145 -13.58 -35.29 -20.94
CA PRO D 145 -13.23 -35.53 -19.53
C PRO D 145 -12.00 -34.81 -19.04
N ILE D 146 -10.92 -34.84 -19.83
CA ILE D 146 -9.68 -34.17 -19.43
C ILE D 146 -9.73 -32.69 -19.76
N GLY D 147 -10.60 -32.33 -20.70
CA GLY D 147 -10.75 -30.93 -21.10
C GLY D 147 -11.44 -30.09 -20.04
N LEU D 148 -12.35 -30.72 -19.29
CA LEU D 148 -13.08 -30.05 -18.24
C LEU D 148 -12.19 -29.88 -17.01
N LEU D 149 -11.28 -30.82 -16.81
CA LEU D 149 -10.36 -30.79 -15.69
C LEU D 149 -8.91 -30.45 -16.11
N TYR D 150 -8.78 -29.60 -17.13
CA TYR D 150 -7.47 -29.22 -17.65
C TYR D 150 -6.72 -28.25 -16.74
N CYS D 151 -7.42 -27.25 -16.21
CA CYS D 151 -6.80 -26.28 -15.32
C CYS D 151 -6.71 -26.82 -13.90
N ASP D 152 -7.48 -27.86 -13.62
CA ASP D 152 -7.47 -28.51 -12.31
C ASP D 152 -6.24 -29.41 -12.17
N LEU D 153 -5.66 -29.81 -13.30
CA LEU D 153 -4.47 -30.65 -13.30
C LEU D 153 -3.24 -29.89 -12.78
N PRO D 154 -2.38 -30.55 -12.00
CA PRO D 154 -1.18 -29.92 -11.44
C PRO D 154 -0.19 -29.43 -12.47
N GLU D 155 0.56 -28.40 -12.10
CA GLU D 155 1.57 -27.82 -12.99
C GLU D 155 2.75 -28.77 -13.20
N PRO D 156 3.29 -28.83 -14.44
CA PRO D 156 2.87 -28.07 -15.62
C PRO D 156 1.72 -28.72 -16.39
N ARG D 157 1.01 -27.91 -17.17
CA ARG D 157 -0.12 -28.40 -17.96
C ARG D 157 0.36 -29.00 -19.29
N LYS D 158 1.50 -28.52 -19.78
CA LYS D 158 2.08 -29.01 -21.03
C LYS D 158 3.31 -29.85 -20.72
N PRO D 159 3.37 -31.07 -21.30
CA PRO D 159 2.35 -31.68 -22.17
C PRO D 159 1.19 -32.29 -21.40
N LEU D 160 0.13 -32.67 -22.13
CA LEU D 160 -1.07 -33.26 -21.52
C LEU D 160 -0.85 -34.65 -20.94
N GLU D 161 0.20 -35.34 -21.39
CA GLU D 161 0.51 -36.67 -20.90
C GLU D 161 1.11 -36.65 -19.50
N LYS D 162 1.95 -35.66 -19.21
CA LYS D 162 2.58 -35.58 -17.90
C LYS D 162 1.66 -35.00 -16.84
N ALA D 163 0.72 -34.16 -17.28
CA ALA D 163 -0.22 -33.53 -16.36
C ALA D 163 -1.31 -34.49 -15.91
N VAL D 164 -1.74 -35.37 -16.81
CA VAL D 164 -2.77 -36.35 -16.49
C VAL D 164 -2.21 -37.49 -15.66
N ALA D 165 -0.91 -37.75 -15.79
CA ALA D 165 -0.25 -38.83 -15.06
C ALA D 165 -0.08 -38.50 -13.58
N ASN D 166 0.11 -37.23 -13.28
CA ASN D 166 0.28 -36.74 -11.91
C ASN D 166 -1.03 -36.67 -11.13
N PHE D 167 -2.12 -36.35 -11.82
CA PHE D 167 -3.44 -36.23 -11.20
C PHE D 167 -4.09 -37.60 -10.97
N PHE D 168 -4.10 -38.45 -11.99
CA PHE D 168 -4.68 -39.78 -11.89
C PHE D 168 -3.60 -40.86 -11.93
N SER D 169 -3.55 -41.67 -10.87
CA SER D 169 -2.56 -42.75 -10.78
C SER D 169 -3.08 -44.04 -11.40
N GLY D 170 -2.39 -44.52 -12.43
CA GLY D 170 -2.79 -45.74 -13.10
C GLY D 170 -3.99 -45.52 -14.01
N SER D 171 -3.73 -45.29 -15.29
CA SER D 171 -4.78 -45.05 -16.26
C SER D 171 -4.46 -45.68 -17.61
N CYS D 172 -5.49 -45.91 -18.42
CA CYS D 172 -5.27 -46.49 -19.74
C CYS D 172 -5.78 -45.56 -20.83
N ALA D 173 -4.85 -45.17 -21.70
CA ALA D 173 -5.11 -44.27 -22.81
C ALA D 173 -4.58 -44.82 -24.13
N PRO D 174 -5.49 -45.13 -25.07
CA PRO D 174 -5.11 -45.68 -26.38
C PRO D 174 -4.37 -44.68 -27.26
N CYS D 175 -3.55 -45.20 -28.17
CA CYS D 175 -2.78 -44.37 -29.12
C CYS D 175 -1.89 -43.34 -28.44
N ALA D 176 -1.31 -43.70 -27.30
CA ALA D 176 -0.41 -42.80 -26.58
C ALA D 176 0.98 -43.44 -26.45
N ASP D 177 2.02 -42.61 -26.34
CA ASP D 177 3.39 -43.11 -26.23
C ASP D 177 3.67 -43.77 -24.89
N GLY D 178 3.95 -45.07 -24.91
CA GLY D 178 4.23 -45.82 -23.70
C GLY D 178 5.64 -45.64 -23.19
N THR D 179 6.57 -45.40 -24.11
CA THR D 179 7.96 -45.21 -23.76
C THR D 179 8.18 -43.84 -23.11
N ASP D 180 7.45 -42.83 -23.57
CA ASP D 180 7.57 -41.49 -23.03
C ASP D 180 6.81 -41.33 -21.70
N PHE D 181 5.59 -41.84 -21.64
CA PHE D 181 4.76 -41.77 -20.44
C PHE D 181 4.42 -43.16 -19.90
N PRO D 182 5.12 -43.60 -18.83
CA PRO D 182 4.89 -44.92 -18.24
C PRO D 182 3.59 -45.03 -17.44
N GLN D 183 3.19 -43.93 -16.80
CA GLN D 183 1.98 -43.91 -15.98
C GLN D 183 0.73 -43.89 -16.84
N LEU D 184 0.87 -43.47 -18.10
CA LEU D 184 -0.26 -43.40 -19.03
C LEU D 184 -0.63 -44.78 -19.56
N CYS D 185 0.27 -45.75 -19.38
CA CYS D 185 -0.01 -47.09 -19.86
C CYS D 185 0.26 -48.10 -18.73
N GLN D 186 -0.22 -47.74 -17.53
CA GLN D 186 -0.05 -48.56 -16.33
C GLN D 186 -1.12 -49.64 -16.29
N LEU D 187 -2.35 -49.27 -16.64
CA LEU D 187 -3.45 -50.24 -16.66
C LEU D 187 -3.36 -51.16 -17.86
N CYS D 188 -3.07 -50.60 -19.03
CA CYS D 188 -2.90 -51.39 -20.23
C CYS D 188 -1.47 -51.24 -20.76
N PRO D 189 -0.71 -52.36 -20.76
CA PRO D 189 0.68 -52.40 -21.22
C PRO D 189 0.84 -52.22 -22.73
N GLY D 190 1.67 -51.27 -23.14
CA GLY D 190 1.88 -51.04 -24.56
C GLY D 190 0.98 -49.95 -25.11
N CYS D 191 -0.27 -49.90 -24.67
CA CYS D 191 -1.21 -48.90 -25.21
C CYS D 191 -1.44 -49.08 -26.74
N GLY D 192 -2.28 -50.04 -27.12
CA GLY D 192 -2.53 -50.28 -28.53
C GLY D 192 -3.44 -49.27 -29.23
N CYS D 193 -3.14 -48.95 -30.49
CA CYS D 193 -3.93 -48.01 -31.28
C CYS D 193 -4.69 -48.75 -32.38
N SER D 194 -5.17 -49.94 -32.03
CA SER D 194 -5.93 -50.78 -32.96
C SER D 194 -6.95 -51.61 -32.20
N THR D 195 -7.80 -52.31 -32.94
CA THR D 195 -8.80 -53.17 -32.33
C THR D 195 -8.14 -54.47 -31.82
N LEU D 196 -7.44 -54.35 -30.70
CA LEU D 196 -6.75 -55.49 -30.06
C LEU D 196 -6.68 -55.35 -28.53
N ASN D 197 -6.50 -54.11 -28.06
CA ASN D 197 -6.42 -53.84 -26.63
C ASN D 197 -7.78 -53.87 -25.94
N GLN D 198 -7.85 -54.55 -24.79
CA GLN D 198 -9.09 -54.66 -24.04
C GLN D 198 -9.32 -53.42 -23.19
N GLY D 204 -14.27 -51.73 -24.93
CA GLY D 204 -12.98 -51.09 -24.69
C GLY D 204 -12.95 -50.34 -23.38
N ALA D 205 -13.79 -49.32 -23.27
CA ALA D 205 -13.87 -48.51 -22.06
C ALA D 205 -14.65 -49.20 -20.95
N PHE D 206 -15.75 -49.85 -21.31
CA PHE D 206 -16.57 -50.56 -20.34
C PHE D 206 -15.92 -51.88 -19.88
N LYS D 207 -15.09 -52.47 -20.75
CA LYS D 207 -14.42 -53.73 -20.43
C LYS D 207 -13.29 -53.53 -19.43
N CYS D 208 -12.70 -52.34 -19.46
CA CYS D 208 -11.61 -52.00 -18.55
C CYS D 208 -12.11 -51.68 -17.16
N LEU D 209 -13.29 -51.07 -17.09
CA LEU D 209 -13.89 -50.69 -15.82
C LEU D 209 -14.48 -51.90 -15.08
N LYS D 210 -15.04 -52.83 -15.84
CA LYS D 210 -15.65 -54.04 -15.28
C LYS D 210 -14.62 -55.06 -14.83
N ASP D 211 -13.63 -55.33 -15.68
CA ASP D 211 -12.58 -56.29 -15.37
C ASP D 211 -11.35 -55.59 -14.79
N VAL D 219 -16.25 -42.24 -22.00
CA VAL D 219 -17.24 -43.22 -22.40
C VAL D 219 -18.53 -42.58 -22.91
N LYS D 220 -19.11 -43.16 -23.95
CA LYS D 220 -20.35 -42.64 -24.55
C LYS D 220 -21.57 -43.09 -23.74
N HIS D 221 -22.63 -42.27 -23.79
CA HIS D 221 -23.86 -42.57 -23.05
C HIS D 221 -24.56 -43.83 -23.55
N SER D 222 -24.53 -44.02 -24.87
CA SER D 222 -25.14 -45.18 -25.50
C SER D 222 -24.12 -46.28 -25.79
N THR D 223 -23.46 -46.73 -24.73
CA THR D 223 -22.47 -47.78 -24.83
C THR D 223 -22.66 -48.89 -23.79
N ILE D 224 -23.13 -48.52 -22.61
CA ILE D 224 -23.38 -49.50 -21.55
C ILE D 224 -24.60 -50.36 -21.87
N PHE D 225 -25.60 -49.73 -22.47
CA PHE D 225 -26.83 -50.44 -22.83
C PHE D 225 -26.70 -51.11 -24.19
N ASN D 230 -28.63 -57.21 -18.86
CA ASN D 230 -29.40 -57.27 -17.62
C ASN D 230 -29.64 -55.89 -17.01
N LYS D 231 -30.87 -55.64 -16.56
CA LYS D 231 -31.22 -54.35 -15.96
C LYS D 231 -30.71 -54.21 -14.53
N ALA D 232 -30.66 -55.33 -13.82
CA ALA D 232 -30.20 -55.36 -12.43
C ALA D 232 -28.68 -55.27 -12.32
N ASP D 233 -27.98 -55.84 -13.31
CA ASP D 233 -26.52 -55.82 -13.35
C ASP D 233 -26.00 -54.43 -13.75
N ARG D 234 -26.78 -53.73 -14.56
CA ARG D 234 -26.41 -52.40 -15.04
C ARG D 234 -26.73 -51.31 -14.02
N ASP D 235 -27.56 -51.65 -13.04
CA ASP D 235 -27.96 -50.70 -12.01
C ASP D 235 -26.84 -50.42 -11.00
N GLN D 236 -25.89 -51.35 -10.89
CA GLN D 236 -24.78 -51.22 -9.95
C GLN D 236 -23.71 -50.23 -10.43
N TYR D 237 -23.38 -50.30 -11.72
CA TYR D 237 -22.39 -49.41 -12.31
C TYR D 237 -22.98 -48.04 -12.62
N LEU D 240 -20.95 -39.88 -12.61
CA LEU D 240 -20.58 -38.55 -12.12
C LEU D 240 -21.24 -37.48 -12.97
N CYS D 241 -21.81 -36.47 -12.33
CA CYS D 241 -22.49 -35.41 -13.07
C CYS D 241 -21.81 -34.06 -12.82
N LEU D 242 -22.34 -33.00 -13.44
CA LEU D 242 -21.76 -31.66 -13.28
C LEU D 242 -22.01 -31.03 -11.90
N ASP D 243 -23.09 -31.42 -11.25
CA ASP D 243 -23.44 -30.87 -9.94
C ASP D 243 -22.94 -31.76 -8.79
N ASN D 244 -21.80 -32.41 -9.00
CA ASN D 244 -21.19 -33.29 -8.00
C ASN D 244 -22.18 -34.32 -7.44
N THR D 245 -22.86 -35.01 -8.35
CA THR D 245 -23.84 -36.04 -7.98
C THR D 245 -23.67 -37.28 -8.85
N ARG D 246 -24.26 -38.40 -8.42
CA ARG D 246 -24.19 -39.64 -9.19
C ARG D 246 -25.58 -40.10 -9.59
N LYS D 247 -25.91 -39.98 -10.87
CA LYS D 247 -27.20 -40.40 -11.36
C LYS D 247 -27.13 -41.80 -11.98
N PRO D 248 -28.27 -42.51 -12.01
CA PRO D 248 -28.35 -43.87 -12.58
C PRO D 248 -27.94 -43.95 -14.05
N VAL D 249 -27.55 -45.16 -14.47
CA VAL D 249 -27.10 -45.39 -15.83
C VAL D 249 -28.21 -45.17 -16.85
N ASP D 250 -29.46 -45.28 -16.42
CA ASP D 250 -30.59 -45.08 -17.33
C ASP D 250 -30.73 -43.60 -17.67
N GLU D 251 -30.55 -42.74 -16.67
CA GLU D 251 -30.63 -41.29 -16.86
C GLU D 251 -29.28 -40.74 -17.30
N TYR D 252 -29.02 -40.77 -18.61
CA TYR D 252 -27.76 -40.29 -19.17
C TYR D 252 -27.92 -38.97 -19.89
N LYS D 253 -29.16 -38.62 -20.24
CA LYS D 253 -29.43 -37.37 -20.94
C LYS D 253 -29.31 -36.18 -20.01
N ASP D 254 -29.75 -36.34 -18.77
CA ASP D 254 -29.69 -35.26 -17.78
C ASP D 254 -28.30 -35.10 -17.17
N CYS D 255 -27.63 -36.22 -16.95
CA CYS D 255 -26.27 -36.26 -16.40
C CYS D 255 -25.29 -36.54 -17.55
N HIS D 256 -24.83 -35.46 -18.20
CA HIS D 256 -23.90 -35.54 -19.32
C HIS D 256 -22.80 -34.48 -19.19
N LEU D 257 -21.60 -34.83 -19.63
CA LEU D 257 -20.46 -33.92 -19.55
C LEU D 257 -20.47 -32.91 -20.69
N ALA D 258 -20.48 -33.40 -21.92
CA ALA D 258 -20.49 -32.53 -23.08
C ALA D 258 -21.16 -33.19 -24.28
N GLN D 259 -21.80 -32.37 -25.10
CA GLN D 259 -22.46 -32.84 -26.32
C GLN D 259 -21.51 -32.73 -27.52
N VAL D 260 -20.84 -33.84 -27.82
CA VAL D 260 -19.88 -33.88 -28.92
C VAL D 260 -20.49 -34.28 -30.26
N PRO D 261 -20.00 -33.70 -31.37
CA PRO D 261 -20.49 -34.00 -32.72
C PRO D 261 -20.24 -35.46 -33.12
N SER D 262 -21.07 -35.98 -34.01
CA SER D 262 -20.98 -37.37 -34.44
C SER D 262 -19.77 -37.65 -35.33
N HIS D 263 -19.47 -38.92 -35.50
CA HIS D 263 -18.34 -39.35 -36.33
C HIS D 263 -18.58 -39.02 -37.80
N THR D 264 -17.51 -38.65 -38.50
CA THR D 264 -17.61 -38.30 -39.92
C THR D 264 -16.49 -38.92 -40.74
N VAL D 265 -16.81 -39.32 -41.96
CA VAL D 265 -15.80 -39.90 -42.86
C VAL D 265 -14.99 -38.78 -43.51
N VAL D 266 -13.66 -38.87 -43.41
CA VAL D 266 -12.78 -37.83 -43.95
C VAL D 266 -12.20 -38.24 -45.31
N ALA D 267 -12.11 -37.27 -46.22
CA ALA D 267 -11.55 -37.51 -47.57
C ALA D 267 -10.70 -36.32 -48.05
N ARG D 268 -9.85 -36.55 -49.04
CA ARG D 268 -8.97 -35.51 -49.57
C ARG D 268 -9.76 -34.33 -50.14
N SER D 269 -9.25 -33.11 -49.93
CA SER D 269 -9.93 -31.90 -50.40
C SER D 269 -9.84 -31.76 -51.91
N MET D 270 -8.72 -32.18 -52.49
CA MET D 270 -8.57 -32.12 -53.93
C MET D 270 -8.16 -33.49 -54.47
N GLY D 271 -9.08 -34.15 -55.17
CA GLY D 271 -8.82 -35.45 -55.74
C GLY D 271 -8.84 -36.56 -54.70
N GLY D 272 -10.01 -36.74 -54.09
CA GLY D 272 -10.19 -37.76 -53.08
C GLY D 272 -11.46 -38.57 -53.30
N LYS D 273 -12.02 -38.47 -54.50
CA LYS D 273 -13.26 -39.17 -54.84
C LYS D 273 -14.38 -38.95 -53.84
N GLU D 274 -14.91 -37.72 -53.83
CA GLU D 274 -15.97 -37.35 -52.91
C GLU D 274 -17.36 -37.74 -53.43
N ASP D 275 -17.51 -37.76 -54.75
CA ASP D 275 -18.78 -38.10 -55.40
C ASP D 275 -19.03 -39.60 -55.40
N LEU D 276 -17.97 -40.37 -55.61
CA LEU D 276 -18.08 -41.82 -55.63
C LEU D 276 -18.26 -42.40 -54.23
N ILE D 277 -17.69 -41.75 -53.23
CA ILE D 277 -17.81 -42.22 -51.84
C ILE D 277 -19.18 -41.87 -51.23
N TRP D 278 -19.83 -40.84 -51.78
CA TRP D 278 -21.15 -40.41 -51.31
C TRP D 278 -22.25 -41.40 -51.68
N GLU D 279 -22.11 -42.00 -52.86
CA GLU D 279 -23.08 -42.99 -53.34
C GLU D 279 -22.79 -44.39 -52.77
N LEU D 280 -21.52 -44.65 -52.46
CA LEU D 280 -21.12 -45.94 -51.92
C LEU D 280 -21.54 -46.09 -50.45
N LEU D 281 -21.58 -44.97 -49.75
CA LEU D 281 -21.97 -44.96 -48.33
C LEU D 281 -23.48 -45.03 -48.15
N ASN D 282 -24.20 -44.58 -49.17
CA ASN D 282 -25.65 -44.55 -49.14
C ASN D 282 -26.29 -45.86 -49.60
N GLN D 283 -25.65 -46.53 -50.56
CA GLN D 283 -26.15 -47.79 -51.08
C GLN D 283 -25.97 -48.94 -50.10
N ALA D 284 -24.96 -48.84 -49.24
CA ALA D 284 -24.70 -49.88 -48.25
C ALA D 284 -25.61 -49.74 -47.02
N GLN D 285 -26.24 -48.57 -46.90
CA GLN D 285 -27.12 -48.27 -45.78
C GLN D 285 -28.43 -49.02 -45.89
N GLU D 286 -28.90 -49.22 -47.13
CA GLU D 286 -30.15 -49.92 -47.36
C GLU D 286 -29.98 -51.43 -47.49
N HIS D 287 -28.77 -51.86 -47.88
CA HIS D 287 -28.47 -53.27 -48.05
C HIS D 287 -28.17 -53.97 -46.72
N PHE D 288 -27.19 -53.44 -45.98
CA PHE D 288 -26.82 -54.01 -44.70
C PHE D 288 -26.87 -52.95 -43.61
N GLY D 289 -28.08 -52.48 -43.31
CA GLY D 289 -28.27 -51.48 -42.29
C GLY D 289 -28.86 -52.07 -41.01
N LYS D 290 -29.94 -51.47 -40.53
CA LYS D 290 -30.61 -51.96 -39.31
C LYS D 290 -31.63 -53.04 -39.64
N ASP D 291 -31.25 -54.29 -39.40
CA ASP D 291 -32.11 -55.44 -39.65
C ASP D 291 -32.61 -55.44 -41.10
N LYS D 292 -31.74 -55.84 -42.02
CA LYS D 292 -32.07 -55.92 -43.44
C LYS D 292 -31.51 -57.19 -44.10
N SER D 293 -30.25 -57.51 -43.81
CA SER D 293 -29.62 -58.70 -44.39
C SER D 293 -28.95 -59.56 -43.30
N LYS D 294 -29.04 -60.87 -43.45
CA LYS D 294 -28.46 -61.81 -42.51
C LYS D 294 -27.02 -62.17 -42.87
N ASP D 306 -17.26 -52.57 -32.17
CA ASP D 306 -17.55 -51.97 -33.47
C ASP D 306 -16.29 -51.92 -34.34
N LEU D 307 -16.37 -52.50 -35.54
CA LEU D 307 -15.24 -52.51 -36.46
C LEU D 307 -15.57 -51.71 -37.72
N LEU D 308 -14.63 -50.87 -38.15
CA LEU D 308 -14.80 -50.01 -39.34
C LEU D 308 -15.84 -48.91 -39.14
N PHE D 309 -17.04 -49.31 -38.74
CA PHE D 309 -18.12 -48.36 -38.49
C PHE D 309 -18.59 -48.50 -37.04
N LYS D 310 -19.24 -47.46 -36.51
CA LYS D 310 -19.78 -47.50 -35.16
C LYS D 310 -21.05 -48.35 -35.12
N ASP D 311 -21.11 -49.29 -34.18
CA ASP D 311 -22.26 -50.20 -34.05
C ASP D 311 -23.48 -49.53 -33.44
N SER D 312 -23.28 -48.46 -32.66
CA SER D 312 -24.37 -47.73 -32.02
C SER D 312 -25.08 -46.80 -32.98
N ALA D 313 -24.39 -46.42 -34.06
CA ALA D 313 -24.95 -45.51 -35.06
C ALA D 313 -26.02 -46.18 -35.94
N HIS D 314 -27.04 -45.41 -36.31
CA HIS D 314 -28.13 -45.92 -37.13
C HIS D 314 -27.88 -45.75 -38.63
N GLY D 315 -27.70 -44.50 -39.07
CA GLY D 315 -27.46 -44.22 -40.48
C GLY D 315 -26.47 -43.11 -40.75
N PHE D 316 -26.18 -42.89 -42.03
CA PHE D 316 -25.23 -41.85 -42.46
C PHE D 316 -25.91 -40.80 -43.34
N LEU D 317 -25.57 -39.54 -43.12
CA LEU D 317 -26.12 -38.43 -43.90
C LEU D 317 -25.01 -37.65 -44.59
N LYS D 318 -25.30 -37.16 -45.81
CA LYS D 318 -24.33 -36.39 -46.60
C LYS D 318 -24.14 -34.97 -46.04
N VAL D 319 -22.89 -34.62 -45.70
CA VAL D 319 -22.60 -33.29 -45.17
C VAL D 319 -22.53 -32.25 -46.30
N PRO D 320 -23.02 -31.02 -46.03
CA PRO D 320 -23.02 -29.94 -47.01
C PRO D 320 -21.64 -29.72 -47.65
N PRO D 321 -21.62 -29.47 -48.97
CA PRO D 321 -20.38 -29.26 -49.73
C PRO D 321 -19.65 -27.98 -49.35
N ARG D 322 -18.37 -27.91 -49.69
CA ARG D 322 -17.57 -26.74 -49.41
C ARG D 322 -17.56 -26.33 -47.93
N MET D 323 -17.50 -27.32 -47.05
CA MET D 323 -17.44 -27.04 -45.63
C MET D 323 -16.13 -27.55 -45.03
N ASP D 324 -15.45 -26.69 -44.28
CA ASP D 324 -14.21 -27.07 -43.61
C ASP D 324 -14.48 -27.82 -42.31
N ALA D 325 -13.45 -28.48 -41.80
CA ALA D 325 -13.56 -29.26 -40.57
C ALA D 325 -13.80 -28.39 -39.35
N LYS D 326 -13.37 -27.13 -39.43
CA LYS D 326 -13.54 -26.18 -38.31
C LYS D 326 -15.01 -25.82 -38.10
N MET D 327 -15.77 -25.71 -39.19
CA MET D 327 -17.19 -25.40 -39.10
C MET D 327 -17.99 -26.65 -38.74
N TYR D 328 -17.48 -27.82 -39.13
CA TYR D 328 -18.15 -29.10 -38.84
C TYR D 328 -18.04 -29.48 -37.37
N LEU D 329 -16.89 -29.20 -36.77
CA LEU D 329 -16.67 -29.50 -35.35
C LEU D 329 -17.24 -28.38 -34.47
N GLY D 330 -17.31 -27.17 -35.01
CA GLY D 330 -17.81 -26.04 -34.28
C GLY D 330 -16.70 -25.21 -33.63
N TYR D 331 -16.99 -23.93 -33.39
CA TYR D 331 -16.04 -23.02 -32.78
C TYR D 331 -15.76 -23.37 -31.34
N GLU D 332 -16.80 -23.77 -30.61
CA GLU D 332 -16.68 -24.12 -29.21
C GLU D 332 -15.83 -25.36 -29.01
N TYR D 333 -15.86 -26.30 -29.96
CA TYR D 333 -15.04 -27.51 -29.85
C TYR D 333 -13.63 -27.30 -30.40
N VAL D 334 -13.48 -26.40 -31.37
CA VAL D 334 -12.18 -26.13 -31.97
C VAL D 334 -11.29 -25.35 -31.01
N THR D 335 -11.90 -24.42 -30.29
CA THR D 335 -11.16 -23.62 -29.32
C THR D 335 -10.83 -24.42 -28.06
N ALA D 336 -11.59 -25.47 -27.80
CA ALA D 336 -11.36 -26.33 -26.63
C ALA D 336 -10.23 -27.32 -26.89
N ILE D 337 -10.15 -27.79 -28.12
CA ILE D 337 -9.11 -28.73 -28.51
C ILE D 337 -7.76 -28.01 -28.63
N ARG D 338 -7.80 -26.72 -28.97
CA ARG D 338 -6.57 -25.93 -29.10
C ARG D 338 -6.06 -25.49 -27.74
N ASN D 339 -6.99 -25.18 -26.83
CA ASN D 339 -6.62 -24.74 -25.49
C ASN D 339 -6.12 -25.90 -24.62
N LEU D 340 -6.57 -27.12 -24.92
CA LEU D 340 -6.16 -28.30 -24.17
C LEU D 340 -4.76 -28.75 -24.58
N ARG D 341 -4.41 -28.53 -25.84
CA ARG D 341 -3.09 -28.92 -26.33
C ARG D 341 -2.02 -27.88 -26.03
N GLU D 342 -2.41 -26.61 -25.90
CA GLU D 342 -1.43 -25.55 -25.61
C GLU D 342 -1.45 -25.18 -24.11
N GLY D 343 -2.63 -24.84 -23.59
CA GLY D 343 -2.75 -24.48 -22.19
C GLY D 343 -3.15 -23.03 -22.00
N THR D 344 -4.42 -22.81 -21.70
CA THR D 344 -4.95 -21.47 -21.47
C THR D 344 -5.98 -21.45 -20.35
N CYS D 345 -5.58 -20.93 -19.20
CA CYS D 345 -6.49 -20.87 -18.06
C CYS D 345 -6.62 -19.46 -17.51
N THR D 350 -10.52 -10.93 -16.81
CA THR D 350 -9.57 -9.83 -16.71
C THR D 350 -10.16 -8.54 -17.24
N ASP D 351 -10.99 -8.64 -18.28
CA ASP D 351 -11.64 -7.48 -18.86
C ASP D 351 -10.67 -6.66 -19.70
N GLU D 352 -9.49 -7.24 -19.96
CA GLU D 352 -8.48 -6.56 -20.75
C GLU D 352 -8.99 -6.33 -22.17
N CYS D 353 -9.63 -7.35 -22.73
CA CYS D 353 -10.17 -7.28 -24.09
C CYS D 353 -9.10 -7.58 -25.15
N LYS D 354 -9.50 -7.50 -26.42
CA LYS D 354 -8.59 -7.70 -27.54
C LYS D 354 -9.00 -6.82 -28.72
N PRO D 355 -8.05 -6.51 -29.60
CA PRO D 355 -8.37 -5.69 -30.77
C PRO D 355 -9.49 -6.33 -31.61
N VAL D 356 -10.44 -5.51 -32.06
CA VAL D 356 -11.55 -6.00 -32.84
C VAL D 356 -11.21 -6.06 -34.31
N LYS D 357 -11.11 -7.28 -34.82
CA LYS D 357 -10.79 -7.52 -36.23
C LYS D 357 -12.02 -7.33 -37.11
N TRP D 358 -12.02 -6.27 -37.91
CA TRP D 358 -13.15 -5.96 -38.80
C TRP D 358 -12.96 -6.58 -40.18
N CYS D 359 -13.99 -7.24 -40.69
CA CYS D 359 -13.93 -7.91 -41.99
C CYS D 359 -14.34 -6.97 -43.14
N ALA D 360 -13.42 -6.75 -44.08
CA ALA D 360 -13.70 -5.88 -45.23
C ALA D 360 -13.86 -6.67 -46.54
N LEU D 361 -14.71 -6.17 -47.42
CA LEU D 361 -14.98 -6.86 -48.67
C LEU D 361 -14.17 -6.33 -49.84
N SER D 362 -14.30 -5.04 -50.13
CA SER D 362 -13.60 -4.45 -51.25
C SER D 362 -12.25 -3.84 -50.87
N HIS D 363 -11.57 -3.29 -51.88
CA HIS D 363 -10.28 -2.64 -51.70
C HIS D 363 -10.47 -1.30 -51.01
N HIS D 364 -11.56 -0.61 -51.35
CA HIS D 364 -11.85 0.69 -50.77
C HIS D 364 -12.35 0.60 -49.35
N GLU D 365 -12.92 -0.56 -49.00
CA GLU D 365 -13.43 -0.80 -47.65
C GLU D 365 -12.29 -1.05 -46.68
N ARG D 366 -11.27 -1.80 -47.11
CA ARG D 366 -10.12 -2.06 -46.22
C ARG D 366 -9.16 -0.88 -46.22
N LEU D 367 -9.26 -0.01 -47.22
CA LEU D 367 -8.41 1.17 -47.27
C LEU D 367 -8.89 2.17 -46.22
N LYS D 368 -10.21 2.22 -46.00
CA LYS D 368 -10.78 3.09 -44.98
C LYS D 368 -10.51 2.46 -43.61
N CYS D 369 -10.64 1.14 -43.52
CA CYS D 369 -10.39 0.42 -42.27
C CYS D 369 -8.95 0.63 -41.77
N ASP D 370 -7.99 0.65 -42.70
CA ASP D 370 -6.61 0.86 -42.30
C ASP D 370 -6.38 2.25 -41.73
N GLU D 371 -7.15 3.23 -42.18
CA GLU D 371 -7.03 4.58 -41.63
C GLU D 371 -7.77 4.66 -40.29
N TRP D 372 -8.77 3.80 -40.14
CA TRP D 372 -9.56 3.70 -38.90
C TRP D 372 -8.78 2.94 -37.83
N SER D 373 -7.83 2.15 -38.29
CA SER D 373 -6.99 1.34 -37.41
C SER D 373 -5.91 2.18 -36.78
N VAL D 374 -5.37 3.12 -37.55
CA VAL D 374 -4.31 3.96 -37.04
C VAL D 374 -4.80 4.96 -36.04
N ASN D 375 -5.98 5.51 -36.31
CA ASN D 375 -6.56 6.50 -35.42
C ASN D 375 -7.06 5.88 -34.11
N SER D 376 -7.49 4.62 -34.18
CA SER D 376 -7.96 3.92 -32.99
C SER D 376 -6.79 3.36 -32.16
N VAL D 377 -5.58 3.51 -32.68
CA VAL D 377 -4.36 3.06 -32.04
C VAL D 377 -4.42 1.58 -31.62
N GLY D 378 -4.52 0.73 -32.63
CA GLY D 378 -4.54 -0.71 -32.45
C GLY D 378 -5.76 -1.33 -31.82
N LYS D 379 -6.77 -0.52 -31.51
CA LYS D 379 -7.98 -1.06 -30.89
C LYS D 379 -8.80 -1.86 -31.92
N ILE D 380 -8.71 -1.44 -33.18
CA ILE D 380 -9.45 -2.08 -34.27
C ILE D 380 -8.51 -2.50 -35.39
N GLU D 381 -8.59 -3.77 -35.80
CA GLU D 381 -7.76 -4.33 -36.87
C GLU D 381 -8.59 -4.69 -38.11
N CYS D 382 -7.92 -5.04 -39.21
CA CYS D 382 -8.65 -5.31 -40.44
C CYS D 382 -8.28 -6.65 -41.10
N VAL D 383 -9.31 -7.38 -41.54
CA VAL D 383 -9.12 -8.65 -42.21
C VAL D 383 -9.81 -8.58 -43.55
N SER D 384 -9.16 -9.11 -44.60
CA SER D 384 -9.74 -9.04 -45.93
C SER D 384 -10.36 -10.36 -46.38
N ALA D 385 -11.44 -10.27 -47.16
CA ALA D 385 -12.14 -11.43 -47.71
C ALA D 385 -12.83 -11.06 -49.02
N GLU D 386 -13.14 -12.07 -49.83
CA GLU D 386 -13.73 -11.84 -51.15
C GLU D 386 -15.22 -11.53 -51.10
N THR D 387 -16.02 -12.50 -50.66
CA THR D 387 -17.47 -12.33 -50.64
C THR D 387 -18.03 -12.15 -49.24
N THR D 388 -19.31 -11.82 -49.17
CA THR D 388 -20.01 -11.60 -47.90
C THR D 388 -20.14 -12.89 -47.09
N GLU D 389 -20.21 -14.02 -47.78
CA GLU D 389 -20.30 -15.33 -47.12
C GLU D 389 -18.96 -15.69 -46.48
N ASP D 390 -17.86 -15.25 -47.09
CA ASP D 390 -16.52 -15.52 -46.58
C ASP D 390 -16.25 -14.79 -45.27
N CYS D 391 -16.76 -13.57 -45.16
CA CYS D 391 -16.59 -12.76 -43.95
C CYS D 391 -17.43 -13.29 -42.80
N ILE D 392 -18.64 -13.76 -43.10
CA ILE D 392 -19.52 -14.31 -42.07
C ILE D 392 -18.92 -15.60 -41.53
N ALA D 393 -18.26 -16.34 -42.39
CA ALA D 393 -17.61 -17.58 -41.97
C ALA D 393 -16.28 -17.26 -41.29
N LYS D 394 -15.71 -16.11 -41.62
CA LYS D 394 -14.43 -15.69 -41.03
C LYS D 394 -14.61 -15.34 -39.54
N ILE D 395 -15.80 -14.88 -39.18
CA ILE D 395 -16.10 -14.55 -37.80
C ILE D 395 -16.39 -15.82 -36.99
N MET D 396 -16.91 -16.83 -37.68
CA MET D 396 -17.27 -18.08 -37.06
C MET D 396 -16.08 -18.83 -36.47
N ASN D 397 -15.02 -18.99 -37.25
CA ASN D 397 -13.85 -19.71 -36.75
C ASN D 397 -12.95 -18.90 -35.82
N GLY D 398 -13.07 -17.57 -35.87
CA GLY D 398 -12.30 -16.71 -34.99
C GLY D 398 -11.22 -15.87 -35.64
N GLU D 399 -11.24 -15.80 -36.97
CA GLU D 399 -10.26 -15.00 -37.72
C GLU D 399 -10.69 -13.54 -37.81
N ALA D 400 -11.99 -13.31 -37.85
CA ALA D 400 -12.53 -11.97 -37.87
C ALA D 400 -13.41 -11.78 -36.63
N ASP D 401 -13.72 -10.53 -36.28
CA ASP D 401 -14.53 -10.29 -35.10
C ASP D 401 -15.89 -9.69 -35.37
N ALA D 402 -15.95 -8.59 -36.10
CA ALA D 402 -17.21 -7.94 -36.35
C ALA D 402 -17.29 -7.27 -37.71
N MET D 403 -18.51 -7.13 -38.19
CA MET D 403 -18.77 -6.48 -39.47
C MET D 403 -20.21 -6.00 -39.51
N SER D 404 -20.50 -5.12 -40.46
CA SER D 404 -21.86 -4.60 -40.63
C SER D 404 -22.62 -5.41 -41.68
N LEU D 405 -23.87 -5.76 -41.38
CA LEU D 405 -24.69 -6.53 -42.31
C LEU D 405 -26.13 -6.02 -42.43
N ASP D 406 -26.70 -6.13 -43.63
CA ASP D 406 -28.08 -5.71 -43.86
C ASP D 406 -29.10 -6.70 -43.28
N GLY D 407 -30.36 -6.27 -43.23
CA GLY D 407 -31.44 -7.09 -42.68
C GLY D 407 -31.49 -8.53 -43.14
N GLY D 408 -31.19 -8.75 -44.42
CA GLY D 408 -31.21 -10.09 -45.00
C GLY D 408 -30.03 -10.97 -44.66
N PHE D 409 -28.88 -10.35 -44.46
CA PHE D 409 -27.68 -11.11 -44.15
C PHE D 409 -27.59 -11.43 -42.67
N VAL D 410 -28.38 -10.76 -41.85
CA VAL D 410 -28.37 -11.06 -40.42
C VAL D 410 -29.00 -12.44 -40.17
N TYR D 411 -29.96 -12.82 -41.00
CA TYR D 411 -30.61 -14.12 -40.89
C TYR D 411 -29.64 -15.25 -41.20
N ILE D 412 -28.74 -15.00 -42.15
CA ILE D 412 -27.76 -15.99 -42.54
C ILE D 412 -26.69 -16.19 -41.47
N ALA D 413 -26.32 -15.10 -40.82
CA ALA D 413 -25.32 -15.12 -39.77
C ALA D 413 -25.86 -15.64 -38.44
N GLY D 414 -27.13 -15.34 -38.15
CA GLY D 414 -27.75 -15.78 -36.92
C GLY D 414 -28.07 -17.26 -36.90
N LYS D 415 -28.28 -17.84 -38.08
CA LYS D 415 -28.58 -19.25 -38.19
C LYS D 415 -27.35 -20.09 -37.81
N CYS D 416 -26.18 -19.50 -37.99
CA CYS D 416 -24.92 -20.17 -37.68
C CYS D 416 -24.58 -20.02 -36.19
N GLY D 417 -24.85 -18.84 -35.63
CA GLY D 417 -24.60 -18.59 -34.23
C GLY D 417 -23.96 -17.25 -33.95
N LEU D 418 -24.43 -16.21 -34.61
CA LEU D 418 -23.89 -14.86 -34.41
C LEU D 418 -25.01 -13.89 -34.10
N VAL D 419 -24.82 -13.10 -33.04
CA VAL D 419 -25.84 -12.15 -32.64
C VAL D 419 -25.46 -10.69 -32.83
N PRO D 420 -26.42 -9.84 -33.28
CA PRO D 420 -26.13 -8.41 -33.47
C PRO D 420 -26.00 -7.67 -32.13
N VAL D 421 -25.15 -6.64 -32.10
CA VAL D 421 -24.94 -5.88 -30.88
C VAL D 421 -25.27 -4.39 -30.95
N LEU D 422 -25.10 -3.82 -32.14
CA LEU D 422 -25.35 -2.40 -32.36
C LEU D 422 -26.07 -2.19 -33.67
N ALA D 423 -27.14 -1.41 -33.64
CA ALA D 423 -27.90 -1.13 -34.85
C ALA D 423 -27.57 0.25 -35.39
N GLU D 424 -27.51 0.39 -36.71
CA GLU D 424 -27.22 1.67 -37.33
C GLU D 424 -28.42 2.60 -37.27
N ASN D 425 -28.33 3.67 -36.48
CA ASN D 425 -29.44 4.63 -36.39
C ASN D 425 -29.31 5.68 -37.49
N TYR D 426 -30.37 5.83 -38.28
CA TYR D 426 -30.39 6.77 -39.41
C TYR D 426 -31.07 8.09 -39.08
N ASP D 427 -32.06 8.04 -38.21
CA ASP D 427 -32.79 9.23 -37.77
C ASP D 427 -31.99 10.01 -36.73
N LYS D 428 -31.76 11.29 -37.00
CA LYS D 428 -31.02 12.14 -36.09
C LYS D 428 -31.86 12.59 -34.89
N SER D 429 -31.37 12.29 -33.68
CA SER D 429 -32.07 12.67 -32.46
C SER D 429 -31.09 12.99 -31.33
N ASP D 430 -31.64 13.50 -30.22
CA ASP D 430 -30.84 13.85 -29.04
C ASP D 430 -30.30 12.60 -28.39
N ASN D 431 -31.16 11.61 -28.21
CA ASN D 431 -30.74 10.33 -27.65
C ASN D 431 -30.59 9.30 -28.79
N CYS D 432 -29.46 9.33 -29.47
CA CYS D 432 -29.24 8.44 -30.60
C CYS D 432 -28.80 7.04 -30.21
N GLU D 433 -27.80 6.96 -29.35
CA GLU D 433 -27.22 5.69 -28.94
C GLU D 433 -28.11 4.95 -27.94
N ASP D 434 -28.95 5.69 -27.24
CA ASP D 434 -29.83 5.11 -26.23
C ASP D 434 -31.04 4.38 -26.83
N THR D 435 -31.71 5.01 -27.78
CA THR D 435 -32.90 4.45 -28.41
C THR D 435 -32.67 3.97 -29.84
N PRO D 436 -33.01 2.71 -30.12
CA PRO D 436 -32.84 2.13 -31.46
C PRO D 436 -34.09 2.30 -32.33
N GLU D 437 -33.98 1.99 -33.61
CA GLU D 437 -35.10 2.10 -34.53
C GLU D 437 -35.26 0.87 -35.43
N ALA D 438 -36.48 0.59 -35.86
CA ALA D 438 -36.75 -0.56 -36.72
C ALA D 438 -36.68 -0.22 -38.21
N GLY D 439 -37.26 0.92 -38.59
CA GLY D 439 -37.25 1.37 -39.98
C GLY D 439 -38.62 1.41 -40.61
N PRO D 597 -36.02 -3.71 -41.89
CA PRO D 597 -35.00 -3.75 -40.84
C PRO D 597 -33.74 -2.98 -41.20
N ASN D 598 -33.12 -2.34 -40.21
CA ASN D 598 -31.88 -1.56 -40.43
C ASN D 598 -30.62 -2.40 -40.31
N HIS D 599 -29.50 -1.83 -40.76
CA HIS D 599 -28.19 -2.50 -40.69
C HIS D 599 -27.70 -2.69 -39.26
N ALA D 600 -27.20 -3.89 -38.99
CA ALA D 600 -26.72 -4.23 -37.68
C ALA D 600 -25.35 -4.90 -37.69
N VAL D 601 -24.52 -4.51 -36.72
CA VAL D 601 -23.17 -5.04 -36.55
C VAL D 601 -23.23 -6.38 -35.79
N VAL D 602 -22.82 -7.46 -36.45
CA VAL D 602 -22.86 -8.79 -35.82
C VAL D 602 -21.50 -9.25 -35.33
N THR D 603 -21.48 -9.98 -34.21
CA THR D 603 -20.23 -10.50 -33.64
C THR D 603 -20.47 -11.84 -32.91
N ARG D 604 -19.42 -12.42 -32.33
CA ARG D 604 -19.56 -13.69 -31.60
C ARG D 604 -20.17 -13.48 -30.23
N LYS D 605 -20.55 -14.58 -29.60
CA LYS D 605 -21.15 -14.54 -28.26
C LYS D 605 -20.15 -14.10 -27.20
N ASP D 606 -18.89 -14.50 -27.35
CA ASP D 606 -17.86 -14.16 -26.39
C ASP D 606 -17.27 -12.77 -26.62
N LYS D 607 -17.32 -12.29 -27.86
CA LYS D 607 -16.80 -10.96 -28.13
C LYS D 607 -17.92 -9.91 -28.11
N GLU D 608 -19.08 -10.29 -27.57
CA GLU D 608 -20.23 -9.40 -27.50
C GLU D 608 -19.95 -8.18 -26.62
N ALA D 609 -19.35 -8.40 -25.45
CA ALA D 609 -19.01 -7.29 -24.56
C ALA D 609 -17.96 -6.33 -25.12
N CYS D 610 -16.89 -6.88 -25.69
CA CYS D 610 -15.80 -6.08 -26.23
C CYS D 610 -16.20 -5.21 -27.44
N VAL D 611 -16.99 -5.77 -28.34
CA VAL D 611 -17.43 -5.10 -29.55
C VAL D 611 -18.35 -3.94 -29.23
N HIS D 612 -19.23 -4.19 -28.26
CA HIS D 612 -20.18 -3.20 -27.80
C HIS D 612 -19.47 -2.01 -27.12
N LYS D 613 -18.40 -2.30 -26.39
CA LYS D 613 -17.66 -1.28 -25.67
C LYS D 613 -16.78 -0.41 -26.57
N ILE D 614 -15.99 -1.06 -27.42
CA ILE D 614 -15.05 -0.35 -28.29
C ILE D 614 -15.70 0.52 -29.35
N LEU D 615 -16.66 -0.04 -30.08
CA LEU D 615 -17.33 0.71 -31.14
C LEU D 615 -18.03 1.94 -30.63
N ARG D 616 -18.62 1.85 -29.46
CA ARG D 616 -19.32 3.01 -28.88
C ARG D 616 -18.35 4.11 -28.49
N GLN D 617 -17.13 3.73 -28.13
CA GLN D 617 -16.11 4.71 -27.76
C GLN D 617 -15.58 5.44 -28.99
N GLN D 618 -15.70 4.82 -30.17
CA GLN D 618 -15.27 5.41 -31.44
C GLN D 618 -16.29 6.42 -31.97
N GLN D 619 -17.52 6.29 -31.47
CA GLN D 619 -18.62 7.17 -31.83
C GLN D 619 -18.35 8.60 -31.36
N HIS D 620 -17.85 8.72 -30.12
CA HIS D 620 -17.58 10.02 -29.52
C HIS D 620 -16.30 10.68 -30.03
N LEU D 621 -15.57 9.95 -30.89
CA LEU D 621 -14.31 10.46 -31.42
C LEU D 621 -14.34 10.64 -32.92
N PHE D 622 -14.84 9.63 -33.63
CA PHE D 622 -14.87 9.68 -35.09
C PHE D 622 -16.27 9.51 -35.68
N GLY D 623 -17.27 9.58 -34.82
CA GLY D 623 -18.66 9.45 -35.26
C GLY D 623 -19.22 10.71 -35.88
N SER D 624 -20.41 11.12 -35.42
CA SER D 624 -21.06 12.33 -35.92
C SER D 624 -20.54 13.59 -35.24
N ASP D 625 -19.83 14.42 -36.00
CA ASP D 625 -19.26 15.65 -35.45
C ASP D 625 -19.20 16.72 -36.52
N VAL D 626 -18.35 17.72 -36.31
CA VAL D 626 -18.18 18.80 -37.27
C VAL D 626 -17.60 18.28 -38.60
N THR D 627 -18.07 18.86 -39.70
CA THR D 627 -17.65 18.46 -41.03
C THR D 627 -16.21 18.83 -41.34
N ASP D 628 -15.26 18.17 -40.67
CA ASP D 628 -13.84 18.41 -40.91
C ASP D 628 -13.16 17.08 -41.22
N CYS D 629 -13.70 16.39 -42.23
CA CYS D 629 -13.18 15.09 -42.60
C CYS D 629 -11.92 15.19 -43.46
N SER D 630 -11.52 16.40 -43.83
CA SER D 630 -10.31 16.62 -44.62
C SER D 630 -9.11 16.47 -43.70
N GLY D 631 -9.27 16.87 -42.44
CA GLY D 631 -8.21 16.77 -41.45
C GLY D 631 -8.38 15.59 -40.51
N ASN D 632 -9.46 15.61 -39.73
CA ASN D 632 -9.76 14.52 -38.81
C ASN D 632 -10.46 13.37 -39.54
N PHE D 633 -10.46 12.19 -38.93
CA PHE D 633 -11.10 11.03 -39.54
C PHE D 633 -12.59 10.99 -39.22
N CYS D 634 -13.39 10.65 -40.22
CA CYS D 634 -14.84 10.48 -40.07
C CYS D 634 -15.20 9.03 -40.38
N LEU D 635 -15.82 8.37 -39.43
CA LEU D 635 -16.17 6.96 -39.62
C LEU D 635 -17.38 6.72 -40.51
N PHE D 636 -18.33 7.65 -40.52
CA PHE D 636 -19.55 7.50 -41.29
C PHE D 636 -19.59 8.28 -42.59
N ARG D 637 -18.41 8.62 -43.10
CA ARG D 637 -18.30 9.31 -44.36
C ARG D 637 -17.37 8.54 -45.30
N SER D 638 -17.98 7.78 -46.22
CA SER D 638 -17.22 6.94 -47.16
C SER D 638 -16.81 7.71 -48.41
N GLU D 639 -15.60 7.42 -48.89
CA GLU D 639 -15.06 8.04 -50.10
C GLU D 639 -15.89 7.57 -51.29
N THR D 640 -16.18 6.28 -51.27
CA THR D 640 -17.06 5.64 -52.23
C THR D 640 -18.28 5.29 -51.39
N LYS D 641 -19.47 5.62 -51.87
CA LYS D 641 -20.64 5.53 -51.01
C LYS D 641 -20.74 4.16 -50.36
N ASP D 642 -20.88 4.15 -49.05
CA ASP D 642 -20.93 2.92 -48.26
C ASP D 642 -19.68 2.05 -48.35
N LEU D 643 -18.88 2.02 -47.28
CA LEU D 643 -17.71 1.14 -47.23
C LEU D 643 -17.75 0.14 -46.05
N LEU D 644 -17.84 0.68 -44.84
CA LEU D 644 -17.98 -0.10 -43.61
C LEU D 644 -19.37 0.12 -43.02
N PHE D 645 -19.86 1.34 -43.15
CA PHE D 645 -21.18 1.74 -42.65
C PHE D 645 -21.88 2.59 -43.70
N ARG D 646 -23.20 2.76 -43.56
CA ARG D 646 -23.98 3.60 -44.46
C ARG D 646 -23.65 5.09 -44.24
N ASP D 647 -23.70 5.89 -45.31
CA ASP D 647 -23.38 7.32 -45.21
C ASP D 647 -24.39 8.12 -44.40
N ASP D 648 -25.65 7.68 -44.46
CA ASP D 648 -26.75 8.35 -43.75
C ASP D 648 -26.93 7.82 -42.33
N THR D 649 -25.87 7.23 -41.77
CA THR D 649 -25.91 6.74 -40.40
C THR D 649 -25.36 7.80 -39.45
N VAL D 650 -26.10 8.05 -38.36
CA VAL D 650 -25.69 9.03 -37.36
C VAL D 650 -24.88 8.36 -36.24
N CYS D 651 -25.41 7.25 -35.74
CA CYS D 651 -24.77 6.53 -34.64
C CYS D 651 -25.10 5.04 -34.63
N LEU D 652 -24.49 4.33 -33.69
CA LEU D 652 -24.76 2.91 -33.47
C LEU D 652 -25.49 2.78 -32.14
N ALA D 653 -26.76 2.38 -32.18
CA ALA D 653 -27.57 2.25 -30.97
C ALA D 653 -27.60 0.82 -30.43
N LYS D 654 -27.36 0.70 -29.14
CA LYS D 654 -27.33 -0.59 -28.45
C LYS D 654 -28.68 -1.31 -28.40
N LEU D 655 -28.63 -2.63 -28.51
CA LEU D 655 -29.81 -3.49 -28.47
C LEU D 655 -30.54 -3.43 -27.14
N HIS D 656 -29.79 -3.34 -26.05
CA HIS D 656 -30.37 -3.34 -24.71
C HIS D 656 -30.74 -4.78 -24.37
N ASP D 657 -31.48 -5.41 -25.26
CA ASP D 657 -31.91 -6.80 -25.09
C ASP D 657 -30.94 -7.82 -25.70
N ARG D 658 -29.92 -7.36 -26.43
CA ARG D 658 -28.96 -8.27 -27.05
C ARG D 658 -29.72 -9.25 -27.93
N ASN D 659 -30.70 -8.73 -28.66
CA ASN D 659 -31.57 -9.51 -29.52
C ASN D 659 -30.85 -10.47 -30.47
N THR D 660 -31.47 -11.63 -30.72
CA THR D 660 -30.92 -12.61 -31.66
C THR D 660 -31.41 -12.29 -33.08
N TYR D 661 -31.19 -13.20 -34.03
CA TYR D 661 -31.61 -12.97 -35.41
C TYR D 661 -33.14 -13.00 -35.53
N GLU D 662 -33.78 -13.75 -34.63
CA GLU D 662 -35.23 -13.85 -34.63
C GLU D 662 -35.91 -12.72 -33.88
N LYS D 663 -35.23 -12.17 -32.87
CA LYS D 663 -35.78 -11.09 -32.06
C LYS D 663 -35.54 -9.70 -32.63
N TYR D 664 -34.46 -9.53 -33.38
CA TYR D 664 -34.11 -8.25 -33.98
C TYR D 664 -34.95 -7.95 -35.22
N LEU D 665 -35.18 -8.97 -36.04
CA LEU D 665 -35.96 -8.81 -37.26
C LEU D 665 -37.45 -8.68 -36.97
N GLY D 666 -37.90 -9.23 -35.84
CA GLY D 666 -39.30 -9.13 -35.45
C GLY D 666 -40.04 -10.45 -35.51
N GLU D 667 -40.95 -10.58 -36.47
CA GLU D 667 -41.72 -11.81 -36.65
C GLU D 667 -42.12 -12.05 -38.10
N GLU D 668 -42.27 -10.95 -38.86
CA GLU D 668 -42.66 -11.03 -40.26
C GLU D 668 -41.46 -11.12 -41.20
N TYR D 669 -40.30 -10.64 -40.75
CA TYR D 669 -39.10 -10.69 -41.58
C TYR D 669 -38.40 -12.04 -41.50
N VAL D 670 -38.63 -12.76 -40.40
CA VAL D 670 -38.02 -14.07 -40.20
C VAL D 670 -38.70 -15.12 -41.08
N LYS D 671 -40.02 -15.01 -41.19
CA LYS D 671 -40.81 -15.95 -41.99
C LYS D 671 -40.65 -15.69 -43.48
N ALA D 672 -40.43 -14.44 -43.85
CA ALA D 672 -40.27 -14.05 -45.25
C ALA D 672 -38.92 -14.47 -45.81
N VAL D 673 -37.88 -14.26 -45.00
CA VAL D 673 -36.53 -14.62 -45.41
C VAL D 673 -36.30 -16.13 -45.29
N GLY D 674 -37.03 -16.78 -44.39
CA GLY D 674 -36.91 -18.22 -44.21
C GLY D 674 -37.54 -19.02 -45.33
N ASN D 675 -38.66 -18.52 -45.84
CA ASN D 675 -39.36 -19.17 -46.94
C ASN D 675 -38.65 -18.93 -48.26
N LEU D 676 -37.99 -17.78 -48.37
CA LEU D 676 -37.26 -17.39 -49.57
C LEU D 676 -35.95 -18.17 -49.71
N ARG D 677 -35.47 -18.72 -48.60
CA ARG D 677 -34.23 -19.51 -48.58
C ARG D 677 -34.41 -20.93 -49.11
N LYS D 678 -35.66 -21.34 -49.30
CA LYS D 678 -35.96 -22.67 -49.80
C LYS D 678 -35.67 -22.81 -51.29
N CYS D 679 -36.01 -21.77 -52.04
CA CYS D 679 -35.78 -21.75 -53.50
C CYS D 679 -34.40 -21.19 -53.83
N SER D 680 -34.04 -20.08 -53.17
CA SER D 680 -32.73 -19.47 -53.35
C SER D 680 -31.80 -19.94 -52.23
N THR D 681 -31.36 -21.20 -52.33
CA THR D 681 -30.51 -21.80 -51.32
C THR D 681 -29.07 -21.31 -51.36
N SER D 682 -28.57 -20.87 -50.21
CA SER D 682 -27.19 -20.39 -50.10
C SER D 682 -26.29 -21.51 -49.57
N SER D 683 -25.01 -21.42 -49.92
CA SER D 683 -24.04 -22.43 -49.50
C SER D 683 -23.80 -22.41 -47.99
N LEU D 684 -23.81 -21.22 -47.40
CA LEU D 684 -23.58 -21.08 -45.96
C LEU D 684 -24.83 -21.35 -45.14
N LEU D 685 -25.98 -21.19 -45.78
CA LEU D 685 -27.27 -21.37 -45.13
C LEU D 685 -27.51 -22.84 -44.84
N GLU D 686 -27.22 -23.69 -45.82
CA GLU D 686 -27.42 -25.13 -45.70
C GLU D 686 -26.38 -25.78 -44.80
N ALA D 687 -25.20 -25.16 -44.77
CA ALA D 687 -24.07 -25.63 -43.98
C ALA D 687 -24.27 -25.44 -42.50
N CYS D 688 -24.89 -24.32 -42.14
CA CYS D 688 -25.14 -23.97 -40.75
C CYS D 688 -26.37 -24.68 -40.16
N THR D 689 -27.19 -25.29 -41.01
CA THR D 689 -28.38 -26.00 -40.55
C THR D 689 -28.04 -27.36 -39.98
N PHE D 690 -27.20 -28.09 -40.72
CA PHE D 690 -26.77 -29.42 -40.31
C PHE D 690 -25.73 -29.32 -39.21
#